data_3AUG
# 
_entry.id   3AUG 
# 
_audit_conform.dict_name       mmcif_pdbx.dic 
_audit_conform.dict_version    5.399 
_audit_conform.dict_location   http://mmcif.pdb.org/dictionaries/ascii/mmcif_pdbx.dic 
# 
loop_
_database_2.database_id 
_database_2.database_code 
_database_2.pdbx_database_accession 
_database_2.pdbx_DOI 
PDB   3AUG         pdb_00003aug 10.2210/pdb3aug/pdb 
RCSB  RCSB029708   ?            ?                   
WWPDB D_1000029708 ?            ?                   
# 
loop_
_pdbx_audit_revision_history.ordinal 
_pdbx_audit_revision_history.data_content_type 
_pdbx_audit_revision_history.major_revision 
_pdbx_audit_revision_history.minor_revision 
_pdbx_audit_revision_history.revision_date 
1 'Structure model' 1 0 2012-02-08 
2 'Structure model' 1 1 2023-11-01 
3 'Structure model' 1 2 2024-11-20 
# 
_pdbx_audit_revision_details.ordinal             1 
_pdbx_audit_revision_details.revision_ordinal    1 
_pdbx_audit_revision_details.data_content_type   'Structure model' 
_pdbx_audit_revision_details.provider            repository 
_pdbx_audit_revision_details.type                'Initial release' 
_pdbx_audit_revision_details.description         ? 
_pdbx_audit_revision_details.details             ? 
# 
loop_
_pdbx_audit_revision_group.ordinal 
_pdbx_audit_revision_group.revision_ordinal 
_pdbx_audit_revision_group.data_content_type 
_pdbx_audit_revision_group.group 
1 2 'Structure model' 'Data collection'        
2 2 'Structure model' 'Database references'    
3 2 'Structure model' 'Derived calculations'   
4 2 'Structure model' 'Refinement description' 
5 3 'Structure model' 'Structure summary'      
# 
loop_
_pdbx_audit_revision_category.ordinal 
_pdbx_audit_revision_category.revision_ordinal 
_pdbx_audit_revision_category.data_content_type 
_pdbx_audit_revision_category.category 
1 2 'Structure model' chem_comp_atom                
2 2 'Structure model' chem_comp_bond                
3 2 'Structure model' database_2                    
4 2 'Structure model' pdbx_initial_refinement_model 
5 2 'Structure model' struct_site                   
6 3 'Structure model' pdbx_entry_details            
7 3 'Structure model' pdbx_modification_feature     
# 
loop_
_pdbx_audit_revision_item.ordinal 
_pdbx_audit_revision_item.revision_ordinal 
_pdbx_audit_revision_item.data_content_type 
_pdbx_audit_revision_item.item 
1 2 'Structure model' '_database_2.pdbx_DOI'                         
2 2 'Structure model' '_database_2.pdbx_database_accession'          
3 2 'Structure model' '_struct_site.pdbx_auth_asym_id'               
4 2 'Structure model' '_struct_site.pdbx_auth_comp_id'               
5 2 'Structure model' '_struct_site.pdbx_auth_seq_id'                
6 3 'Structure model' '_pdbx_entry_details.has_protein_modification' 
# 
_pdbx_database_status.status_code                     REL 
_pdbx_database_status.entry_id                        3AUG 
_pdbx_database_status.recvd_initial_deposition_date   2011-02-03 
_pdbx_database_status.deposit_site                    PDBJ 
_pdbx_database_status.process_site                    PDBJ 
_pdbx_database_status.status_code_sf                  REL 
_pdbx_database_status.status_code_mr                  ? 
_pdbx_database_status.SG_entry                        ? 
_pdbx_database_status.status_code_cs                  ? 
_pdbx_database_status.pdb_format_compatible           Y 
_pdbx_database_status.status_code_nmr_data            ? 
_pdbx_database_status.methods_development_category    ? 
# 
loop_
_pdbx_database_related.db_name 
_pdbx_database_related.db_id 
_pdbx_database_related.details 
_pdbx_database_related.content_type 
PDB 3AUB . unspecified 
PDB 3AUC . unspecified 
PDB 3AUD . unspecified 
PDB 3AUE . unspecified 
PDB 3AUH . unspecified 
PDB 3AUI . unspecified 
# 
loop_
_audit_author.name 
_audit_author.pdbx_ordinal 
'Islam, M.M.'    1 
'Kato, A.'       2 
'Khan, M.M.A.'   3 
'Noguchi, K.'    4 
'Yohda, M.'      5 
'Kidokoro, S.I.' 6 
'Kuroda, Y.'     7 
# 
_citation.id                        primary 
_citation.title                     
;Effect of amino acid mutations of protein's solubility, function and structure characterized using short poly amino acid peptide tags
;
_citation.journal_abbrev            'To be Published' 
_citation.journal_volume            ? 
_citation.page_first                ? 
_citation.page_last                 ? 
_citation.year                      ? 
_citation.journal_id_ASTM           ? 
_citation.country                   ? 
_citation.journal_id_ISSN           ? 
_citation.journal_id_CSD            0353 
_citation.book_publisher            ? 
_citation.pdbx_database_id_PubMed   ? 
_citation.pdbx_database_id_DOI      ? 
# 
loop_
_citation_author.citation_id 
_citation_author.name 
_citation_author.ordinal 
_citation_author.identifier_ORCID 
primary 'Islam, M.M.'    1 ? 
primary 'Kato, A.'       2 ? 
primary 'Khan, M.M.A.'   3 ? 
primary 'Noguchi, K.'    4 ? 
primary 'Yohda, M.'      5 ? 
primary 'Kidokoro, S.I.' 6 ? 
primary 'Kuroda, Y.'     7 ? 
# 
loop_
_entity.id 
_entity.type 
_entity.src_method 
_entity.pdbx_description 
_entity.formula_weight 
_entity.pdbx_number_of_molecules 
_entity.pdbx_ec 
_entity.pdbx_mutation 
_entity.pdbx_fragment 
_entity.details 
1 polymer     man 'Bovine pancreatic trypsin inhibitor' 6586.500 2   ? 'A1014G, A1038V' ? ? 
2 non-polymer syn 'SULFATE ION'                         96.063   2   ? ?                ? ? 
3 water       nat water                                 18.015   175 ? ?                ? ? 
# 
_entity_name_com.entity_id   1 
_entity_name_com.name        BPTI 
# 
_entity_poly.entity_id                      1 
_entity_poly.type                           'polypeptide(L)' 
_entity_poly.nstd_linkage                   no 
_entity_poly.nstd_monomer                   no 
_entity_poly.pdbx_seq_one_letter_code       RPAFCLEPPYAGPGKARIIRYFYNAAAGAAQAFVYGGVRAKRNNFASAADALAACAAAGGPPPPP 
_entity_poly.pdbx_seq_one_letter_code_can   RPAFCLEPPYAGPGKARIIRYFYNAAAGAAQAFVYGGVRAKRNNFASAADALAACAAAGGPPPPP 
_entity_poly.pdbx_strand_id                 A,C 
_entity_poly.pdbx_target_identifier         ? 
# 
loop_
_pdbx_entity_nonpoly.entity_id 
_pdbx_entity_nonpoly.name 
_pdbx_entity_nonpoly.comp_id 
2 'SULFATE ION' SO4 
3 water         HOH 
# 
loop_
_entity_poly_seq.entity_id 
_entity_poly_seq.num 
_entity_poly_seq.mon_id 
_entity_poly_seq.hetero 
1 1  ARG n 
1 2  PRO n 
1 3  ALA n 
1 4  PHE n 
1 5  CYS n 
1 6  LEU n 
1 7  GLU n 
1 8  PRO n 
1 9  PRO n 
1 10 TYR n 
1 11 ALA n 
1 12 GLY n 
1 13 PRO n 
1 14 GLY n 
1 15 LYS n 
1 16 ALA n 
1 17 ARG n 
1 18 ILE n 
1 19 ILE n 
1 20 ARG n 
1 21 TYR n 
1 22 PHE n 
1 23 TYR n 
1 24 ASN n 
1 25 ALA n 
1 26 ALA n 
1 27 ALA n 
1 28 GLY n 
1 29 ALA n 
1 30 ALA n 
1 31 GLN n 
1 32 ALA n 
1 33 PHE n 
1 34 VAL n 
1 35 TYR n 
1 36 GLY n 
1 37 GLY n 
1 38 VAL n 
1 39 ARG n 
1 40 ALA n 
1 41 LYS n 
1 42 ARG n 
1 43 ASN n 
1 44 ASN n 
1 45 PHE n 
1 46 ALA n 
1 47 SER n 
1 48 ALA n 
1 49 ALA n 
1 50 ASP n 
1 51 ALA n 
1 52 LEU n 
1 53 ALA n 
1 54 ALA n 
1 55 CYS n 
1 56 ALA n 
1 57 ALA n 
1 58 ALA n 
1 59 GLY n 
1 60 GLY n 
1 61 PRO n 
1 62 PRO n 
1 63 PRO n 
1 64 PRO n 
1 65 PRO n 
# 
_entity_src_gen.entity_id                          1 
_entity_src_gen.pdbx_src_id                        1 
_entity_src_gen.pdbx_alt_source_flag               sample 
_entity_src_gen.pdbx_seq_type                      ? 
_entity_src_gen.pdbx_beg_seq_num                   ? 
_entity_src_gen.pdbx_end_seq_num                   ? 
_entity_src_gen.gene_src_common_name               bovine 
_entity_src_gen.gene_src_genus                     ? 
_entity_src_gen.pdbx_gene_src_gene                 ? 
_entity_src_gen.gene_src_species                   ? 
_entity_src_gen.gene_src_strain                    ? 
_entity_src_gen.gene_src_tissue                    ? 
_entity_src_gen.gene_src_tissue_fraction           ? 
_entity_src_gen.gene_src_details                   ? 
_entity_src_gen.pdbx_gene_src_fragment             ? 
_entity_src_gen.pdbx_gene_src_scientific_name      'Bos taurus' 
_entity_src_gen.pdbx_gene_src_ncbi_taxonomy_id     9913 
_entity_src_gen.pdbx_gene_src_variant              ? 
_entity_src_gen.pdbx_gene_src_cell_line            ? 
_entity_src_gen.pdbx_gene_src_atcc                 ? 
_entity_src_gen.pdbx_gene_src_organ                ? 
_entity_src_gen.pdbx_gene_src_organelle            ? 
_entity_src_gen.pdbx_gene_src_cell                 ? 
_entity_src_gen.pdbx_gene_src_cellular_location    ? 
_entity_src_gen.host_org_common_name               ? 
_entity_src_gen.pdbx_host_org_scientific_name      'Escherichia Coli' 
_entity_src_gen.pdbx_host_org_ncbi_taxonomy_id     562 
_entity_src_gen.host_org_genus                     ? 
_entity_src_gen.pdbx_host_org_gene                 ? 
_entity_src_gen.pdbx_host_org_organ                ? 
_entity_src_gen.host_org_species                   ? 
_entity_src_gen.pdbx_host_org_tissue               ? 
_entity_src_gen.pdbx_host_org_tissue_fraction      ? 
_entity_src_gen.pdbx_host_org_strain               ? 
_entity_src_gen.pdbx_host_org_variant              ? 
_entity_src_gen.pdbx_host_org_cell_line            'JM109(DE3)PLYSS' 
_entity_src_gen.pdbx_host_org_atcc                 ? 
_entity_src_gen.pdbx_host_org_culture_collection   ? 
_entity_src_gen.pdbx_host_org_cell                 ? 
_entity_src_gen.pdbx_host_org_organelle            ? 
_entity_src_gen.pdbx_host_org_cellular_location    'Inclusion body' 
_entity_src_gen.pdbx_host_org_vector_type          ? 
_entity_src_gen.pdbx_host_org_vector               ? 
_entity_src_gen.host_org_details                   ? 
_entity_src_gen.expression_system_id               ? 
_entity_src_gen.plasmid_name                       ? 
_entity_src_gen.plasmid_details                    ? 
_entity_src_gen.pdbx_description                   ? 
# 
loop_
_chem_comp.id 
_chem_comp.type 
_chem_comp.mon_nstd_flag 
_chem_comp.name 
_chem_comp.pdbx_synonyms 
_chem_comp.formula 
_chem_comp.formula_weight 
ALA 'L-peptide linking' y ALANINE         ? 'C3 H7 N O2'     89.093  
ARG 'L-peptide linking' y ARGININE        ? 'C6 H15 N4 O2 1' 175.209 
ASN 'L-peptide linking' y ASPARAGINE      ? 'C4 H8 N2 O3'    132.118 
ASP 'L-peptide linking' y 'ASPARTIC ACID' ? 'C4 H7 N O4'     133.103 
CYS 'L-peptide linking' y CYSTEINE        ? 'C3 H7 N O2 S'   121.158 
GLN 'L-peptide linking' y GLUTAMINE       ? 'C5 H10 N2 O3'   146.144 
GLU 'L-peptide linking' y 'GLUTAMIC ACID' ? 'C5 H9 N O4'     147.129 
GLY 'peptide linking'   y GLYCINE         ? 'C2 H5 N O2'     75.067  
HOH non-polymer         . WATER           ? 'H2 O'           18.015  
ILE 'L-peptide linking' y ISOLEUCINE      ? 'C6 H13 N O2'    131.173 
LEU 'L-peptide linking' y LEUCINE         ? 'C6 H13 N O2'    131.173 
LYS 'L-peptide linking' y LYSINE          ? 'C6 H15 N2 O2 1' 147.195 
PHE 'L-peptide linking' y PHENYLALANINE   ? 'C9 H11 N O2'    165.189 
PRO 'L-peptide linking' y PROLINE         ? 'C5 H9 N O2'     115.130 
SER 'L-peptide linking' y SERINE          ? 'C3 H7 N O3'     105.093 
SO4 non-polymer         . 'SULFATE ION'   ? 'O4 S -2'        96.063  
TYR 'L-peptide linking' y TYROSINE        ? 'C9 H11 N O3'    181.189 
VAL 'L-peptide linking' y VALINE          ? 'C5 H11 N O2'    117.146 
# 
loop_
_pdbx_poly_seq_scheme.asym_id 
_pdbx_poly_seq_scheme.entity_id 
_pdbx_poly_seq_scheme.seq_id 
_pdbx_poly_seq_scheme.mon_id 
_pdbx_poly_seq_scheme.ndb_seq_num 
_pdbx_poly_seq_scheme.pdb_seq_num 
_pdbx_poly_seq_scheme.auth_seq_num 
_pdbx_poly_seq_scheme.pdb_mon_id 
_pdbx_poly_seq_scheme.auth_mon_id 
_pdbx_poly_seq_scheme.pdb_strand_id 
_pdbx_poly_seq_scheme.pdb_ins_code 
_pdbx_poly_seq_scheme.hetero 
A 1 1  ARG 1  1  1  ARG ARG A . n 
A 1 2  PRO 2  2  2  PRO PRO A . n 
A 1 3  ALA 3  3  3  ALA ALA A . n 
A 1 4  PHE 4  4  4  PHE PHE A . n 
A 1 5  CYS 5  5  5  CYS CYS A . n 
A 1 6  LEU 6  6  6  LEU LEU A . n 
A 1 7  GLU 7  7  7  GLU GLU A . n 
A 1 8  PRO 8  8  8  PRO PRO A . n 
A 1 9  PRO 9  9  9  PRO PRO A . n 
A 1 10 TYR 10 10 10 TYR TYR A . n 
A 1 11 ALA 11 11 11 ALA ALA A . n 
A 1 12 GLY 12 12 12 GLY GLY A . n 
A 1 13 PRO 13 13 13 PRO PRO A . n 
A 1 14 GLY 14 14 14 GLY GLY A . n 
A 1 15 LYS 15 15 15 LYS LYS A . n 
A 1 16 ALA 16 16 16 ALA ALA A . n 
A 1 17 ARG 17 17 17 ARG ARG A . n 
A 1 18 ILE 18 18 18 ILE ILE A . n 
A 1 19 ILE 19 19 19 ILE ILE A . n 
A 1 20 ARG 20 20 20 ARG ARG A . n 
A 1 21 TYR 21 21 21 TYR TYR A . n 
A 1 22 PHE 22 22 22 PHE PHE A . n 
A 1 23 TYR 23 23 23 TYR TYR A . n 
A 1 24 ASN 24 24 24 ASN ASN A . n 
A 1 25 ALA 25 25 25 ALA ALA A . n 
A 1 26 ALA 26 26 26 ALA ALA A . n 
A 1 27 ALA 27 27 27 ALA ALA A . n 
A 1 28 GLY 28 28 28 GLY GLY A . n 
A 1 29 ALA 29 29 29 ALA ALA A . n 
A 1 30 ALA 30 30 30 ALA ALA A . n 
A 1 31 GLN 31 31 31 GLN GLN A . n 
A 1 32 ALA 32 32 32 ALA ALA A . n 
A 1 33 PHE 33 33 33 PHE PHE A . n 
A 1 34 VAL 34 34 34 VAL VAL A . n 
A 1 35 TYR 35 35 35 TYR TYR A . n 
A 1 36 GLY 36 36 36 GLY GLY A . n 
A 1 37 GLY 37 37 37 GLY GLY A . n 
A 1 38 VAL 38 38 38 VAL VAL A . n 
A 1 39 ARG 39 39 39 ARG ARG A . n 
A 1 40 ALA 40 40 40 ALA ALA A . n 
A 1 41 LYS 41 41 41 LYS LYS A . n 
A 1 42 ARG 42 42 42 ARG ARG A . n 
A 1 43 ASN 43 43 43 ASN ASN A . n 
A 1 44 ASN 44 44 44 ASN ASN A . n 
A 1 45 PHE 45 45 45 PHE PHE A . n 
A 1 46 ALA 46 46 46 ALA ALA A . n 
A 1 47 SER 47 47 47 SER SER A . n 
A 1 48 ALA 48 48 48 ALA ALA A . n 
A 1 49 ALA 49 49 49 ALA ALA A . n 
A 1 50 ASP 50 50 50 ASP ASP A . n 
A 1 51 ALA 51 51 51 ALA ALA A . n 
A 1 52 LEU 52 52 52 LEU LEU A . n 
A 1 53 ALA 53 53 53 ALA ALA A . n 
A 1 54 ALA 54 54 54 ALA ALA A . n 
A 1 55 CYS 55 55 55 CYS CYS A . n 
A 1 56 ALA 56 56 56 ALA ALA A . n 
A 1 57 ALA 57 57 57 ALA ALA A . n 
A 1 58 ALA 58 58 58 ALA ALA A . n 
A 1 59 GLY 59 59 59 GLY GLY A . n 
A 1 60 GLY 60 60 ?  ?   ?   A . n 
A 1 61 PRO 61 61 ?  ?   ?   A . n 
A 1 62 PRO 62 62 ?  ?   ?   A . n 
A 1 63 PRO 63 63 ?  ?   ?   A . n 
A 1 64 PRO 64 64 ?  ?   ?   A . n 
A 1 65 PRO 65 65 ?  ?   ?   A . n 
B 1 1  ARG 1  1  1  ARG ARG C . n 
B 1 2  PRO 2  2  2  PRO PRO C . n 
B 1 3  ALA 3  3  3  ALA ALA C . n 
B 1 4  PHE 4  4  4  PHE PHE C . n 
B 1 5  CYS 5  5  5  CYS CYS C . n 
B 1 6  LEU 6  6  6  LEU LEU C . n 
B 1 7  GLU 7  7  7  GLU GLU C . n 
B 1 8  PRO 8  8  8  PRO PRO C . n 
B 1 9  PRO 9  9  9  PRO PRO C . n 
B 1 10 TYR 10 10 10 TYR TYR C . n 
B 1 11 ALA 11 11 11 ALA ALA C . n 
B 1 12 GLY 12 12 12 GLY GLY C . n 
B 1 13 PRO 13 13 13 PRO PRO C . n 
B 1 14 GLY 14 14 14 GLY GLY C . n 
B 1 15 LYS 15 15 15 LYS LYS C . n 
B 1 16 ALA 16 16 16 ALA ALA C . n 
B 1 17 ARG 17 17 17 ARG ARG C . n 
B 1 18 ILE 18 18 18 ILE ILE C . n 
B 1 19 ILE 19 19 19 ILE ILE C . n 
B 1 20 ARG 20 20 20 ARG ARG C . n 
B 1 21 TYR 21 21 21 TYR TYR C . n 
B 1 22 PHE 22 22 22 PHE PHE C . n 
B 1 23 TYR 23 23 23 TYR TYR C . n 
B 1 24 ASN 24 24 24 ASN ASN C . n 
B 1 25 ALA 25 25 25 ALA ALA C . n 
B 1 26 ALA 26 26 26 ALA ALA C . n 
B 1 27 ALA 27 27 27 ALA ALA C . n 
B 1 28 GLY 28 28 28 GLY GLY C . n 
B 1 29 ALA 29 29 29 ALA ALA C . n 
B 1 30 ALA 30 30 30 ALA ALA C . n 
B 1 31 GLN 31 31 31 GLN GLN C . n 
B 1 32 ALA 32 32 32 ALA ALA C . n 
B 1 33 PHE 33 33 33 PHE PHE C . n 
B 1 34 VAL 34 34 34 VAL VAL C . n 
B 1 35 TYR 35 35 35 TYR TYR C . n 
B 1 36 GLY 36 36 36 GLY GLY C . n 
B 1 37 GLY 37 37 37 GLY GLY C . n 
B 1 38 VAL 38 38 38 VAL VAL C . n 
B 1 39 ARG 39 39 39 ARG ARG C . n 
B 1 40 ALA 40 40 40 ALA ALA C . n 
B 1 41 LYS 41 41 41 LYS LYS C . n 
B 1 42 ARG 42 42 42 ARG ARG C . n 
B 1 43 ASN 43 43 43 ASN ASN C . n 
B 1 44 ASN 44 44 44 ASN ASN C . n 
B 1 45 PHE 45 45 45 PHE PHE C . n 
B 1 46 ALA 46 46 46 ALA ALA C . n 
B 1 47 SER 47 47 47 SER SER C . n 
B 1 48 ALA 48 48 48 ALA ALA C . n 
B 1 49 ALA 49 49 49 ALA ALA C . n 
B 1 50 ASP 50 50 50 ASP ASP C . n 
B 1 51 ALA 51 51 51 ALA ALA C . n 
B 1 52 LEU 52 52 52 LEU LEU C . n 
B 1 53 ALA 53 53 53 ALA ALA C . n 
B 1 54 ALA 54 54 54 ALA ALA C . n 
B 1 55 CYS 55 55 55 CYS CYS C . n 
B 1 56 ALA 56 56 56 ALA ALA C . n 
B 1 57 ALA 57 57 ?  ?   ?   C . n 
B 1 58 ALA 58 58 ?  ?   ?   C . n 
B 1 59 GLY 59 59 ?  ?   ?   C . n 
B 1 60 GLY 60 60 ?  ?   ?   C . n 
B 1 61 PRO 61 61 ?  ?   ?   C . n 
B 1 62 PRO 62 62 ?  ?   ?   C . n 
B 1 63 PRO 63 63 ?  ?   ?   C . n 
B 1 64 PRO 64 64 ?  ?   ?   C . n 
B 1 65 PRO 65 65 ?  ?   ?   C . n 
# 
loop_
_pdbx_nonpoly_scheme.asym_id 
_pdbx_nonpoly_scheme.entity_id 
_pdbx_nonpoly_scheme.mon_id 
_pdbx_nonpoly_scheme.ndb_seq_num 
_pdbx_nonpoly_scheme.pdb_seq_num 
_pdbx_nonpoly_scheme.auth_seq_num 
_pdbx_nonpoly_scheme.pdb_mon_id 
_pdbx_nonpoly_scheme.auth_mon_id 
_pdbx_nonpoly_scheme.pdb_strand_id 
_pdbx_nonpoly_scheme.pdb_ins_code 
C 2 SO4 1  66  1   SO4 SO4 A . 
D 2 SO4 1  66  2   SO4 SO4 C . 
E 3 HOH 1  67  67  HOH HOH A . 
E 3 HOH 2  68  3   HOH HOH A . 
E 3 HOH 3  69  69  HOH HOH A . 
E 3 HOH 4  70  4   HOH HOH A . 
E 3 HOH 5  71  5   HOH HOH A . 
E 3 HOH 6  72  11  HOH HOH A . 
E 3 HOH 7  73  12  HOH HOH A . 
E 3 HOH 8  74  74  HOH HOH A . 
E 3 HOH 9  75  17  HOH HOH A . 
E 3 HOH 10 76  76  HOH HOH A . 
E 3 HOH 11 77  21  HOH HOH A . 
E 3 HOH 12 78  78  HOH HOH A . 
E 3 HOH 13 79  79  HOH HOH A . 
E 3 HOH 14 80  22  HOH HOH A . 
E 3 HOH 15 81  23  HOH HOH A . 
E 3 HOH 16 82  28  HOH HOH A . 
E 3 HOH 17 83  29  HOH HOH A . 
E 3 HOH 18 84  84  HOH HOH A . 
E 3 HOH 19 85  30  HOH HOH A . 
E 3 HOH 20 86  32  HOH HOH A . 
E 3 HOH 21 87  34  HOH HOH A . 
E 3 HOH 22 88  88  HOH HOH A . 
E 3 HOH 23 89  89  HOH HOH A . 
E 3 HOH 24 90  35  HOH HOH A . 
E 3 HOH 25 91  91  HOH HOH A . 
E 3 HOH 26 92  92  HOH HOH A . 
E 3 HOH 27 93  37  HOH HOH A . 
E 3 HOH 28 94  94  HOH HOH A . 
E 3 HOH 29 95  38  HOH HOH A . 
E 3 HOH 30 96  96  HOH HOH A . 
E 3 HOH 31 97  39  HOH HOH A . 
E 3 HOH 32 98  98  HOH HOH A . 
E 3 HOH 33 99  99  HOH HOH A . 
E 3 HOH 34 100 100 HOH HOH A . 
E 3 HOH 35 101 101 HOH HOH A . 
E 3 HOH 36 102 44  HOH HOH A . 
E 3 HOH 37 103 103 HOH HOH A . 
E 3 HOH 38 104 41  HOH HOH A . 
E 3 HOH 39 105 43  HOH HOH A . 
E 3 HOH 40 106 45  HOH HOH A . 
E 3 HOH 41 107 48  HOH HOH A . 
E 3 HOH 42 108 108 HOH HOH A . 
E 3 HOH 43 109 51  HOH HOH A . 
E 3 HOH 44 110 52  HOH HOH A . 
E 3 HOH 45 111 111 HOH HOH A . 
E 3 HOH 46 112 112 HOH HOH A . 
E 3 HOH 47 113 53  HOH HOH A . 
E 3 HOH 48 114 114 HOH HOH A . 
E 3 HOH 49 115 54  HOH HOH A . 
E 3 HOH 50 116 116 HOH HOH A . 
E 3 HOH 51 117 117 HOH HOH A . 
E 3 HOH 52 118 118 HOH HOH A . 
E 3 HOH 53 119 56  HOH HOH A . 
E 3 HOH 54 120 57  HOH HOH A . 
E 3 HOH 55 121 121 HOH HOH A . 
E 3 HOH 56 122 58  HOH HOH A . 
E 3 HOH 57 123 135 HOH HOH A . 
E 3 HOH 58 124 124 HOH HOH A . 
E 3 HOH 59 125 125 HOH HOH A . 
E 3 HOH 60 126 59  HOH HOH A . 
E 3 HOH 61 127 127 HOH HOH A . 
E 3 HOH 62 128 128 HOH HOH A . 
E 3 HOH 63 129 129 HOH HOH A . 
E 3 HOH 64 130 136 HOH HOH A . 
E 3 HOH 65 131 131 HOH HOH A . 
E 3 HOH 66 132 132 HOH HOH A . 
E 3 HOH 67 133 61  HOH HOH A . 
E 3 HOH 68 134 134 HOH HOH A . 
E 3 HOH 69 135 63  HOH HOH A . 
E 3 HOH 70 136 64  HOH HOH A . 
E 3 HOH 71 138 138 HOH HOH A . 
E 3 HOH 72 139 139 HOH HOH A . 
E 3 HOH 73 140 140 HOH HOH A . 
E 3 HOH 74 142 142 HOH HOH A . 
E 3 HOH 75 143 143 HOH HOH A . 
E 3 HOH 76 147 147 HOH HOH A . 
E 3 HOH 77 148 148 HOH HOH A . 
E 3 HOH 78 151 151 HOH HOH A . 
E 3 HOH 79 158 158 HOH HOH A . 
E 3 HOH 80 159 159 HOH HOH A . 
E 3 HOH 81 160 160 HOH HOH A . 
E 3 HOH 82 161 161 HOH HOH A . 
E 3 HOH 83 162 162 HOH HOH A . 
E 3 HOH 84 163 163 HOH HOH A . 
E 3 HOH 85 166 166 HOH HOH A . 
E 3 HOH 86 167 167 HOH HOH A . 
E 3 HOH 87 168 168 HOH HOH A . 
E 3 HOH 88 169 169 HOH HOH A . 
E 3 HOH 89 173 173 HOH HOH A . 
E 3 HOH 90 175 175 HOH HOH A . 
F 3 HOH 1  67  1   HOH HOH C . 
F 3 HOH 2  68  68  HOH HOH C . 
F 3 HOH 3  69  2   HOH HOH C . 
F 3 HOH 4  70  70  HOH HOH C . 
F 3 HOH 5  71  71  HOH HOH C . 
F 3 HOH 6  72  72  HOH HOH C . 
F 3 HOH 7  73  73  HOH HOH C . 
F 3 HOH 8  74  6   HOH HOH C . 
F 3 HOH 9  75  75  HOH HOH C . 
F 3 HOH 10 76  7   HOH HOH C . 
F 3 HOH 11 77  77  HOH HOH C . 
F 3 HOH 12 78  8   HOH HOH C . 
F 3 HOH 13 79  9   HOH HOH C . 
F 3 HOH 14 80  80  HOH HOH C . 
F 3 HOH 15 81  81  HOH HOH C . 
F 3 HOH 16 82  82  HOH HOH C . 
F 3 HOH 17 83  83  HOH HOH C . 
F 3 HOH 18 84  10  HOH HOH C . 
F 3 HOH 19 85  85  HOH HOH C . 
F 3 HOH 20 86  86  HOH HOH C . 
F 3 HOH 21 87  87  HOH HOH C . 
F 3 HOH 22 88  13  HOH HOH C . 
F 3 HOH 23 89  14  HOH HOH C . 
F 3 HOH 24 90  90  HOH HOH C . 
F 3 HOH 25 91  15  HOH HOH C . 
F 3 HOH 26 92  16  HOH HOH C . 
F 3 HOH 27 93  93  HOH HOH C . 
F 3 HOH 28 94  18  HOH HOH C . 
F 3 HOH 29 95  95  HOH HOH C . 
F 3 HOH 30 96  19  HOH HOH C . 
F 3 HOH 31 97  97  HOH HOH C . 
F 3 HOH 32 98  20  HOH HOH C . 
F 3 HOH 33 99  24  HOH HOH C . 
F 3 HOH 34 100 25  HOH HOH C . 
F 3 HOH 35 101 26  HOH HOH C . 
F 3 HOH 36 102 102 HOH HOH C . 
F 3 HOH 37 103 31  HOH HOH C . 
F 3 HOH 38 104 104 HOH HOH C . 
F 3 HOH 39 105 105 HOH HOH C . 
F 3 HOH 40 106 106 HOH HOH C . 
F 3 HOH 41 107 107 HOH HOH C . 
F 3 HOH 42 108 33  HOH HOH C . 
F 3 HOH 43 109 109 HOH HOH C . 
F 3 HOH 44 110 110 HOH HOH C . 
F 3 HOH 45 111 36  HOH HOH C . 
F 3 HOH 46 112 40  HOH HOH C . 
F 3 HOH 47 113 113 HOH HOH C . 
F 3 HOH 48 114 42  HOH HOH C . 
F 3 HOH 49 115 115 HOH HOH C . 
F 3 HOH 50 116 27  HOH HOH C . 
F 3 HOH 51 117 46  HOH HOH C . 
F 3 HOH 52 118 47  HOH HOH C . 
F 3 HOH 53 119 119 HOH HOH C . 
F 3 HOH 54 120 120 HOH HOH C . 
F 3 HOH 55 121 49  HOH HOH C . 
F 3 HOH 56 122 122 HOH HOH C . 
F 3 HOH 57 123 123 HOH HOH C . 
F 3 HOH 58 124 55  HOH HOH C . 
F 3 HOH 59 125 60  HOH HOH C . 
F 3 HOH 60 126 126 HOH HOH C . 
F 3 HOH 61 127 62  HOH HOH C . 
F 3 HOH 62 128 65  HOH HOH C . 
F 3 HOH 63 129 66  HOH HOH C . 
F 3 HOH 64 130 130 HOH HOH C . 
F 3 HOH 65 131 50  HOH HOH C . 
F 3 HOH 66 133 133 HOH HOH C . 
F 3 HOH 67 137 137 HOH HOH C . 
F 3 HOH 68 141 141 HOH HOH C . 
F 3 HOH 69 144 144 HOH HOH C . 
F 3 HOH 70 145 145 HOH HOH C . 
F 3 HOH 71 146 146 HOH HOH C . 
F 3 HOH 72 149 149 HOH HOH C . 
F 3 HOH 73 150 150 HOH HOH C . 
F 3 HOH 74 152 152 HOH HOH C . 
F 3 HOH 75 153 153 HOH HOH C . 
F 3 HOH 76 154 154 HOH HOH C . 
F 3 HOH 77 155 155 HOH HOH C . 
F 3 HOH 78 156 156 HOH HOH C . 
F 3 HOH 79 157 157 HOH HOH C . 
F 3 HOH 80 164 164 HOH HOH C . 
F 3 HOH 81 165 165 HOH HOH C . 
F 3 HOH 82 170 170 HOH HOH C . 
F 3 HOH 83 171 171 HOH HOH C . 
F 3 HOH 84 172 172 HOH HOH C . 
F 3 HOH 85 174 174 HOH HOH C . 
# 
loop_
_pdbx_unobs_or_zero_occ_atoms.id 
_pdbx_unobs_or_zero_occ_atoms.PDB_model_num 
_pdbx_unobs_or_zero_occ_atoms.polymer_flag 
_pdbx_unobs_or_zero_occ_atoms.occupancy_flag 
_pdbx_unobs_or_zero_occ_atoms.auth_asym_id 
_pdbx_unobs_or_zero_occ_atoms.auth_comp_id 
_pdbx_unobs_or_zero_occ_atoms.auth_seq_id 
_pdbx_unobs_or_zero_occ_atoms.PDB_ins_code 
_pdbx_unobs_or_zero_occ_atoms.auth_atom_id 
_pdbx_unobs_or_zero_occ_atoms.label_alt_id 
_pdbx_unobs_or_zero_occ_atoms.label_asym_id 
_pdbx_unobs_or_zero_occ_atoms.label_comp_id 
_pdbx_unobs_or_zero_occ_atoms.label_seq_id 
_pdbx_unobs_or_zero_occ_atoms.label_atom_id 
1 1 Y 0 A GLU 7 ? CA B A GLU 7 CA 
2 1 Y 0 A GLU 7 ? CB B A GLU 7 CB 
3 1 Y 0 A GLU 7 ? CG B A GLU 7 CG 
4 1 Y 0 A GLU 7 ? CD B A GLU 7 CD 
# 
loop_
_software.name 
_software.classification 
_software.version 
_software.citation_id 
_software.pdbx_ordinal 
HKL-2000  'data collection' .        ? 1 
MOLREP    phasing           .        ? 2 
REFMAC    refinement        5.2.0019 ? 3 
DENZO     'data reduction'  .        ? 4 
SCALEPACK 'data scaling'    .        ? 5 
# 
_cell.entry_id           3AUG 
_cell.length_a           64.313 
_cell.length_b           48.505 
_cell.length_c           36.815 
_cell.angle_alpha        90.00 
_cell.angle_beta         108.74 
_cell.angle_gamma        90.00 
_cell.Z_PDB              8 
_cell.pdbx_unique_axis   ? 
_cell.length_a_esd       ? 
_cell.length_b_esd       ? 
_cell.length_c_esd       ? 
_cell.angle_alpha_esd    ? 
_cell.angle_beta_esd     ? 
_cell.angle_gamma_esd    ? 
# 
_symmetry.entry_id                         3AUG 
_symmetry.space_group_name_H-M             'C 1 2 1' 
_symmetry.pdbx_full_space_group_name_H-M   ? 
_symmetry.cell_setting                     ? 
_symmetry.Int_Tables_number                5 
_symmetry.space_group_name_Hall            ? 
# 
_exptl.entry_id          3AUG 
_exptl.method            'X-RAY DIFFRACTION' 
_exptl.crystals_number   1 
# 
_exptl_crystal.id                    1 
_exptl_crystal.density_meas          ? 
_exptl_crystal.density_Matthews      2.06 
_exptl_crystal.density_percent_sol   40.41 
_exptl_crystal.description           ? 
_exptl_crystal.F_000                 ? 
_exptl_crystal.preparation           ? 
# 
_exptl_crystal_grow.crystal_id      1 
_exptl_crystal_grow.method          'VAPOR DIFFUSION, HANGING DROP' 
_exptl_crystal_grow.temp            293 
_exptl_crystal_grow.temp_details    ? 
_exptl_crystal_grow.pH              8.5 
_exptl_crystal_grow.pdbx_details    
'25% PEG4000, 0.2M Lithium sulfate, 0.1M Tris-HCl, pH 8.5, VAPOR DIFFUSION, HANGING DROP, temperature 293K' 
_exptl_crystal_grow.pdbx_pH_range   . 
# 
_diffrn.id                     1 
_diffrn.ambient_temp           95 
_diffrn.ambient_temp_details   ? 
_diffrn.crystal_id             1 
# 
_diffrn_detector.diffrn_id              1 
_diffrn_detector.detector               CCD 
_diffrn_detector.type                   'ADSC QUANTUM 210' 
_diffrn_detector.pdbx_collection_date   2010-06-11 
_diffrn_detector.details                ? 
# 
_diffrn_radiation.diffrn_id                        1 
_diffrn_radiation.wavelength_id                    1 
_diffrn_radiation.pdbx_monochromatic_or_laue_m_l   M 
_diffrn_radiation.monochromator                    SILICON 
_diffrn_radiation.pdbx_diffrn_protocol             'SINGLE WAVELENGTH' 
_diffrn_radiation.pdbx_scattering_type             x-ray 
# 
_diffrn_radiation_wavelength.id           1 
_diffrn_radiation_wavelength.wavelength   1.000 
_diffrn_radiation_wavelength.wt           1.0 
# 
_diffrn_source.diffrn_id                   1 
_diffrn_source.source                      SYNCHROTRON 
_diffrn_source.type                        'PHOTON FACTORY BEAMLINE BL-5A' 
_diffrn_source.pdbx_synchrotron_site       'Photon Factory' 
_diffrn_source.pdbx_synchrotron_beamline   BL-5A 
_diffrn_source.pdbx_wavelength             ? 
_diffrn_source.pdbx_wavelength_list        1.000 
# 
_reflns.entry_id                     3AUG 
_reflns.observed_criterion_sigma_I   3.0 
_reflns.observed_criterion_sigma_F   3.0 
_reflns.d_resolution_low             19.976 
_reflns.d_resolution_high            1.398 
_reflns.number_obs                   21285 
_reflns.number_all                   21285 
_reflns.percent_possible_obs         98.3 
_reflns.pdbx_Rmerge_I_obs            0.168 
_reflns.pdbx_Rsym_value              ? 
_reflns.pdbx_netI_over_sigmaI        ? 
_reflns.B_iso_Wilson_estimate        ? 
_reflns.pdbx_redundancy              7.3 
_reflns.R_free_details               ? 
_reflns.limit_h_max                  ? 
_reflns.limit_h_min                  ? 
_reflns.limit_k_max                  ? 
_reflns.limit_k_min                  ? 
_reflns.limit_l_max                  ? 
_reflns.limit_l_min                  ? 
_reflns.observed_criterion_F_max     ? 
_reflns.observed_criterion_F_min     ? 
_reflns.pdbx_chi_squared             ? 
_reflns.pdbx_scaling_rejects         ? 
_reflns.pdbx_ordinal                 1 
_reflns.pdbx_diffrn_id               1 
# 
_reflns_shell.d_res_high                  1.398 
_reflns_shell.d_res_low                   1.45 
_reflns_shell.percent_possible_all        98.3 
_reflns_shell.Rmerge_I_obs                ? 
_reflns_shell.pdbx_Rsym_value             ? 
_reflns_shell.meanI_over_sigI_obs         ? 
_reflns_shell.pdbx_redundancy             ? 
_reflns_shell.percent_possible_obs        ? 
_reflns_shell.number_unique_all           ? 
_reflns_shell.number_measured_all         ? 
_reflns_shell.number_measured_obs         ? 
_reflns_shell.number_unique_obs           ? 
_reflns_shell.pdbx_chi_squared            ? 
_reflns_shell.pdbx_rejects                ? 
_reflns_shell.pdbx_netI_over_sigmaI_obs   ? 
_reflns_shell.number_possible             ? 
_reflns_shell.Rmerge_F_all                ? 
_reflns_shell.Rmerge_F_obs                ? 
_reflns_shell.Rmerge_I_all                ? 
_reflns_shell.meanI_over_sigI_all         ? 
_reflns_shell.pdbx_Rrim_I_all             ? 
_reflns_shell.pdbx_Rpim_I_all             ? 
_reflns_shell.pdbx_ordinal                1 
_reflns_shell.pdbx_diffrn_id              1 
# 
_refine.entry_id                                 3AUG 
_refine.ls_number_reflns_obs                     19826 
_refine.ls_number_reflns_all                     21285 
_refine.pdbx_ls_sigma_I                          ? 
_refine.pdbx_ls_sigma_F                          3.0 
_refine.pdbx_data_cutoff_high_absF               ? 
_refine.pdbx_data_cutoff_low_absF                ? 
_refine.pdbx_data_cutoff_high_rms_absF           ? 
_refine.ls_d_res_low                             19.976 
_refine.ls_d_res_high                            1.398 
_refine.ls_percent_reflns_obs                    98.21 
_refine.ls_R_factor_obs                          0.16793 
_refine.ls_R_factor_all                          ? 
_refine.ls_R_factor_R_work                       0.16693 
_refine.ls_R_factor_R_free                       0.18720 
_refine.ls_R_factor_R_free_error                 ? 
_refine.ls_R_factor_R_free_error_details         ? 
_refine.ls_percent_reflns_R_free                 5.2 
_refine.ls_number_reflns_R_free                  1078 
_refine.ls_number_parameters                     ? 
_refine.ls_number_restraints                     ? 
_refine.occupancy_min                            ? 
_refine.occupancy_max                            ? 
_refine.correlation_coeff_Fo_to_Fc               0.965 
_refine.correlation_coeff_Fo_to_Fc_free          0.956 
_refine.B_iso_mean                               13.413 
_refine.aniso_B[1][1]                            0.00 
_refine.aniso_B[2][2]                            0.00 
_refine.aniso_B[3][3]                            0.01 
_refine.aniso_B[1][2]                            0.00 
_refine.aniso_B[1][3]                            0.00 
_refine.aniso_B[2][3]                            0.00 
_refine.solvent_model_details                    MASK 
_refine.solvent_model_param_ksol                 ? 
_refine.solvent_model_param_bsol                 ? 
_refine.pdbx_solvent_vdw_probe_radii             1.20 
_refine.pdbx_solvent_ion_probe_radii             0.80 
_refine.pdbx_solvent_shrinkage_radii             0.80 
_refine.pdbx_ls_cross_valid_method               THROUGHOUT 
_refine.details                                  ? 
_refine.pdbx_starting_model                      4PTI 
_refine.pdbx_method_to_determine_struct          'MOLECULAR REPLACEMENT' 
_refine.pdbx_isotropic_thermal_model             ? 
_refine.pdbx_stereochemistry_target_values       'MAXIMUM LIKELIHOOD' 
_refine.pdbx_stereochem_target_val_spec_case     ? 
_refine.pdbx_R_Free_selection_details            RANDOM 
_refine.pdbx_overall_ESU_R_Free                  0.062 
_refine.overall_SU_ML                            0.035 
_refine.overall_SU_B                             0.841 
_refine.overall_SU_R_Cruickshank_DPI             ? 
_refine.ls_redundancy_reflns_obs                 ? 
_refine.B_iso_min                                ? 
_refine.B_iso_max                                ? 
_refine.overall_SU_R_free                        ? 
_refine.ls_wR_factor_R_free                      ? 
_refine.ls_wR_factor_R_work                      ? 
_refine.overall_FOM_free_R_set                   ? 
_refine.overall_FOM_work_R_set                   ? 
_refine.pdbx_refine_id                           'X-RAY DIFFRACTION' 
_refine.pdbx_overall_phase_error                 ? 
_refine.pdbx_overall_ESU_R                       ? 
_refine.pdbx_diffrn_id                           1 
_refine.pdbx_TLS_residual_ADP_flag               ? 
_refine.pdbx_overall_SU_R_free_Cruickshank_DPI   ? 
_refine.pdbx_overall_SU_R_Blow_DPI               ? 
_refine.pdbx_overall_SU_R_free_Blow_DPI          ? 
# 
_refine_hist.pdbx_refine_id                   'X-RAY DIFFRACTION' 
_refine_hist.cycle_id                         LAST 
_refine_hist.pdbx_number_atoms_protein        838 
_refine_hist.pdbx_number_atoms_nucleic_acid   0 
_refine_hist.pdbx_number_atoms_ligand         10 
_refine_hist.number_atoms_solvent             175 
_refine_hist.number_atoms_total               1023 
_refine_hist.d_res_high                       1.398 
_refine_hist.d_res_low                        19.976 
# 
loop_
_refine_ls_restr.type 
_refine_ls_restr.dev_ideal 
_refine_ls_restr.dev_ideal_target 
_refine_ls_restr.weight 
_refine_ls_restr.number 
_refine_ls_restr.pdbx_refine_id 
_refine_ls_restr.pdbx_restraint_function 
r_bond_refined_d         0.007  0.022  ? 911  'X-RAY DIFFRACTION' ? 
r_angle_refined_deg      1.224  1.955  ? 1244 'X-RAY DIFFRACTION' ? 
r_dihedral_angle_1_deg   5.729  5.000  ? 125  'X-RAY DIFFRACTION' ? 
r_dihedral_angle_2_deg   16.366 20.500 ? 40   'X-RAY DIFFRACTION' ? 
r_dihedral_angle_3_deg   11.748 15.000 ? 120  'X-RAY DIFFRACTION' ? 
r_dihedral_angle_4_deg   12.958 15.000 ? 11   'X-RAY DIFFRACTION' ? 
r_chiral_restr           0.082  0.200  ? 124  'X-RAY DIFFRACTION' ? 
r_gen_planes_refined     0.006  0.020  ? 735  'X-RAY DIFFRACTION' ? 
r_nbd_refined            0.181  0.200  ? 446  'X-RAY DIFFRACTION' ? 
r_nbtor_refined          0.316  0.200  ? 628  'X-RAY DIFFRACTION' ? 
r_xyhbond_nbd_refined    0.127  0.200  ? 107  'X-RAY DIFFRACTION' ? 
r_symmetry_vdw_refined   0.195  0.200  ? 47   'X-RAY DIFFRACTION' ? 
r_symmetry_hbond_refined 0.111  0.200  ? 23   'X-RAY DIFFRACTION' ? 
r_mcbond_it              0.619  1.500  ? 598  'X-RAY DIFFRACTION' ? 
r_mcangle_it             1.061  2.000  ? 914  'X-RAY DIFFRACTION' ? 
r_scbond_it              1.579  3.000  ? 355  'X-RAY DIFFRACTION' ? 
r_scangle_it             2.155  4.500  ? 324  'X-RAY DIFFRACTION' ? 
# 
_refine_ls_shell.pdbx_refine_id                   'X-RAY DIFFRACTION' 
_refine_ls_shell.pdbx_total_number_of_bins_used   20 
_refine_ls_shell.d_res_high                       1.398 
_refine_ls_shell.d_res_low                        1.45 
_refine_ls_shell.number_reflns_R_work             1370 
_refine_ls_shell.R_factor_R_work                  0.202 
_refine_ls_shell.percent_reflns_obs               93.31 
_refine_ls_shell.R_factor_R_free                  0.186 
_refine_ls_shell.R_factor_R_free_error            ? 
_refine_ls_shell.percent_reflns_R_free            ? 
_refine_ls_shell.number_reflns_R_free             80 
_refine_ls_shell.number_reflns_all                ? 
_refine_ls_shell.R_factor_all                     ? 
_refine_ls_shell.number_reflns_obs                ? 
_refine_ls_shell.redundancy_reflns_obs            ? 
# 
_struct.entry_id                  3AUG 
_struct.title                     'A simplified BPTI variant with poly Pro amino acid tag (C5P) at the C-terminus' 
_struct.pdbx_model_details        ? 
_struct.pdbx_CASP_flag            ? 
_struct.pdbx_model_type_details   ? 
# 
_struct_keywords.entry_id        3AUG 
_struct_keywords.pdbx_keywords   'HYDROLASE INHIBITOR' 
_struct_keywords.text            'Serine protease inhibitor, Inhibits serine protease, Trypsin, HYDROLASE INHIBITOR' 
# 
loop_
_struct_asym.id 
_struct_asym.pdbx_blank_PDB_chainid_flag 
_struct_asym.pdbx_modified 
_struct_asym.entity_id 
_struct_asym.details 
A N N 1 ? 
B N N 1 ? 
C N N 2 ? 
D N N 2 ? 
E N N 3 ? 
F N N 3 ? 
# 
_struct_ref.id                         1 
_struct_ref.db_name                    PDB 
_struct_ref.db_code                    3AUG 
_struct_ref.pdbx_db_accession          3AUG 
_struct_ref.entity_id                  1 
_struct_ref.pdbx_align_begin           ? 
_struct_ref.pdbx_seq_one_letter_code   ? 
_struct_ref.pdbx_db_isoform            ? 
# 
loop_
_struct_ref_seq.align_id 
_struct_ref_seq.ref_id 
_struct_ref_seq.pdbx_PDB_id_code 
_struct_ref_seq.pdbx_strand_id 
_struct_ref_seq.seq_align_beg 
_struct_ref_seq.pdbx_seq_align_beg_ins_code 
_struct_ref_seq.seq_align_end 
_struct_ref_seq.pdbx_seq_align_end_ins_code 
_struct_ref_seq.pdbx_db_accession 
_struct_ref_seq.db_align_beg 
_struct_ref_seq.pdbx_db_align_beg_ins_code 
_struct_ref_seq.db_align_end 
_struct_ref_seq.pdbx_db_align_end_ins_code 
_struct_ref_seq.pdbx_auth_seq_align_beg 
_struct_ref_seq.pdbx_auth_seq_align_end 
1 1 3AUG A 1 ? 65 ? 3AUG 1 ? 65 ? 1 65 
2 1 3AUG C 1 ? 65 ? 3AUG 1 ? 65 ? 1 65 
# 
loop_
_pdbx_struct_assembly.id 
_pdbx_struct_assembly.details 
_pdbx_struct_assembly.method_details 
_pdbx_struct_assembly.oligomeric_details 
_pdbx_struct_assembly.oligomeric_count 
1 author_and_software_defined_assembly PISA monomeric 1 
2 author_and_software_defined_assembly PISA monomeric 1 
# 
loop_
_pdbx_struct_assembly_gen.assembly_id 
_pdbx_struct_assembly_gen.oper_expression 
_pdbx_struct_assembly_gen.asym_id_list 
1 1 A,C,E 
2 1 B,D,F 
# 
_pdbx_struct_oper_list.id                   1 
_pdbx_struct_oper_list.type                 'identity operation' 
_pdbx_struct_oper_list.name                 1_555 
_pdbx_struct_oper_list.symmetry_operation   x,y,z 
_pdbx_struct_oper_list.matrix[1][1]         1.0000000000 
_pdbx_struct_oper_list.matrix[1][2]         0.0000000000 
_pdbx_struct_oper_list.matrix[1][3]         0.0000000000 
_pdbx_struct_oper_list.vector[1]            0.0000000000 
_pdbx_struct_oper_list.matrix[2][1]         0.0000000000 
_pdbx_struct_oper_list.matrix[2][2]         1.0000000000 
_pdbx_struct_oper_list.matrix[2][3]         0.0000000000 
_pdbx_struct_oper_list.vector[2]            0.0000000000 
_pdbx_struct_oper_list.matrix[3][1]         0.0000000000 
_pdbx_struct_oper_list.matrix[3][2]         0.0000000000 
_pdbx_struct_oper_list.matrix[3][3]         1.0000000000 
_pdbx_struct_oper_list.vector[3]            0.0000000000 
# 
_struct_biol.id        1 
_struct_biol.details   ? 
# 
loop_
_struct_conf.conf_type_id 
_struct_conf.id 
_struct_conf.pdbx_PDB_helix_id 
_struct_conf.beg_label_comp_id 
_struct_conf.beg_label_asym_id 
_struct_conf.beg_label_seq_id 
_struct_conf.pdbx_beg_PDB_ins_code 
_struct_conf.end_label_comp_id 
_struct_conf.end_label_asym_id 
_struct_conf.end_label_seq_id 
_struct_conf.pdbx_end_PDB_ins_code 
_struct_conf.beg_auth_comp_id 
_struct_conf.beg_auth_asym_id 
_struct_conf.beg_auth_seq_id 
_struct_conf.end_auth_comp_id 
_struct_conf.end_auth_asym_id 
_struct_conf.end_auth_seq_id 
_struct_conf.pdbx_PDB_helix_class 
_struct_conf.details 
_struct_conf.pdbx_PDB_helix_length 
HELX_P HELX_P1 1 PRO A 2  ? GLU A 7  ? PRO A 2  GLU A 7  5 ? 6  
HELX_P HELX_P2 2 SER A 47 ? ALA A 56 ? SER A 47 ALA A 56 1 ? 10 
HELX_P HELX_P3 3 PRO B 2  ? GLU B 7  ? PRO C 2  GLU C 7  5 ? 6  
HELX_P HELX_P4 4 SER B 47 ? CYS B 55 ? SER C 47 CYS C 55 1 ? 9  
# 
_struct_conf_type.id          HELX_P 
_struct_conf_type.criteria    ? 
_struct_conf_type.reference   ? 
# 
loop_
_struct_conn.id 
_struct_conn.conn_type_id 
_struct_conn.pdbx_leaving_atom_flag 
_struct_conn.pdbx_PDB_id 
_struct_conn.ptnr1_label_asym_id 
_struct_conn.ptnr1_label_comp_id 
_struct_conn.ptnr1_label_seq_id 
_struct_conn.ptnr1_label_atom_id 
_struct_conn.pdbx_ptnr1_label_alt_id 
_struct_conn.pdbx_ptnr1_PDB_ins_code 
_struct_conn.pdbx_ptnr1_standard_comp_id 
_struct_conn.ptnr1_symmetry 
_struct_conn.ptnr2_label_asym_id 
_struct_conn.ptnr2_label_comp_id 
_struct_conn.ptnr2_label_seq_id 
_struct_conn.ptnr2_label_atom_id 
_struct_conn.pdbx_ptnr2_label_alt_id 
_struct_conn.pdbx_ptnr2_PDB_ins_code 
_struct_conn.ptnr1_auth_asym_id 
_struct_conn.ptnr1_auth_comp_id 
_struct_conn.ptnr1_auth_seq_id 
_struct_conn.ptnr2_auth_asym_id 
_struct_conn.ptnr2_auth_comp_id 
_struct_conn.ptnr2_auth_seq_id 
_struct_conn.ptnr2_symmetry 
_struct_conn.pdbx_ptnr3_label_atom_id 
_struct_conn.pdbx_ptnr3_label_seq_id 
_struct_conn.pdbx_ptnr3_label_comp_id 
_struct_conn.pdbx_ptnr3_label_asym_id 
_struct_conn.pdbx_ptnr3_label_alt_id 
_struct_conn.pdbx_ptnr3_PDB_ins_code 
_struct_conn.details 
_struct_conn.pdbx_dist_value 
_struct_conn.pdbx_value_order 
_struct_conn.pdbx_role 
disulf1 disulf ? ? A CYS 5 SG ? ? ? 1_555 A CYS 55 SG ? ? A CYS 5 A CYS 55 1_555 ? ? ? ? ? ? ? 2.056 ? ? 
disulf2 disulf ? ? B CYS 5 SG ? ? ? 1_555 B CYS 55 SG ? ? C CYS 5 C CYS 55 1_555 ? ? ? ? ? ? ? 2.042 ? ? 
# 
_struct_conn_type.id          disulf 
_struct_conn_type.criteria    ? 
_struct_conn_type.reference   ? 
# 
loop_
_pdbx_modification_feature.ordinal 
_pdbx_modification_feature.label_comp_id 
_pdbx_modification_feature.label_asym_id 
_pdbx_modification_feature.label_seq_id 
_pdbx_modification_feature.label_alt_id 
_pdbx_modification_feature.modified_residue_label_comp_id 
_pdbx_modification_feature.modified_residue_label_asym_id 
_pdbx_modification_feature.modified_residue_label_seq_id 
_pdbx_modification_feature.modified_residue_label_alt_id 
_pdbx_modification_feature.auth_comp_id 
_pdbx_modification_feature.auth_asym_id 
_pdbx_modification_feature.auth_seq_id 
_pdbx_modification_feature.PDB_ins_code 
_pdbx_modification_feature.symmetry 
_pdbx_modification_feature.modified_residue_auth_comp_id 
_pdbx_modification_feature.modified_residue_auth_asym_id 
_pdbx_modification_feature.modified_residue_auth_seq_id 
_pdbx_modification_feature.modified_residue_PDB_ins_code 
_pdbx_modification_feature.modified_residue_symmetry 
_pdbx_modification_feature.comp_id_linking_atom 
_pdbx_modification_feature.modified_residue_id_linking_atom 
_pdbx_modification_feature.modified_residue_id 
_pdbx_modification_feature.ref_pcm_id 
_pdbx_modification_feature.ref_comp_id 
_pdbx_modification_feature.type 
_pdbx_modification_feature.category 
1 CYS A 5 ? CYS A 55 ? CYS A 5 ? 1_555 CYS A 55 ? 1_555 SG SG . . . None 'Disulfide bridge' 
2 CYS B 5 ? CYS B 55 ? CYS C 5 ? 1_555 CYS C 55 ? 1_555 SG SG . . . None 'Disulfide bridge' 
# 
loop_
_struct_sheet.id 
_struct_sheet.type 
_struct_sheet.number_strands 
_struct_sheet.details 
A ? 2 ? 
B ? 2 ? 
# 
loop_
_struct_sheet_order.sheet_id 
_struct_sheet_order.range_id_1 
_struct_sheet_order.range_id_2 
_struct_sheet_order.offset 
_struct_sheet_order.sense 
A 1 2 ? anti-parallel 
B 1 2 ? anti-parallel 
# 
loop_
_struct_sheet_range.sheet_id 
_struct_sheet_range.id 
_struct_sheet_range.beg_label_comp_id 
_struct_sheet_range.beg_label_asym_id 
_struct_sheet_range.beg_label_seq_id 
_struct_sheet_range.pdbx_beg_PDB_ins_code 
_struct_sheet_range.end_label_comp_id 
_struct_sheet_range.end_label_asym_id 
_struct_sheet_range.end_label_seq_id 
_struct_sheet_range.pdbx_end_PDB_ins_code 
_struct_sheet_range.beg_auth_comp_id 
_struct_sheet_range.beg_auth_asym_id 
_struct_sheet_range.beg_auth_seq_id 
_struct_sheet_range.end_auth_comp_id 
_struct_sheet_range.end_auth_asym_id 
_struct_sheet_range.end_auth_seq_id 
A 1 ILE A 18 ? ASN A 24 ? ILE A 18 ASN A 24 
A 2 ALA A 29 ? TYR A 35 ? ALA A 29 TYR A 35 
B 1 ILE B 18 ? ASN B 24 ? ILE C 18 ASN C 24 
B 2 ALA B 29 ? TYR B 35 ? ALA C 29 TYR C 35 
# 
loop_
_pdbx_struct_sheet_hbond.sheet_id 
_pdbx_struct_sheet_hbond.range_id_1 
_pdbx_struct_sheet_hbond.range_id_2 
_pdbx_struct_sheet_hbond.range_1_label_atom_id 
_pdbx_struct_sheet_hbond.range_1_label_comp_id 
_pdbx_struct_sheet_hbond.range_1_label_asym_id 
_pdbx_struct_sheet_hbond.range_1_label_seq_id 
_pdbx_struct_sheet_hbond.range_1_PDB_ins_code 
_pdbx_struct_sheet_hbond.range_1_auth_atom_id 
_pdbx_struct_sheet_hbond.range_1_auth_comp_id 
_pdbx_struct_sheet_hbond.range_1_auth_asym_id 
_pdbx_struct_sheet_hbond.range_1_auth_seq_id 
_pdbx_struct_sheet_hbond.range_2_label_atom_id 
_pdbx_struct_sheet_hbond.range_2_label_comp_id 
_pdbx_struct_sheet_hbond.range_2_label_asym_id 
_pdbx_struct_sheet_hbond.range_2_label_seq_id 
_pdbx_struct_sheet_hbond.range_2_PDB_ins_code 
_pdbx_struct_sheet_hbond.range_2_auth_atom_id 
_pdbx_struct_sheet_hbond.range_2_auth_comp_id 
_pdbx_struct_sheet_hbond.range_2_auth_asym_id 
_pdbx_struct_sheet_hbond.range_2_auth_seq_id 
A 1 2 N ILE A 18 ? N ILE A 18 O TYR A 35 ? O TYR A 35 
B 1 2 N ILE B 18 ? N ILE C 18 O TYR B 35 ? O TYR C 35 
# 
loop_
_struct_site.id 
_struct_site.pdbx_evidence_code 
_struct_site.pdbx_auth_asym_id 
_struct_site.pdbx_auth_comp_id 
_struct_site.pdbx_auth_seq_id 
_struct_site.pdbx_auth_ins_code 
_struct_site.pdbx_num_residues 
_struct_site.details 
AC1 Software A SO4 66 ? 6 'BINDING SITE FOR RESIDUE SO4 A 66' 
AC2 Software C SO4 66 ? 8 'BINDING SITE FOR RESIDUE SO4 C 66' 
# 
loop_
_struct_site_gen.id 
_struct_site_gen.site_id 
_struct_site_gen.pdbx_num_res 
_struct_site_gen.label_comp_id 
_struct_site_gen.label_asym_id 
_struct_site_gen.label_seq_id 
_struct_site_gen.pdbx_auth_ins_code 
_struct_site_gen.auth_comp_id 
_struct_site_gen.auth_asym_id 
_struct_site_gen.auth_seq_id 
_struct_site_gen.label_atom_id 
_struct_site_gen.label_alt_id 
_struct_site_gen.symmetry 
_struct_site_gen.details 
1  AC1 6 VAL A 38 ? VAL A 38  . ? 1_555 ? 
2  AC1 6 ARG A 39 ? ARG A 39  . ? 1_555 ? 
3  AC1 6 HOH E .  ? HOH A 69  . ? 1_555 ? 
4  AC1 6 ARG B 39 ? ARG C 39  . ? 2_555 ? 
5  AC1 6 LYS B 41 ? LYS C 41  . ? 1_555 ? 
6  AC1 6 HOH F .  ? HOH C 116 . ? 1_555 ? 
7  AC2 8 ARG A 20 ? ARG A 20  . ? 1_555 ? 
8  AC2 8 ALA A 46 ? ALA A 46  . ? 1_555 ? 
9  AC2 8 HOH E .  ? HOH A 160 . ? 1_555 ? 
10 AC2 8 PRO B 2  ? PRO C 2   . ? 1_555 ? 
11 AC2 8 ALA B 3  ? ALA C 3   . ? 1_555 ? 
12 AC2 8 PHE B 4  ? PHE C 4   . ? 1_555 ? 
13 AC2 8 HOH F .  ? HOH C 97  . ? 1_555 ? 
14 AC2 8 HOH F .  ? HOH C 125 . ? 1_555 ? 
# 
_pdbx_entry_details.entry_id                   3AUG 
_pdbx_entry_details.sequence_details           
;THIS SEQUENCE IS A SIMPLIFIED BPTI VARIANT WITH 21 ALANINES, 
AND IT HAS BEEN STABILIZED WITH THE A14G AND A38V MUTATIONS.
FIVE PRO RESIDUE TAG AT THE C-TERMINUS.
;
_pdbx_entry_details.nonpolymer_details         ? 
_pdbx_entry_details.compound_details           ? 
_pdbx_entry_details.source_details             ? 
_pdbx_entry_details.has_ligand_of_interest     ? 
_pdbx_entry_details.has_protein_modification   Y 
# 
_pdbx_validate_close_contact.id               1 
_pdbx_validate_close_contact.PDB_model_num    1 
_pdbx_validate_close_contact.auth_atom_id_1   O 
_pdbx_validate_close_contact.auth_asym_id_1   C 
_pdbx_validate_close_contact.auth_comp_id_1   HOH 
_pdbx_validate_close_contact.auth_seq_id_1    144 
_pdbx_validate_close_contact.PDB_ins_code_1   ? 
_pdbx_validate_close_contact.label_alt_id_1   ? 
_pdbx_validate_close_contact.auth_atom_id_2   O 
_pdbx_validate_close_contact.auth_asym_id_2   C 
_pdbx_validate_close_contact.auth_comp_id_2   HOH 
_pdbx_validate_close_contact.auth_seq_id_2    174 
_pdbx_validate_close_contact.PDB_ins_code_2   ? 
_pdbx_validate_close_contact.label_alt_id_2   ? 
_pdbx_validate_close_contact.dist             1.97 
# 
_pdbx_validate_torsion.id              1 
_pdbx_validate_torsion.PDB_model_num   1 
_pdbx_validate_torsion.auth_comp_id    ASN 
_pdbx_validate_torsion.auth_asym_id    A 
_pdbx_validate_torsion.auth_seq_id     44 
_pdbx_validate_torsion.PDB_ins_code    ? 
_pdbx_validate_torsion.label_alt_id    ? 
_pdbx_validate_torsion.phi             -160.43 
_pdbx_validate_torsion.psi             105.49 
# 
_pdbx_struct_special_symmetry.id              1 
_pdbx_struct_special_symmetry.PDB_model_num   1 
_pdbx_struct_special_symmetry.auth_asym_id    A 
_pdbx_struct_special_symmetry.auth_comp_id    HOH 
_pdbx_struct_special_symmetry.auth_seq_id     99 
_pdbx_struct_special_symmetry.PDB_ins_code    ? 
_pdbx_struct_special_symmetry.label_asym_id   E 
_pdbx_struct_special_symmetry.label_comp_id   HOH 
_pdbx_struct_special_symmetry.label_seq_id    . 
# 
loop_
_pdbx_unobs_or_zero_occ_residues.id 
_pdbx_unobs_or_zero_occ_residues.PDB_model_num 
_pdbx_unobs_or_zero_occ_residues.polymer_flag 
_pdbx_unobs_or_zero_occ_residues.occupancy_flag 
_pdbx_unobs_or_zero_occ_residues.auth_asym_id 
_pdbx_unobs_or_zero_occ_residues.auth_comp_id 
_pdbx_unobs_or_zero_occ_residues.auth_seq_id 
_pdbx_unobs_or_zero_occ_residues.PDB_ins_code 
_pdbx_unobs_or_zero_occ_residues.label_asym_id 
_pdbx_unobs_or_zero_occ_residues.label_comp_id 
_pdbx_unobs_or_zero_occ_residues.label_seq_id 
1  1 Y 1 A GLY 60 ? A GLY 60 
2  1 Y 1 A PRO 61 ? A PRO 61 
3  1 Y 1 A PRO 62 ? A PRO 62 
4  1 Y 1 A PRO 63 ? A PRO 63 
5  1 Y 1 A PRO 64 ? A PRO 64 
6  1 Y 1 A PRO 65 ? A PRO 65 
7  1 Y 1 C ALA 57 ? B ALA 57 
8  1 Y 1 C ALA 58 ? B ALA 58 
9  1 Y 1 C GLY 59 ? B GLY 59 
10 1 Y 1 C GLY 60 ? B GLY 60 
11 1 Y 1 C PRO 61 ? B PRO 61 
12 1 Y 1 C PRO 62 ? B PRO 62 
13 1 Y 1 C PRO 63 ? B PRO 63 
14 1 Y 1 C PRO 64 ? B PRO 64 
15 1 Y 1 C PRO 65 ? B PRO 65 
# 
loop_
_chem_comp_atom.comp_id 
_chem_comp_atom.atom_id 
_chem_comp_atom.type_symbol 
_chem_comp_atom.pdbx_aromatic_flag 
_chem_comp_atom.pdbx_stereo_config 
_chem_comp_atom.pdbx_ordinal 
ALA N    N N N 1   
ALA CA   C N S 2   
ALA C    C N N 3   
ALA O    O N N 4   
ALA CB   C N N 5   
ALA OXT  O N N 6   
ALA H    H N N 7   
ALA H2   H N N 8   
ALA HA   H N N 9   
ALA HB1  H N N 10  
ALA HB2  H N N 11  
ALA HB3  H N N 12  
ALA HXT  H N N 13  
ARG N    N N N 14  
ARG CA   C N S 15  
ARG C    C N N 16  
ARG O    O N N 17  
ARG CB   C N N 18  
ARG CG   C N N 19  
ARG CD   C N N 20  
ARG NE   N N N 21  
ARG CZ   C N N 22  
ARG NH1  N N N 23  
ARG NH2  N N N 24  
ARG OXT  O N N 25  
ARG H    H N N 26  
ARG H2   H N N 27  
ARG HA   H N N 28  
ARG HB2  H N N 29  
ARG HB3  H N N 30  
ARG HG2  H N N 31  
ARG HG3  H N N 32  
ARG HD2  H N N 33  
ARG HD3  H N N 34  
ARG HE   H N N 35  
ARG HH11 H N N 36  
ARG HH12 H N N 37  
ARG HH21 H N N 38  
ARG HH22 H N N 39  
ARG HXT  H N N 40  
ASN N    N N N 41  
ASN CA   C N S 42  
ASN C    C N N 43  
ASN O    O N N 44  
ASN CB   C N N 45  
ASN CG   C N N 46  
ASN OD1  O N N 47  
ASN ND2  N N N 48  
ASN OXT  O N N 49  
ASN H    H N N 50  
ASN H2   H N N 51  
ASN HA   H N N 52  
ASN HB2  H N N 53  
ASN HB3  H N N 54  
ASN HD21 H N N 55  
ASN HD22 H N N 56  
ASN HXT  H N N 57  
ASP N    N N N 58  
ASP CA   C N S 59  
ASP C    C N N 60  
ASP O    O N N 61  
ASP CB   C N N 62  
ASP CG   C N N 63  
ASP OD1  O N N 64  
ASP OD2  O N N 65  
ASP OXT  O N N 66  
ASP H    H N N 67  
ASP H2   H N N 68  
ASP HA   H N N 69  
ASP HB2  H N N 70  
ASP HB3  H N N 71  
ASP HD2  H N N 72  
ASP HXT  H N N 73  
CYS N    N N N 74  
CYS CA   C N R 75  
CYS C    C N N 76  
CYS O    O N N 77  
CYS CB   C N N 78  
CYS SG   S N N 79  
CYS OXT  O N N 80  
CYS H    H N N 81  
CYS H2   H N N 82  
CYS HA   H N N 83  
CYS HB2  H N N 84  
CYS HB3  H N N 85  
CYS HG   H N N 86  
CYS HXT  H N N 87  
GLN N    N N N 88  
GLN CA   C N S 89  
GLN C    C N N 90  
GLN O    O N N 91  
GLN CB   C N N 92  
GLN CG   C N N 93  
GLN CD   C N N 94  
GLN OE1  O N N 95  
GLN NE2  N N N 96  
GLN OXT  O N N 97  
GLN H    H N N 98  
GLN H2   H N N 99  
GLN HA   H N N 100 
GLN HB2  H N N 101 
GLN HB3  H N N 102 
GLN HG2  H N N 103 
GLN HG3  H N N 104 
GLN HE21 H N N 105 
GLN HE22 H N N 106 
GLN HXT  H N N 107 
GLU N    N N N 108 
GLU CA   C N S 109 
GLU C    C N N 110 
GLU O    O N N 111 
GLU CB   C N N 112 
GLU CG   C N N 113 
GLU CD   C N N 114 
GLU OE1  O N N 115 
GLU OE2  O N N 116 
GLU OXT  O N N 117 
GLU H    H N N 118 
GLU H2   H N N 119 
GLU HA   H N N 120 
GLU HB2  H N N 121 
GLU HB3  H N N 122 
GLU HG2  H N N 123 
GLU HG3  H N N 124 
GLU HE2  H N N 125 
GLU HXT  H N N 126 
GLY N    N N N 127 
GLY CA   C N N 128 
GLY C    C N N 129 
GLY O    O N N 130 
GLY OXT  O N N 131 
GLY H    H N N 132 
GLY H2   H N N 133 
GLY HA2  H N N 134 
GLY HA3  H N N 135 
GLY HXT  H N N 136 
HOH O    O N N 137 
HOH H1   H N N 138 
HOH H2   H N N 139 
ILE N    N N N 140 
ILE CA   C N S 141 
ILE C    C N N 142 
ILE O    O N N 143 
ILE CB   C N S 144 
ILE CG1  C N N 145 
ILE CG2  C N N 146 
ILE CD1  C N N 147 
ILE OXT  O N N 148 
ILE H    H N N 149 
ILE H2   H N N 150 
ILE HA   H N N 151 
ILE HB   H N N 152 
ILE HG12 H N N 153 
ILE HG13 H N N 154 
ILE HG21 H N N 155 
ILE HG22 H N N 156 
ILE HG23 H N N 157 
ILE HD11 H N N 158 
ILE HD12 H N N 159 
ILE HD13 H N N 160 
ILE HXT  H N N 161 
LEU N    N N N 162 
LEU CA   C N S 163 
LEU C    C N N 164 
LEU O    O N N 165 
LEU CB   C N N 166 
LEU CG   C N N 167 
LEU CD1  C N N 168 
LEU CD2  C N N 169 
LEU OXT  O N N 170 
LEU H    H N N 171 
LEU H2   H N N 172 
LEU HA   H N N 173 
LEU HB2  H N N 174 
LEU HB3  H N N 175 
LEU HG   H N N 176 
LEU HD11 H N N 177 
LEU HD12 H N N 178 
LEU HD13 H N N 179 
LEU HD21 H N N 180 
LEU HD22 H N N 181 
LEU HD23 H N N 182 
LEU HXT  H N N 183 
LYS N    N N N 184 
LYS CA   C N S 185 
LYS C    C N N 186 
LYS O    O N N 187 
LYS CB   C N N 188 
LYS CG   C N N 189 
LYS CD   C N N 190 
LYS CE   C N N 191 
LYS NZ   N N N 192 
LYS OXT  O N N 193 
LYS H    H N N 194 
LYS H2   H N N 195 
LYS HA   H N N 196 
LYS HB2  H N N 197 
LYS HB3  H N N 198 
LYS HG2  H N N 199 
LYS HG3  H N N 200 
LYS HD2  H N N 201 
LYS HD3  H N N 202 
LYS HE2  H N N 203 
LYS HE3  H N N 204 
LYS HZ1  H N N 205 
LYS HZ2  H N N 206 
LYS HZ3  H N N 207 
LYS HXT  H N N 208 
PHE N    N N N 209 
PHE CA   C N S 210 
PHE C    C N N 211 
PHE O    O N N 212 
PHE CB   C N N 213 
PHE CG   C Y N 214 
PHE CD1  C Y N 215 
PHE CD2  C Y N 216 
PHE CE1  C Y N 217 
PHE CE2  C Y N 218 
PHE CZ   C Y N 219 
PHE OXT  O N N 220 
PHE H    H N N 221 
PHE H2   H N N 222 
PHE HA   H N N 223 
PHE HB2  H N N 224 
PHE HB3  H N N 225 
PHE HD1  H N N 226 
PHE HD2  H N N 227 
PHE HE1  H N N 228 
PHE HE2  H N N 229 
PHE HZ   H N N 230 
PHE HXT  H N N 231 
PRO N    N N N 232 
PRO CA   C N S 233 
PRO C    C N N 234 
PRO O    O N N 235 
PRO CB   C N N 236 
PRO CG   C N N 237 
PRO CD   C N N 238 
PRO OXT  O N N 239 
PRO H    H N N 240 
PRO HA   H N N 241 
PRO HB2  H N N 242 
PRO HB3  H N N 243 
PRO HG2  H N N 244 
PRO HG3  H N N 245 
PRO HD2  H N N 246 
PRO HD3  H N N 247 
PRO HXT  H N N 248 
SER N    N N N 249 
SER CA   C N S 250 
SER C    C N N 251 
SER O    O N N 252 
SER CB   C N N 253 
SER OG   O N N 254 
SER OXT  O N N 255 
SER H    H N N 256 
SER H2   H N N 257 
SER HA   H N N 258 
SER HB2  H N N 259 
SER HB3  H N N 260 
SER HG   H N N 261 
SER HXT  H N N 262 
SO4 S    S N N 263 
SO4 O1   O N N 264 
SO4 O2   O N N 265 
SO4 O3   O N N 266 
SO4 O4   O N N 267 
TYR N    N N N 268 
TYR CA   C N S 269 
TYR C    C N N 270 
TYR O    O N N 271 
TYR CB   C N N 272 
TYR CG   C Y N 273 
TYR CD1  C Y N 274 
TYR CD2  C Y N 275 
TYR CE1  C Y N 276 
TYR CE2  C Y N 277 
TYR CZ   C Y N 278 
TYR OH   O N N 279 
TYR OXT  O N N 280 
TYR H    H N N 281 
TYR H2   H N N 282 
TYR HA   H N N 283 
TYR HB2  H N N 284 
TYR HB3  H N N 285 
TYR HD1  H N N 286 
TYR HD2  H N N 287 
TYR HE1  H N N 288 
TYR HE2  H N N 289 
TYR HH   H N N 290 
TYR HXT  H N N 291 
VAL N    N N N 292 
VAL CA   C N S 293 
VAL C    C N N 294 
VAL O    O N N 295 
VAL CB   C N N 296 
VAL CG1  C N N 297 
VAL CG2  C N N 298 
VAL OXT  O N N 299 
VAL H    H N N 300 
VAL H2   H N N 301 
VAL HA   H N N 302 
VAL HB   H N N 303 
VAL HG11 H N N 304 
VAL HG12 H N N 305 
VAL HG13 H N N 306 
VAL HG21 H N N 307 
VAL HG22 H N N 308 
VAL HG23 H N N 309 
VAL HXT  H N N 310 
# 
loop_
_chem_comp_bond.comp_id 
_chem_comp_bond.atom_id_1 
_chem_comp_bond.atom_id_2 
_chem_comp_bond.value_order 
_chem_comp_bond.pdbx_aromatic_flag 
_chem_comp_bond.pdbx_stereo_config 
_chem_comp_bond.pdbx_ordinal 
ALA N   CA   sing N N 1   
ALA N   H    sing N N 2   
ALA N   H2   sing N N 3   
ALA CA  C    sing N N 4   
ALA CA  CB   sing N N 5   
ALA CA  HA   sing N N 6   
ALA C   O    doub N N 7   
ALA C   OXT  sing N N 8   
ALA CB  HB1  sing N N 9   
ALA CB  HB2  sing N N 10  
ALA CB  HB3  sing N N 11  
ALA OXT HXT  sing N N 12  
ARG N   CA   sing N N 13  
ARG N   H    sing N N 14  
ARG N   H2   sing N N 15  
ARG CA  C    sing N N 16  
ARG CA  CB   sing N N 17  
ARG CA  HA   sing N N 18  
ARG C   O    doub N N 19  
ARG C   OXT  sing N N 20  
ARG CB  CG   sing N N 21  
ARG CB  HB2  sing N N 22  
ARG CB  HB3  sing N N 23  
ARG CG  CD   sing N N 24  
ARG CG  HG2  sing N N 25  
ARG CG  HG3  sing N N 26  
ARG CD  NE   sing N N 27  
ARG CD  HD2  sing N N 28  
ARG CD  HD3  sing N N 29  
ARG NE  CZ   sing N N 30  
ARG NE  HE   sing N N 31  
ARG CZ  NH1  sing N N 32  
ARG CZ  NH2  doub N N 33  
ARG NH1 HH11 sing N N 34  
ARG NH1 HH12 sing N N 35  
ARG NH2 HH21 sing N N 36  
ARG NH2 HH22 sing N N 37  
ARG OXT HXT  sing N N 38  
ASN N   CA   sing N N 39  
ASN N   H    sing N N 40  
ASN N   H2   sing N N 41  
ASN CA  C    sing N N 42  
ASN CA  CB   sing N N 43  
ASN CA  HA   sing N N 44  
ASN C   O    doub N N 45  
ASN C   OXT  sing N N 46  
ASN CB  CG   sing N N 47  
ASN CB  HB2  sing N N 48  
ASN CB  HB3  sing N N 49  
ASN CG  OD1  doub N N 50  
ASN CG  ND2  sing N N 51  
ASN ND2 HD21 sing N N 52  
ASN ND2 HD22 sing N N 53  
ASN OXT HXT  sing N N 54  
ASP N   CA   sing N N 55  
ASP N   H    sing N N 56  
ASP N   H2   sing N N 57  
ASP CA  C    sing N N 58  
ASP CA  CB   sing N N 59  
ASP CA  HA   sing N N 60  
ASP C   O    doub N N 61  
ASP C   OXT  sing N N 62  
ASP CB  CG   sing N N 63  
ASP CB  HB2  sing N N 64  
ASP CB  HB3  sing N N 65  
ASP CG  OD1  doub N N 66  
ASP CG  OD2  sing N N 67  
ASP OD2 HD2  sing N N 68  
ASP OXT HXT  sing N N 69  
CYS N   CA   sing N N 70  
CYS N   H    sing N N 71  
CYS N   H2   sing N N 72  
CYS CA  C    sing N N 73  
CYS CA  CB   sing N N 74  
CYS CA  HA   sing N N 75  
CYS C   O    doub N N 76  
CYS C   OXT  sing N N 77  
CYS CB  SG   sing N N 78  
CYS CB  HB2  sing N N 79  
CYS CB  HB3  sing N N 80  
CYS SG  HG   sing N N 81  
CYS OXT HXT  sing N N 82  
GLN N   CA   sing N N 83  
GLN N   H    sing N N 84  
GLN N   H2   sing N N 85  
GLN CA  C    sing N N 86  
GLN CA  CB   sing N N 87  
GLN CA  HA   sing N N 88  
GLN C   O    doub N N 89  
GLN C   OXT  sing N N 90  
GLN CB  CG   sing N N 91  
GLN CB  HB2  sing N N 92  
GLN CB  HB3  sing N N 93  
GLN CG  CD   sing N N 94  
GLN CG  HG2  sing N N 95  
GLN CG  HG3  sing N N 96  
GLN CD  OE1  doub N N 97  
GLN CD  NE2  sing N N 98  
GLN NE2 HE21 sing N N 99  
GLN NE2 HE22 sing N N 100 
GLN OXT HXT  sing N N 101 
GLU N   CA   sing N N 102 
GLU N   H    sing N N 103 
GLU N   H2   sing N N 104 
GLU CA  C    sing N N 105 
GLU CA  CB   sing N N 106 
GLU CA  HA   sing N N 107 
GLU C   O    doub N N 108 
GLU C   OXT  sing N N 109 
GLU CB  CG   sing N N 110 
GLU CB  HB2  sing N N 111 
GLU CB  HB3  sing N N 112 
GLU CG  CD   sing N N 113 
GLU CG  HG2  sing N N 114 
GLU CG  HG3  sing N N 115 
GLU CD  OE1  doub N N 116 
GLU CD  OE2  sing N N 117 
GLU OE2 HE2  sing N N 118 
GLU OXT HXT  sing N N 119 
GLY N   CA   sing N N 120 
GLY N   H    sing N N 121 
GLY N   H2   sing N N 122 
GLY CA  C    sing N N 123 
GLY CA  HA2  sing N N 124 
GLY CA  HA3  sing N N 125 
GLY C   O    doub N N 126 
GLY C   OXT  sing N N 127 
GLY OXT HXT  sing N N 128 
HOH O   H1   sing N N 129 
HOH O   H2   sing N N 130 
ILE N   CA   sing N N 131 
ILE N   H    sing N N 132 
ILE N   H2   sing N N 133 
ILE CA  C    sing N N 134 
ILE CA  CB   sing N N 135 
ILE CA  HA   sing N N 136 
ILE C   O    doub N N 137 
ILE C   OXT  sing N N 138 
ILE CB  CG1  sing N N 139 
ILE CB  CG2  sing N N 140 
ILE CB  HB   sing N N 141 
ILE CG1 CD1  sing N N 142 
ILE CG1 HG12 sing N N 143 
ILE CG1 HG13 sing N N 144 
ILE CG2 HG21 sing N N 145 
ILE CG2 HG22 sing N N 146 
ILE CG2 HG23 sing N N 147 
ILE CD1 HD11 sing N N 148 
ILE CD1 HD12 sing N N 149 
ILE CD1 HD13 sing N N 150 
ILE OXT HXT  sing N N 151 
LEU N   CA   sing N N 152 
LEU N   H    sing N N 153 
LEU N   H2   sing N N 154 
LEU CA  C    sing N N 155 
LEU CA  CB   sing N N 156 
LEU CA  HA   sing N N 157 
LEU C   O    doub N N 158 
LEU C   OXT  sing N N 159 
LEU CB  CG   sing N N 160 
LEU CB  HB2  sing N N 161 
LEU CB  HB3  sing N N 162 
LEU CG  CD1  sing N N 163 
LEU CG  CD2  sing N N 164 
LEU CG  HG   sing N N 165 
LEU CD1 HD11 sing N N 166 
LEU CD1 HD12 sing N N 167 
LEU CD1 HD13 sing N N 168 
LEU CD2 HD21 sing N N 169 
LEU CD2 HD22 sing N N 170 
LEU CD2 HD23 sing N N 171 
LEU OXT HXT  sing N N 172 
LYS N   CA   sing N N 173 
LYS N   H    sing N N 174 
LYS N   H2   sing N N 175 
LYS CA  C    sing N N 176 
LYS CA  CB   sing N N 177 
LYS CA  HA   sing N N 178 
LYS C   O    doub N N 179 
LYS C   OXT  sing N N 180 
LYS CB  CG   sing N N 181 
LYS CB  HB2  sing N N 182 
LYS CB  HB3  sing N N 183 
LYS CG  CD   sing N N 184 
LYS CG  HG2  sing N N 185 
LYS CG  HG3  sing N N 186 
LYS CD  CE   sing N N 187 
LYS CD  HD2  sing N N 188 
LYS CD  HD3  sing N N 189 
LYS CE  NZ   sing N N 190 
LYS CE  HE2  sing N N 191 
LYS CE  HE3  sing N N 192 
LYS NZ  HZ1  sing N N 193 
LYS NZ  HZ2  sing N N 194 
LYS NZ  HZ3  sing N N 195 
LYS OXT HXT  sing N N 196 
PHE N   CA   sing N N 197 
PHE N   H    sing N N 198 
PHE N   H2   sing N N 199 
PHE CA  C    sing N N 200 
PHE CA  CB   sing N N 201 
PHE CA  HA   sing N N 202 
PHE C   O    doub N N 203 
PHE C   OXT  sing N N 204 
PHE CB  CG   sing N N 205 
PHE CB  HB2  sing N N 206 
PHE CB  HB3  sing N N 207 
PHE CG  CD1  doub Y N 208 
PHE CG  CD2  sing Y N 209 
PHE CD1 CE1  sing Y N 210 
PHE CD1 HD1  sing N N 211 
PHE CD2 CE2  doub Y N 212 
PHE CD2 HD2  sing N N 213 
PHE CE1 CZ   doub Y N 214 
PHE CE1 HE1  sing N N 215 
PHE CE2 CZ   sing Y N 216 
PHE CE2 HE2  sing N N 217 
PHE CZ  HZ   sing N N 218 
PHE OXT HXT  sing N N 219 
PRO N   CA   sing N N 220 
PRO N   CD   sing N N 221 
PRO N   H    sing N N 222 
PRO CA  C    sing N N 223 
PRO CA  CB   sing N N 224 
PRO CA  HA   sing N N 225 
PRO C   O    doub N N 226 
PRO C   OXT  sing N N 227 
PRO CB  CG   sing N N 228 
PRO CB  HB2  sing N N 229 
PRO CB  HB3  sing N N 230 
PRO CG  CD   sing N N 231 
PRO CG  HG2  sing N N 232 
PRO CG  HG3  sing N N 233 
PRO CD  HD2  sing N N 234 
PRO CD  HD3  sing N N 235 
PRO OXT HXT  sing N N 236 
SER N   CA   sing N N 237 
SER N   H    sing N N 238 
SER N   H2   sing N N 239 
SER CA  C    sing N N 240 
SER CA  CB   sing N N 241 
SER CA  HA   sing N N 242 
SER C   O    doub N N 243 
SER C   OXT  sing N N 244 
SER CB  OG   sing N N 245 
SER CB  HB2  sing N N 246 
SER CB  HB3  sing N N 247 
SER OG  HG   sing N N 248 
SER OXT HXT  sing N N 249 
SO4 S   O1   doub N N 250 
SO4 S   O2   doub N N 251 
SO4 S   O3   sing N N 252 
SO4 S   O4   sing N N 253 
TYR N   CA   sing N N 254 
TYR N   H    sing N N 255 
TYR N   H2   sing N N 256 
TYR CA  C    sing N N 257 
TYR CA  CB   sing N N 258 
TYR CA  HA   sing N N 259 
TYR C   O    doub N N 260 
TYR C   OXT  sing N N 261 
TYR CB  CG   sing N N 262 
TYR CB  HB2  sing N N 263 
TYR CB  HB3  sing N N 264 
TYR CG  CD1  doub Y N 265 
TYR CG  CD2  sing Y N 266 
TYR CD1 CE1  sing Y N 267 
TYR CD1 HD1  sing N N 268 
TYR CD2 CE2  doub Y N 269 
TYR CD2 HD2  sing N N 270 
TYR CE1 CZ   doub Y N 271 
TYR CE1 HE1  sing N N 272 
TYR CE2 CZ   sing Y N 273 
TYR CE2 HE2  sing N N 274 
TYR CZ  OH   sing N N 275 
TYR OH  HH   sing N N 276 
TYR OXT HXT  sing N N 277 
VAL N   CA   sing N N 278 
VAL N   H    sing N N 279 
VAL N   H2   sing N N 280 
VAL CA  C    sing N N 281 
VAL CA  CB   sing N N 282 
VAL CA  HA   sing N N 283 
VAL C   O    doub N N 284 
VAL C   OXT  sing N N 285 
VAL CB  CG1  sing N N 286 
VAL CB  CG2  sing N N 287 
VAL CB  HB   sing N N 288 
VAL CG1 HG11 sing N N 289 
VAL CG1 HG12 sing N N 290 
VAL CG1 HG13 sing N N 291 
VAL CG2 HG21 sing N N 292 
VAL CG2 HG22 sing N N 293 
VAL CG2 HG23 sing N N 294 
VAL OXT HXT  sing N N 295 
# 
_pdbx_initial_refinement_model.id               1 
_pdbx_initial_refinement_model.entity_id_list   ? 
_pdbx_initial_refinement_model.type             'experimental model' 
_pdbx_initial_refinement_model.source_name      PDB 
_pdbx_initial_refinement_model.accession_code   4PTI 
_pdbx_initial_refinement_model.details          ? 
# 
_atom_sites.entry_id                    3AUG 
_atom_sites.fract_transf_matrix[1][1]   0.00226621 
_atom_sites.fract_transf_matrix[1][2]   -0.01608476 
_atom_sites.fract_transf_matrix[1][3]   -0.00239399 
_atom_sites.fract_transf_matrix[2][1]   -0.00290717 
_atom_sites.fract_transf_matrix[2][2]   0.00260333 
_atom_sites.fract_transf_matrix[2][3]   -0.02024328 
_atom_sites.fract_transf_matrix[3][1]   0.02790061 
_atom_sites.fract_transf_matrix[3][2]   -0.00478588 
_atom_sites.fract_transf_matrix[3][3]   -0.00462233 
_atom_sites.fract_transf_vector[1]      -0.281610 
_atom_sites.fract_transf_vector[2]      -0.003083 
_atom_sites.fract_transf_vector[3]      -0.124096 
# 
loop_
_atom_type.symbol 
C 
N 
O 
S 
# 
loop_
_atom_site.group_PDB 
_atom_site.id 
_atom_site.type_symbol 
_atom_site.label_atom_id 
_atom_site.label_alt_id 
_atom_site.label_comp_id 
_atom_site.label_asym_id 
_atom_site.label_entity_id 
_atom_site.label_seq_id 
_atom_site.pdbx_PDB_ins_code 
_atom_site.Cartn_x 
_atom_site.Cartn_y 
_atom_site.Cartn_z 
_atom_site.occupancy 
_atom_site.B_iso_or_equiv 
_atom_site.pdbx_formal_charge 
_atom_site.auth_seq_id 
_atom_site.auth_comp_id 
_atom_site.auth_asym_id 
_atom_site.auth_atom_id 
_atom_site.pdbx_PDB_model_num 
ATOM   1    N N   . ARG A 1 1  ? -1.397  10.212  10.709  1.00 14.10  ? 1   ARG A N   1 
ATOM   2    C CA  . ARG A 1 1  ? -0.990  9.460   9.482   1.00 12.71  ? 1   ARG A CA  1 
ATOM   3    C C   . ARG A 1 1  ? -1.539  8.025   9.543   1.00 12.38  ? 1   ARG A C   1 
ATOM   4    O O   . ARG A 1 1  ? -1.831  7.532   10.632  1.00 12.89  ? 1   ARG A O   1 
ATOM   5    C CB  . ARG A 1 1  ? 0.542   9.480   9.322   1.00 12.83  ? 1   ARG A CB  1 
ATOM   6    C CG  . ARG A 1 1  ? 1.314   8.587   10.288  1.00 12.72  ? 1   ARG A CG  1 
ATOM   7    C CD  . ARG A 1 1  ? 2.809   8.890   10.296  1.00 13.20  ? 1   ARG A CD  1 
ATOM   8    N NE  . ARG A 1 1  ? 3.148   9.904   11.300  1.00 17.53  ? 1   ARG A NE  1 
ATOM   9    C CZ  . ARG A 1 1  ? 3.656   11.116  11.067  1.00 15.99  ? 1   ARG A CZ  1 
ATOM   10   N NH1 . ARG A 1 1  ? 3.939   11.539  9.835   1.00 15.73  ? 1   ARG A NH1 1 
ATOM   11   N NH2 . ARG A 1 1  ? 3.906   11.917  12.094  1.00 17.51  ? 1   ARG A NH2 1 
ATOM   12   N N   . PRO A 1 2  ? -1.680  7.349   8.384   1.00 11.37  ? 2   PRO A N   1 
ATOM   13   C CA  . PRO A 1 2  ? -2.115  5.949   8.407   1.00 10.96  ? 2   PRO A CA  1 
ATOM   14   C C   . PRO A 1 2  ? -1.209  5.040   9.230   1.00 10.39  ? 2   PRO A C   1 
ATOM   15   O O   . PRO A 1 2  ? 0.008   5.220   9.256   1.00 10.09  ? 2   PRO A O   1 
ATOM   16   C CB  . PRO A 1 2  ? -2.056  5.534   6.932   1.00 11.42  ? 2   PRO A CB  1 
ATOM   17   C CG  . PRO A 1 2  ? -2.176  6.799   6.190   1.00 11.64  ? 2   PRO A CG  1 
ATOM   18   C CD  . PRO A 1 2  ? -1.490  7.834   7.002   1.00 11.59  ? 2   PRO A CD  1 
ATOM   19   N N   . ALA A 1 3  ? -1.816  4.055   9.890   1.00 9.65   ? 3   ALA A N   1 
ATOM   20   C CA  . ALA A 1 3  ? -1.066  3.099   10.701  1.00 9.66   ? 3   ALA A CA  1 
ATOM   21   C C   . ALA A 1 3  ? 0.016   2.379   9.896   1.00 9.28   ? 3   ALA A C   1 
ATOM   22   O O   . ALA A 1 3  ? 1.065   2.047   10.436  1.00 10.03  ? 3   ALA A O   1 
ATOM   23   C CB  . ALA A 1 3  ? -2.014  2.090   11.344  1.00 9.99   ? 3   ALA A CB  1 
ATOM   24   N N   . PHE A 1 4  ? -0.223  2.154   8.603   1.00 8.89   ? 4   PHE A N   1 
ATOM   25   C CA  . PHE A 1 4  ? 0.782   1.443   7.814   1.00 8.96   ? 4   PHE A CA  1 
ATOM   26   C C   . PHE A 1 4  ? 2.112   2.185   7.713   1.00 8.67   ? 4   PHE A C   1 
ATOM   27   O O   . PHE A 1 4  ? 3.148   1.572   7.460   1.00 8.59   ? 4   PHE A O   1 
ATOM   28   C CB  . PHE A 1 4  ? 0.253   1.009   6.432   1.00 9.23   ? 4   PHE A CB  1 
ATOM   29   C CG  . PHE A 1 4  ? 0.008   2.134   5.456   1.00 9.21   ? 4   PHE A CG  1 
ATOM   30   C CD1 . PHE A 1 4  ? 1.063   2.827   4.869   1.00 9.94   ? 4   PHE A CD1 1 
ATOM   31   C CD2 . PHE A 1 4  ? -1.291  2.461   5.088   1.00 9.90   ? 4   PHE A CD2 1 
ATOM   32   C CE1 . PHE A 1 4  ? 0.813   3.845   3.942   1.00 10.69  ? 4   PHE A CE1 1 
ATOM   33   C CE2 . PHE A 1 4  ? -1.547  3.472   4.164   1.00 10.28  ? 4   PHE A CE2 1 
ATOM   34   C CZ  . PHE A 1 4  ? -0.494  4.169   3.600   1.00 10.48  ? 4   PHE A CZ  1 
ATOM   35   N N   . CYS A 1 5  ? 2.072   3.495   7.953   1.00 8.02   ? 5   CYS A N   1 
ATOM   36   C CA  . CYS A 1 5  ? 3.276   4.316   7.940   1.00 8.30   ? 5   CYS A CA  1 
ATOM   37   C C   . CYS A 1 5  ? 4.231   3.999   9.076   1.00 8.50   ? 5   CYS A C   1 
ATOM   38   O O   . CYS A 1 5  ? 5.396   4.400   9.027   1.00 8.07   ? 5   CYS A O   1 
ATOM   39   C CB  . CYS A 1 5  ? 2.898   5.788   8.022   1.00 7.78   ? 5   CYS A CB  1 
ATOM   40   S SG  . CYS A 1 5  ? 1.868   6.325   6.643   1.00 10.10  ? 5   CYS A SG  1 
ATOM   41   N N   . LEU A 1 6  ? 3.728   3.298   10.095  1.00 8.91   ? 6   LEU A N   1 
ATOM   42   C CA  . LEU A 1 6  ? 4.534   2.919   11.260  1.00 10.26  ? 6   LEU A CA  1 
ATOM   43   C C   . LEU A 1 6  ? 5.135   1.525   11.102  1.00 10.92  ? 6   LEU A C   1 
ATOM   44   O O   . LEU A 1 6  ? 5.864   1.063   11.994  1.00 11.79  ? 6   LEU A O   1 
ATOM   45   C CB  . LEU A 1 6  ? 3.688   2.998   12.544  1.00 10.55  ? 6   LEU A CB  1 
ATOM   46   C CG  . LEU A 1 6  ? 2.854   4.264   12.762  1.00 12.85  ? 6   LEU A CG  1 
ATOM   47   C CD1 . LEU A 1 6  ? 2.056   4.141   14.059  1.00 14.38  ? 6   LEU A CD1 1 
ATOM   48   C CD2 . LEU A 1 6  ? 3.693   5.543   12.753  1.00 13.85  ? 6   LEU A CD2 1 
ATOM   49   N N   . GLU A 1 7  ? 4.835   0.860   9.984   1.00 11.47  ? 7   GLU A N   1 
ATOM   50   C CA  A GLU A 1 7  ? 5.355   -0.487  9.700   1.00 12.51  ? 7   GLU A CA  1 
ATOM   51   C CA  B GLU A 1 7  ? 5.348   -0.585  9.704   0.00 12.24  ? 7   GLU A CA  1 
ATOM   52   C C   . GLU A 1 7  ? 6.824   -0.410  9.320   1.00 11.98  ? 7   GLU A C   1 
ATOM   53   O O   . GLU A 1 7  ? 7.208   0.422   8.496   1.00 10.98  ? 7   GLU A O   1 
ATOM   54   C CB  A GLU A 1 7  ? 4.672   -1.124  8.481   1.00 13.05  ? 7   GLU A CB  1 
ATOM   55   C CB  B GLU A 1 7  ? 4.661   -1.237  8.488   0.00 12.62  ? 7   GLU A CB  1 
ATOM   56   C CG  A GLU A 1 7  ? 3.189   -1.422  8.528   1.00 14.89  ? 7   GLU A CG  1 
ATOM   57   C CG  B GLU A 1 7  ? 3.179   -1.562  8.552   0.00 14.93  ? 7   GLU A CG  1 
ATOM   58   C CD  A GLU A 1 7  ? 2.639   -1.830  7.155   1.00 14.77  ? 7   GLU A CD  1 
ATOM   59   C CD  B GLU A 1 7  ? 2.615   -1.433  9.979   0.00 14.32  ? 7   GLU A CD  1 
ATOM   60   O OE1 A GLU A 1 7  ? 1.566   -2.467  7.125   1.00 18.96  ? 7   GLU A OE1 1 
ATOM   61   O OE2 A GLU A 1 7  ? 3.275   -1.514  6.108   1.00 13.75  ? 7   GLU A OE2 1 
ATOM   62   N N   . PRO A 1 8  ? 7.650   -1.306  9.876   1.00 11.45  ? 8   PRO A N   1 
ATOM   63   C CA  . PRO A 1 8  ? 8.991   -1.535  9.355   1.00 11.50  ? 8   PRO A CA  1 
ATOM   64   C C   . PRO A 1 8  ? 8.953   -1.948  7.866   1.00 10.92  ? 8   PRO A C   1 
ATOM   65   O O   . PRO A 1 8  ? 7.939   -2.488  7.411   1.00 11.10  ? 8   PRO A O   1 
ATOM   66   C CB  . PRO A 1 8  ? 9.503   -2.683  10.240  1.00 12.03  ? 8   PRO A CB  1 
ATOM   67   C CG  . PRO A 1 8  ? 8.736   -2.518  11.523  1.00 12.93  ? 8   PRO A CG  1 
ATOM   68   C CD  . PRO A 1 8  ? 7.376   -2.109  11.083  1.00 12.09  ? 8   PRO A CD  1 
ATOM   69   N N   . PRO A 1 9  ? 10.048  -1.712  7.116   1.00 10.30  ? 9   PRO A N   1 
ATOM   70   C CA  . PRO A 1 9  ? 10.082  -2.121  5.710   1.00 10.35  ? 9   PRO A CA  1 
ATOM   71   C C   . PRO A 1 9  ? 10.028  -3.635  5.563   1.00 10.14  ? 9   PRO A C   1 
ATOM   72   O O   . PRO A 1 9  ? 10.650  -4.365  6.348   1.00 9.72   ? 9   PRO A O   1 
ATOM   73   C CB  . PRO A 1 9  ? 11.445  -1.612  5.226   1.00 10.76  ? 9   PRO A CB  1 
ATOM   74   C CG  . PRO A 1 9  ? 12.286  -1.576  6.489   1.00 11.08  ? 9   PRO A CG  1 
ATOM   75   C CD  . PRO A 1 9  ? 11.324  -1.093  7.530   1.00 10.71  ? 9   PRO A CD  1 
ATOM   76   N N   . TYR A 1 10 ? 9.306   -4.098  4.548   1.00 9.16   ? 10  TYR A N   1 
ATOM   77   C CA  . TYR A 1 10 ? 9.165   -5.521  4.316   1.00 9.39   ? 10  TYR A CA  1 
ATOM   78   C C   . TYR A 1 10 ? 9.757   -5.925  2.964   1.00 8.84   ? 10  TYR A C   1 
ATOM   79   O O   . TYR A 1 10 ? 9.129   -5.813  1.914   1.00 8.43   ? 10  TYR A O   1 
ATOM   80   C CB  . TYR A 1 10 ? 7.703   -5.943  4.458   1.00 9.85   ? 10  TYR A CB  1 
ATOM   81   C CG  . TYR A 1 10 ? 7.482   -7.435  4.363   1.00 10.17  ? 10  TYR A CG  1 
ATOM   82   C CD1 . TYR A 1 10 ? 7.846   -8.285  5.409   1.00 11.62  ? 10  TYR A CD1 1 
ATOM   83   C CD2 . TYR A 1 10 ? 6.907   -7.997  3.225   1.00 10.32  ? 10  TYR A CD2 1 
ATOM   84   C CE1 . TYR A 1 10 ? 7.640   -9.672  5.314   1.00 13.10  ? 10  TYR A CE1 1 
ATOM   85   C CE2 . TYR A 1 10 ? 6.702   -9.363  3.122   1.00 11.47  ? 10  TYR A CE2 1 
ATOM   86   C CZ  . TYR A 1 10 ? 7.066   -10.192 4.161   1.00 12.03  ? 10  TYR A CZ  1 
ATOM   87   O OH  . TYR A 1 10 ? 6.857   -11.557 4.043   1.00 14.30  ? 10  TYR A OH  1 
ATOM   88   N N   . ALA A 1 11 ? 11.007  -6.370  2.999   1.00 8.59   ? 11  ALA A N   1 
ATOM   89   C CA  . ALA A 1 11 ? 11.665  -6.859  1.791   1.00 8.66   ? 11  ALA A CA  1 
ATOM   90   C C   . ALA A 1 11 ? 10.931  -8.061  1.192   1.00 8.90   ? 11  ALA A C   1 
ATOM   91   O O   . ALA A 1 11 ? 10.826  -8.190  -0.037  1.00 8.44   ? 11  ALA A O   1 
ATOM   92   C CB  . ALA A 1 11 ? 13.110  -7.221  2.101   1.00 9.05   ? 11  ALA A CB  1 
ATOM   93   N N   . GLY A 1 12 ? 10.437  -8.934  2.066   1.00 9.19   ? 12  GLY A N   1 
ATOM   94   C CA  . GLY A 1 12 ? 9.729   -10.131 1.642   1.00 9.83   ? 12  GLY A CA  1 
ATOM   95   C C   . GLY A 1 12 ? 10.650  -11.236 1.157   1.00 10.29  ? 12  GLY A C   1 
ATOM   96   O O   . GLY A 1 12 ? 11.881  -11.085 1.134   1.00 10.04  ? 12  GLY A O   1 
ATOM   97   N N   . PRO A 1 13 ? 10.053  -12.368 0.780   1.00 10.55  ? 13  PRO A N   1 
ATOM   98   C CA  . PRO A 1 13 ? 10.795  -13.561 0.412   1.00 11.17  ? 13  PRO A CA  1 
ATOM   99   C C   . PRO A 1 13 ? 11.230  -13.644 -1.054  1.00 11.03  ? 13  PRO A C   1 
ATOM   100  O O   . PRO A 1 13 ? 11.840  -14.642 -1.436  1.00 11.70  ? 13  PRO A O   1 
ATOM   101  C CB  . PRO A 1 13 ? 9.794   -14.676 0.724   1.00 11.36  ? 13  PRO A CB  1 
ATOM   102  C CG  . PRO A 1 13 ? 8.468   -14.065 0.371   1.00 11.62  ? 13  PRO A CG  1 
ATOM   103  C CD  . PRO A 1 13 ? 8.595   -12.597 0.769   1.00 10.72  ? 13  PRO A CD  1 
ATOM   104  N N   . GLY A 1 14 ? 10.944  -12.622 -1.864  1.00 10.89  ? 14  GLY A N   1 
ATOM   105  C CA  . GLY A 1 14 ? 11.226  -12.646 -3.305  1.00 11.42  ? 14  GLY A CA  1 
ATOM   106  C C   . GLY A 1 14 ? 12.674  -12.384 -3.688  1.00 11.64  ? 14  GLY A C   1 
ATOM   107  O O   . GLY A 1 14 ? 13.445  -11.803 -2.903  1.00 11.86  ? 14  GLY A O   1 
ATOM   108  N N   . LYS A 1 15 ? 13.043  -12.788 -4.904  1.00 11.51  ? 15  LYS A N   1 
ATOM   109  C CA  . LYS A 1 15 ? 14.427  -12.648 -5.373  1.00 11.83  ? 15  LYS A CA  1 
ATOM   110  C C   . LYS A 1 15 ? 14.675  -11.416 -6.259  1.00 12.06  ? 15  LYS A C   1 
ATOM   111  O O   . LYS A 1 15 ? 15.808  -11.165 -6.669  1.00 11.68  ? 15  LYS A O   1 
ATOM   112  C CB  . LYS A 1 15 ? 14.909  -13.942 -6.048  1.00 12.84  ? 15  LYS A CB  1 
ATOM   113  C CG  . LYS A 1 15 ? 14.226  -14.280 -7.342  1.00 14.24  ? 15  LYS A CG  1 
ATOM   114  C CD  . LYS A 1 15 ? 14.707  -15.634 -7.851  1.00 15.89  ? 15  LYS A CD  1 
ATOM   115  C CE  . LYS A 1 15 ? 13.806  -16.110 -8.964  1.00 18.29  ? 15  LYS A CE  1 
ATOM   116  N NZ  . LYS A 1 15 ? 14.294  -17.380 -9.563  1.00 19.70  ? 15  LYS A NZ  1 
ATOM   117  N N   . ALA A 1 16 ? 13.641  -10.627 -6.544  1.00 11.67  ? 16  ALA A N   1 
ATOM   118  C CA  . ALA A 1 16 ? 13.860  -9.378  -7.280  1.00 11.07  ? 16  ALA A CA  1 
ATOM   119  C C   . ALA A 1 16 ? 14.714  -8.404  -6.455  1.00 10.82  ? 16  ALA A C   1 
ATOM   120  O O   . ALA A 1 16 ? 14.863  -8.563  -5.240  1.00 10.85  ? 16  ALA A O   1 
ATOM   121  C CB  . ALA A 1 16 ? 12.533  -8.732  -7.687  1.00 11.42  ? 16  ALA A CB  1 
ATOM   122  N N   . ARG A 1 17 ? 15.281  -7.412  -7.135  1.00 10.94  ? 17  ARG A N   1 
ATOM   123  C CA  . ARG A 1 17 ? 16.176  -6.426  -6.533  1.00 10.96  ? 17  ARG A CA  1 
ATOM   124  C C   . ARG A 1 17 ? 15.685  -5.029  -6.885  1.00 11.77  ? 17  ARG A C   1 
ATOM   125  O O   . ARG A 1 17 ? 16.237  -4.359  -7.759  1.00 13.60  ? 17  ARG A O   1 
ATOM   126  C CB  . ARG A 1 17 ? 17.611  -6.650  -7.024  1.00 10.90  ? 17  ARG A CB  1 
ATOM   127  C CG  . ARG A 1 17 ? 18.199  -7.941  -6.521  1.00 10.75  ? 17  ARG A CG  1 
ATOM   128  C CD  . ARG A 1 17 ? 19.511  -8.373  -7.196  1.00 10.23  ? 17  ARG A CD  1 
ATOM   129  N NE  . ARG A 1 17 ? 19.903  -9.555  -6.454  1.00 9.67   ? 17  ARG A NE  1 
ATOM   130  C CZ  . ARG A 1 17 ? 20.640  -9.547  -5.353  1.00 9.57   ? 17  ARG A CZ  1 
ATOM   131  N NH1 . ARG A 1 17 ? 21.222  -8.422  -4.929  1.00 9.29   ? 17  ARG A NH1 1 
ATOM   132  N NH2 . ARG A 1 17 ? 20.820  -10.686 -4.706  1.00 10.51  ? 17  ARG A NH2 1 
ATOM   133  N N   . ILE A 1 18 ? 14.617  -4.608  -6.213  1.00 11.49  ? 18  ILE A N   1 
ATOM   134  C CA  . ILE A 1 18 ? 13.915  -3.375  -6.559  1.00 11.68  ? 18  ILE A CA  1 
ATOM   135  C C   . ILE A 1 18 ? 14.090  -2.365  -5.431  1.00 11.25  ? 18  ILE A C   1 
ATOM   136  O O   . ILE A 1 18 ? 13.735  -2.637  -4.284  1.00 11.24  ? 18  ILE A O   1 
ATOM   137  C CB  . ILE A 1 18 ? 12.402  -3.635  -6.783  1.00 11.97  ? 18  ILE A CB  1 
ATOM   138  C CG1 . ILE A 1 18 ? 12.176  -4.786  -7.775  1.00 12.62  ? 18  ILE A CG1 1 
ATOM   139  C CG2 . ILE A 1 18 ? 11.710  -2.356  -7.246  1.00 11.81  ? 18  ILE A CG2 1 
ATOM   140  C CD1 . ILE A 1 18 ? 10.767  -5.357  -7.750  1.00 13.22  ? 18  ILE A CD1 1 
ATOM   141  N N   . ILE A 1 19 ? 14.652  -1.204  -5.742  1.00 10.57  ? 19  ILE A N   1 
ATOM   142  C CA  . ILE A 1 19 ? 14.740  -0.159  -4.739  1.00 10.81  ? 19  ILE A CA  1 
ATOM   143  C C   . ILE A 1 19 ? 13.367  0.489   -4.561  1.00 9.87   ? 19  ILE A C   1 
ATOM   144  O O   . ILE A 1 19 ? 12.751  0.958   -5.520  1.00 10.60  ? 19  ILE A O   1 
ATOM   145  C CB  . ILE A 1 19 ? 15.823  0.881   -5.078  1.00 11.13  ? 19  ILE A CB  1 
ATOM   146  C CG1 . ILE A 1 19 ? 17.189  0.186   -5.086  1.00 13.62  ? 19  ILE A CG1 1 
ATOM   147  C CG2 . ILE A 1 19 ? 15.763  2.074   -4.111  1.00 11.38  ? 19  ILE A CG2 1 
ATOM   148  C CD1 . ILE A 1 19 ? 18.359  1.091   -5.113  1.00 16.71  ? 19  ILE A CD1 1 
ATOM   149  N N   . ARG A 1 20 ? 12.895  0.462   -3.320  1.00 8.70   ? 20  ARG A N   1 
ATOM   150  C CA  A ARG A 1 20 ? 11.629  1.079   -2.944  0.50 8.27   ? 20  ARG A CA  1 
ATOM   151  C CA  B ARG A 1 20 ? 11.630  1.070   -2.944  0.50 8.22   ? 20  ARG A CA  1 
ATOM   152  C C   . ARG A 1 20 ? 11.858  1.946   -1.723  1.00 7.80   ? 20  ARG A C   1 
ATOM   153  O O   . ARG A 1 20 ? 12.948  1.938   -1.147  1.00 8.01   ? 20  ARG A O   1 
ATOM   154  C CB  A ARG A 1 20 ? 10.565  0.019   -2.642  0.50 8.40   ? 20  ARG A CB  1 
ATOM   155  C CB  B ARG A 1 20 ? 10.590  -0.012  -2.646  0.50 8.35   ? 20  ARG A CB  1 
ATOM   156  C CG  A ARG A 1 20 ? 10.122  -0.795  -3.850  0.50 8.48   ? 20  ARG A CG  1 
ATOM   157  C CG  B ARG A 1 20 ? 10.327  -0.956  -3.822  0.50 8.13   ? 20  ARG A CG  1 
ATOM   158  C CD  A ARG A 1 20 ? 9.215   0.000   -4.798  0.50 9.63   ? 20  ARG A CD  1 
ATOM   159  C CD  B ARG A 1 20 ? 9.538   -0.278  -4.934  0.50 9.23   ? 20  ARG A CD  1 
ATOM   160  N NE  A ARG A 1 20 ? 8.860   -0.794  -5.973  0.50 9.68   ? 20  ARG A NE  1 
ATOM   161  N NE  B ARG A 1 20 ? 8.164   -0.024  -4.518  0.50 7.53   ? 20  ARG A NE  1 
ATOM   162  C CZ  A ARG A 1 20 ? 7.876   -1.693  -6.010  0.50 9.70   ? 20  ARG A CZ  1 
ATOM   163  C CZ  B ARG A 1 20 ? 7.214   0.467   -5.310  0.50 7.03   ? 20  ARG A CZ  1 
ATOM   164  N NH1 A ARG A 1 20 ? 7.127   -1.916  -4.940  0.50 8.45   ? 20  ARG A NH1 1 
ATOM   165  N NH1 B ARG A 1 20 ? 7.482   0.770   -6.574  0.50 8.04   ? 20  ARG A NH1 1 
ATOM   166  N NH2 A ARG A 1 20 ? 7.638   -2.376  -7.125  0.50 9.24   ? 20  ARG A NH2 1 
ATOM   167  N NH2 B ARG A 1 20 ? 5.990   0.667   -4.831  0.50 7.18   ? 20  ARG A NH2 1 
ATOM   168  N N   . TYR A 1 21 ? 10.836  2.706   -1.340  1.00 7.36   ? 21  TYR A N   1 
ATOM   169  C CA  . TYR A 1 21 ? 10.928  3.597   -0.183  1.00 7.75   ? 21  TYR A CA  1 
ATOM   170  C C   . TYR A 1 21 ? 9.874   3.269   0.839   1.00 7.54   ? 21  TYR A C   1 
ATOM   171  O O   . TYR A 1 21 ? 8.748   2.894   0.487   1.00 7.38   ? 21  TYR A O   1 
ATOM   172  C CB  . TYR A 1 21 ? 10.807  5.060   -0.625  1.00 8.53   ? 21  TYR A CB  1 
ATOM   173  C CG  . TYR A 1 21 ? 12.005  5.447   -1.445  1.00 9.64   ? 21  TYR A CG  1 
ATOM   174  C CD1 . TYR A 1 21 ? 12.092  5.096   -2.794  1.00 9.61   ? 21  TYR A CD1 1 
ATOM   175  C CD2 . TYR A 1 21 ? 13.087  6.089   -0.861  1.00 9.86   ? 21  TYR A CD2 1 
ATOM   176  C CE1 . TYR A 1 21 ? 13.219  5.397   -3.550  1.00 11.46  ? 21  TYR A CE1 1 
ATOM   177  C CE2 . TYR A 1 21 ? 14.222  6.398   -1.609  1.00 11.65  ? 21  TYR A CE2 1 
ATOM   178  C CZ  . TYR A 1 21 ? 14.273  6.049   -2.946  1.00 11.46  ? 21  TYR A CZ  1 
ATOM   179  O OH  . TYR A 1 21 ? 15.395  6.348   -3.691  1.00 13.94  ? 21  TYR A OH  1 
ATOM   180  N N   . PHE A 1 22 ? 10.250  3.390   2.109   1.00 7.35   ? 22  PHE A N   1 
ATOM   181  C CA  . PHE A 1 22 ? 9.284   3.336   3.191   1.00 7.06   ? 22  PHE A CA  1 
ATOM   182  C C   . PHE A 1 22 ? 9.370   4.635   3.983   1.00 6.68   ? 22  PHE A C   1 
ATOM   183  O O   . PHE A 1 22 ? 10.404  5.321   3.965   1.00 7.28   ? 22  PHE A O   1 
ATOM   184  C CB  . PHE A 1 22 ? 9.497   2.106   4.100   1.00 7.64   ? 22  PHE A CB  1 
ATOM   185  C CG  . PHE A 1 22 ? 10.751  2.154   4.949   1.00 7.46   ? 22  PHE A CG  1 
ATOM   186  C CD1 . PHE A 1 22 ? 10.675  2.442   6.306   1.00 7.44   ? 22  PHE A CD1 1 
ATOM   187  C CD2 . PHE A 1 22 ? 11.994  1.859   4.403   1.00 8.04   ? 22  PHE A CD2 1 
ATOM   188  C CE1 . PHE A 1 22 ? 11.834  2.465   7.101   1.00 8.83   ? 22  PHE A CE1 1 
ATOM   189  C CE2 . PHE A 1 22 ? 13.145  1.879   5.191   1.00 8.42   ? 22  PHE A CE2 1 
ATOM   190  C CZ  . PHE A 1 22 ? 13.061  2.178   6.540   1.00 8.88   ? 22  PHE A CZ  1 
ATOM   191  N N   . TYR A 1 23 ? 8.278   4.986   4.650   1.00 6.90   ? 23  TYR A N   1 
ATOM   192  C CA  . TYR A 1 23 ? 8.327   6.075   5.607   1.00 6.79   ? 23  TYR A CA  1 
ATOM   193  C C   . TYR A 1 23 ? 8.878   5.539   6.912   1.00 7.30   ? 23  TYR A C   1 
ATOM   194  O O   . TYR A 1 23 ? 8.300   4.626   7.496   1.00 7.70   ? 23  TYR A O   1 
ATOM   195  C CB  . TYR A 1 23 ? 6.944   6.681   5.829   1.00 7.54   ? 23  TYR A CB  1 
ATOM   196  C CG  . TYR A 1 23 ? 6.981   7.858   6.769   1.00 7.57   ? 23  TYR A CG  1 
ATOM   197  C CD1 . TYR A 1 23 ? 6.477   7.760   8.070   1.00 7.24   ? 23  TYR A CD1 1 
ATOM   198  C CD2 . TYR A 1 23 ? 7.556   9.060   6.376   1.00 8.09   ? 23  TYR A CD2 1 
ATOM   199  C CE1 . TYR A 1 23 ? 6.534   8.843   8.941   1.00 7.29   ? 23  TYR A CE1 1 
ATOM   200  C CE2 . TYR A 1 23 ? 7.617   10.145  7.237   1.00 8.41   ? 23  TYR A CE2 1 
ATOM   201  C CZ  . TYR A 1 23 ? 7.114   10.026  8.515   1.00 8.73   ? 23  TYR A CZ  1 
ATOM   202  O OH  . TYR A 1 23 ? 7.187   11.118  9.359   1.00 9.82   ? 23  TYR A OH  1 
ATOM   203  N N   . ASN A 1 24 ? 10.007  6.095   7.341   1.00 7.23   ? 24  ASN A N   1 
ATOM   204  C CA  . ASN A 1 24 ? 10.603  5.738   8.629   1.00 7.42   ? 24  ASN A CA  1 
ATOM   205  C C   . ASN A 1 24 ? 10.087  6.733   9.657   1.00 7.57   ? 24  ASN A C   1 
ATOM   206  O O   . ASN A 1 24 ? 10.577  7.858   9.754   1.00 7.66   ? 24  ASN A O   1 
ATOM   207  C CB  . ASN A 1 24 ? 12.130  5.753   8.533   1.00 7.67   ? 24  ASN A CB  1 
ATOM   208  C CG  . ASN A 1 24 ? 12.810  5.375   9.840   1.00 8.31   ? 24  ASN A CG  1 
ATOM   209  O OD1 . ASN A 1 24 ? 12.218  5.437   10.909  1.00 9.82   ? 24  ASN A OD1 1 
ATOM   210  N ND2 . ASN A 1 24 ? 14.083  4.992   9.747   1.00 11.50  ? 24  ASN A ND2 1 
ATOM   211  N N   . ALA A 1 25 ? 9.058   6.329   10.401  1.00 8.39   ? 25  ALA A N   1 
ATOM   212  C CA  . ALA A 1 25 ? 8.410   7.241   11.332  1.00 9.56   ? 25  ALA A CA  1 
ATOM   213  C C   . ALA A 1 25 ? 9.336   7.686   12.462  1.00 9.91   ? 25  ALA A C   1 
ATOM   214  O O   . ALA A 1 25 ? 9.257   8.838   12.899  1.00 10.82  ? 25  ALA A O   1 
ATOM   215  C CB  . ALA A 1 25 ? 7.134   6.631   11.883  1.00 10.54  ? 25  ALA A CB  1 
ATOM   216  N N   . ALA A 1 26 ? 10.227  6.794   12.900  1.00 10.23  ? 26  ALA A N   1 
ATOM   217  C CA  . ALA A 1 26 ? 11.196  7.122   13.948  1.00 10.32  ? 26  ALA A CA  1 
ATOM   218  C C   . ALA A 1 26 ? 12.104  8.264   13.511  1.00 10.34  ? 26  ALA A C   1 
ATOM   219  O O   . ALA A 1 26 ? 12.360  9.196   14.277  1.00 10.78  ? 26  ALA A O   1 
ATOM   220  C CB  . ALA A 1 26 ? 12.024  5.903   14.299  1.00 10.94  ? 26  ALA A CB  1 
ATOM   221  N N   . ALA A 1 27 ? 12.580  8.186   12.271  1.00 10.00  ? 27  ALA A N   1 
ATOM   222  C CA  . ALA A 1 27 ? 13.453  9.209   11.692  1.00 9.97   ? 27  ALA A CA  1 
ATOM   223  C C   . ALA A 1 27 ? 12.693  10.433  11.155  1.00 9.56   ? 27  ALA A C   1 
ATOM   224  O O   . ALA A 1 27 ? 13.295  11.477  10.910  1.00 10.71  ? 27  ALA A O   1 
ATOM   225  C CB  . ALA A 1 27 ? 14.303  8.597   10.584  1.00 10.70  ? 27  ALA A CB  1 
ATOM   226  N N   . GLY A 1 28 ? 11.388  10.286  10.938  1.00 9.19   ? 28  GLY A N   1 
ATOM   227  C CA  . GLY A 1 28 ? 10.580  11.318  10.279  1.00 9.08   ? 28  GLY A CA  1 
ATOM   228  C C   . GLY A 1 28 ? 11.042  11.576  8.855   1.00 8.90   ? 28  GLY A C   1 
ATOM   229  O O   . GLY A 1 28 ? 11.095  12.728  8.415   1.00 9.52   ? 28  GLY A O   1 
ATOM   230  N N   . ALA A 1 29 ? 11.392  10.511  8.138   1.00 8.17   ? 29  ALA A N   1 
ATOM   231  C CA  . ALA A 1 29 ? 11.945  10.652  6.796   1.00 8.09   ? 29  ALA A CA  1 
ATOM   232  C C   . ALA A 1 29 ? 11.677  9.425   5.948   1.00 7.98   ? 29  ALA A C   1 
ATOM   233  O O   . ALA A 1 29 ? 11.525  8.329   6.476   1.00 7.56   ? 29  ALA A O   1 
ATOM   234  C CB  . ALA A 1 29 ? 13.441  10.913  6.874   1.00 8.78   ? 29  ALA A CB  1 
ATOM   235  N N   . ALA A 1 30 ? 11.639  9.616   4.632   1.00 7.85   ? 30  ALA A N   1 
ATOM   236  C CA  . ALA A 1 30 ? 11.630  8.509   3.691   1.00 8.23   ? 30  ALA A CA  1 
ATOM   237  C C   . ALA A 1 30 ? 12.981  7.799   3.750   1.00 8.64   ? 30  ALA A C   1 
ATOM   238  O O   . ALA A 1 30 ? 14.016  8.415   4.047   1.00 9.82   ? 30  ALA A O   1 
ATOM   239  C CB  . ALA A 1 30 ? 11.371  9.019   2.283   1.00 8.89   ? 30  ALA A CB  1 
ATOM   240  N N   . GLN A 1 31 ? 12.975  6.500   3.464   1.00 8.36   ? 31  GLN A N   1 
ATOM   241  C CA  . GLN A 1 31 ? 14.210  5.727   3.445   1.00 8.57   ? 31  GLN A CA  1 
ATOM   242  C C   . GLN A 1 31 ? 14.106  4.618   2.408   1.00 8.08   ? 31  GLN A C   1 
ATOM   243  O O   . GLN A 1 31 ? 13.042  4.019   2.237   1.00 8.27   ? 31  GLN A O   1 
ATOM   244  C CB  . GLN A 1 31 ? 14.491  5.155   4.836   1.00 9.16   ? 31  GLN A CB  1 
ATOM   245  C CG  . GLN A 1 31 ? 15.778  4.346   4.950   1.00 11.17  ? 31  GLN A CG  1 
ATOM   246  C CD  . GLN A 1 31 ? 16.113  3.994   6.374   1.00 14.46  ? 31  GLN A CD  1 
ATOM   247  O OE1 . GLN A 1 31 ? 15.634  4.633   7.303   1.00 15.95  ? 31  GLN A OE1 1 
ATOM   248  N NE2 . GLN A 1 31 ? 16.940  2.973   6.555   1.00 16.89  ? 31  GLN A NE2 1 
ATOM   249  N N   . ALA A 1 32 ? 15.218  4.328   1.738   1.00 8.17   ? 32  ALA A N   1 
ATOM   250  C CA  . ALA A 1 32 ? 15.267  3.275   0.728   1.00 8.06   ? 32  ALA A CA  1 
ATOM   251  C C   . ALA A 1 32 ? 15.442  1.894   1.344   1.00 8.09   ? 32  ALA A C   1 
ATOM   252  O O   . ALA A 1 32 ? 16.073  1.743   2.394   1.00 8.89   ? 32  ALA A O   1 
ATOM   253  C CB  . ALA A 1 32 ? 16.381  3.553   -0.272  1.00 8.48   ? 32  ALA A CB  1 
ATOM   254  N N   . PHE A 1 33 ? 14.877  0.892   0.675   1.00 7.62   ? 33  PHE A N   1 
ATOM   255  C CA  . PHE A 1 33 ? 15.100  -0.506  1.018   1.00 7.74   ? 33  PHE A CA  1 
ATOM   256  C C   . PHE A 1 33 ? 15.021  -1.349  -0.237  1.00 7.36   ? 33  PHE A C   1 
ATOM   257  O O   . PHE A 1 33 ? 14.550  -0.877  -1.275  1.00 7.82   ? 33  PHE A O   1 
ATOM   258  C CB  . PHE A 1 33 ? 14.133  -0.994  2.110   1.00 7.84   ? 33  PHE A CB  1 
ATOM   259  C CG  . PHE A 1 33 ? 12.709  -1.249  1.649   1.00 7.17   ? 33  PHE A CG  1 
ATOM   260  C CD1 . PHE A 1 33 ? 12.250  -2.551  1.483   1.00 7.69   ? 33  PHE A CD1 1 
ATOM   261  C CD2 . PHE A 1 33 ? 11.815  -0.192  1.446   1.00 7.47   ? 33  PHE A CD2 1 
ATOM   262  C CE1 . PHE A 1 33 ? 10.931  -2.789  1.105   1.00 7.72   ? 33  PHE A CE1 1 
ATOM   263  C CE2 . PHE A 1 33 ? 10.498  -0.427  1.058   1.00 7.74   ? 33  PHE A CE2 1 
ATOM   264  C CZ  . PHE A 1 33 ? 10.057  -1.725  0.896   1.00 6.68   ? 33  PHE A CZ  1 
ATOM   265  N N   . VAL A 1 34 ? 15.477  -2.593  -0.147  1.00 7.79   ? 34  VAL A N   1 
ATOM   266  C CA  . VAL A 1 34 ? 15.451  -3.495  -1.295  1.00 7.84   ? 34  VAL A CA  1 
ATOM   267  C C   . VAL A 1 34 ? 14.250  -4.422  -1.186  1.00 8.00   ? 34  VAL A C   1 
ATOM   268  O O   . VAL A 1 34 ? 14.150  -5.224  -0.249  1.00 8.30   ? 34  VAL A O   1 
ATOM   269  C CB  . VAL A 1 34 ? 16.743  -4.346  -1.409  1.00 7.91   ? 34  VAL A CB  1 
ATOM   270  C CG1 . VAL A 1 34 ? 16.722  -5.141  -2.705  1.00 8.98   ? 34  VAL A CG1 1 
ATOM   271  C CG2 . VAL A 1 34 ? 17.995  -3.460  -1.369  1.00 8.50   ? 34  VAL A CG2 1 
ATOM   272  N N   . TYR A 1 35 ? 13.339  -4.289  -2.140  1.00 8.19   ? 35  TYR A N   1 
ATOM   273  C CA  . TYR A 1 35 ? 12.121  -5.080  -2.165  1.00 8.27   ? 35  TYR A CA  1 
ATOM   274  C C   . TYR A 1 35 ? 12.285  -6.267  -3.120  1.00 8.58   ? 35  TYR A C   1 
ATOM   275  O O   . TYR A 1 35 ? 12.811  -6.108  -4.229  1.00 9.15   ? 35  TYR A O   1 
ATOM   276  C CB  . TYR A 1 35 ? 10.933  -4.185  -2.550  1.00 8.20   ? 35  TYR A CB  1 
ATOM   277  C CG  . TYR A 1 35 ? 9.651   -4.941  -2.820  1.00 7.44   ? 35  TYR A CG  1 
ATOM   278  C CD1 . TYR A 1 35 ? 9.116   -5.817  -1.875  1.00 7.71   ? 35  TYR A CD1 1 
ATOM   279  C CD2 . TYR A 1 35 ? 8.969   -4.778  -4.028  1.00 8.09   ? 35  TYR A CD2 1 
ATOM   280  C CE1 . TYR A 1 35 ? 7.949   -6.531  -2.135  1.00 7.82   ? 35  TYR A CE1 1 
ATOM   281  C CE2 . TYR A 1 35 ? 7.794   -5.473  -4.288  1.00 7.92   ? 35  TYR A CE2 1 
ATOM   282  C CZ  . TYR A 1 35 ? 7.290   -6.349  -3.340  1.00 8.39   ? 35  TYR A CZ  1 
ATOM   283  O OH  . TYR A 1 35 ? 6.129   -7.055  -3.599  1.00 9.76   ? 35  TYR A OH  1 
ATOM   284  N N   . GLY A 1 36 ? 11.850  -7.446  -2.677  1.00 8.59   ? 36  GLY A N   1 
ATOM   285  C CA  . GLY A 1 36 ? 12.059  -8.697  -3.421  1.00 9.18   ? 36  GLY A CA  1 
ATOM   286  C C   . GLY A 1 36 ? 11.011  -9.015  -4.472  1.00 10.38  ? 36  GLY A C   1 
ATOM   287  O O   . GLY A 1 36 ? 11.100  -10.049 -5.143  1.00 10.19  ? 36  GLY A O   1 
ATOM   288  N N   . GLY A 1 37 ? 10.010  -8.152  -4.618  1.00 10.40  ? 37  GLY A N   1 
ATOM   289  C CA  . GLY A 1 37 ? 9.040   -8.317  -5.692  1.00 11.63  ? 37  GLY A CA  1 
ATOM   290  C C   . GLY A 1 37 ? 7.784   -9.098  -5.375  1.00 12.26  ? 37  GLY A C   1 
ATOM   291  O O   . GLY A 1 37 ? 6.881   -9.165  -6.228  1.00 13.77  ? 37  GLY A O   1 
ATOM   292  N N   . VAL A 1 38 ? 7.717   -9.715  -4.190  1.00 12.10  ? 38  VAL A N   1 
ATOM   293  C CA  A VAL A 1 38 ? 6.503   -10.429 -3.788  0.50 12.44  ? 38  VAL A CA  1 
ATOM   294  C CA  B VAL A 1 38 ? 6.534   -10.486 -3.776  0.50 12.74  ? 38  VAL A CA  1 
ATOM   295  C C   . VAL A 1 38 ? 6.066   -10.134 -2.355  1.00 12.65  ? 38  VAL A C   1 
ATOM   296  O O   . VAL A 1 38 ? 6.889   -9.884  -1.460  1.00 12.34  ? 38  VAL A O   1 
ATOM   297  C CB  A VAL A 1 38 ? 6.588   -11.964 -4.022  0.50 13.10  ? 38  VAL A CB  1 
ATOM   298  C CB  B VAL A 1 38 ? 6.720   -12.050 -3.937  0.50 13.34  ? 38  VAL A CB  1 
ATOM   299  C CG1 A VAL A 1 38 ? 6.624   -12.296 -5.518  0.50 12.55  ? 38  VAL A CG1 1 
ATOM   300  C CG1 B VAL A 1 38 ? 7.821   -12.399 -4.931  0.50 13.71  ? 38  VAL A CG1 1 
ATOM   301  C CG2 A VAL A 1 38 ? 7.768   -12.559 -3.300  0.50 12.26  ? 38  VAL A CG2 1 
ATOM   302  C CG2 B VAL A 1 38 ? 6.979   -12.745 -2.608  0.50 13.79  ? 38  VAL A CG2 1 
ATOM   303  N N   . ARG A 1 39 ? 4.749   -10.136 -2.164  1.00 12.19  ? 39  ARG A N   1 
ATOM   304  C CA  . ARG A 1 39 ? 4.108   -9.939  -0.859  1.00 12.45  ? 39  ARG A CA  1 
ATOM   305  C C   . ARG A 1 39 ? 4.367   -8.565  -0.235  1.00 11.61  ? 39  ARG A C   1 
ATOM   306  O O   . ARG A 1 39 ? 4.465   -8.447  0.983   1.00 11.60  ? 39  ARG A O   1 
ATOM   307  C CB  . ARG A 1 39 ? 4.470   -11.069 0.122   1.00 13.26  ? 39  ARG A CB  1 
ATOM   308  C CG  . ARG A 1 39 ? 3.947   -12.448 -0.281  1.00 16.92  ? 39  ARG A CG  1 
ATOM   309  C CD  . ARG A 1 39 ? 3.563   -13.268 0.945   1.00 22.85  ? 39  ARG A CD  1 
ATOM   310  N NE  . ARG A 1 39 ? 4.650   -14.103 1.454   1.00 26.69  ? 39  ARG A NE  1 
ATOM   311  C CZ  . ARG A 1 39 ? 4.946   -15.321 0.998   1.00 28.53  ? 39  ARG A CZ  1 
ATOM   312  N NH1 . ARG A 1 39 ? 5.947   -16.002 1.540   1.00 29.60  ? 39  ARG A NH1 1 
ATOM   313  N NH2 . ARG A 1 39 ? 4.254   -15.859 -0.001  1.00 29.41  ? 39  ARG A NH2 1 
ATOM   314  N N   . ALA A 1 40 ? 4.444   -7.528  -1.064  1.00 10.68  ? 40  ALA A N   1 
ATOM   315  C CA  . ALA A 1 40 ? 4.625   -6.159  -0.561  1.00 10.29  ? 40  ALA A CA  1 
ATOM   316  C C   . ALA A 1 40 ? 3.611   -5.822  0.512   1.00 10.40  ? 40  ALA A C   1 
ATOM   317  O O   . ALA A 1 40 ? 2.425   -6.134  0.385   1.00 10.71  ? 40  ALA A O   1 
ATOM   318  C CB  . ALA A 1 40 ? 4.505   -5.152  -1.688  1.00 10.27  ? 40  ALA A CB  1 
ATOM   319  N N   . LYS A 1 41 ? 4.086   -5.179  1.569   1.00 9.23   ? 41  LYS A N   1 
ATOM   320  C CA  . LYS A 1 41 ? 3.203   -4.538  2.541   1.00 9.58   ? 41  LYS A CA  1 
ATOM   321  C C   . LYS A 1 41 ? 3.016   -3.084  2.151   1.00 8.70   ? 41  LYS A C   1 
ATOM   322  O O   . LYS A 1 41 ? 3.622   -2.620  1.182   1.00 8.59   ? 41  LYS A O   1 
ATOM   323  C CB  . LYS A 1 41 ? 3.746   -4.685  3.957   1.00 9.81   ? 41  LYS A CB  1 
ATOM   324  C CG  . LYS A 1 41 ? 3.823   -6.139  4.382   1.00 11.70  ? 41  LYS A CG  1 
ATOM   325  C CD  . LYS A 1 41 ? 4.085   -6.323  5.870   1.00 15.66  ? 41  LYS A CD  1 
ATOM   326  C CE  . LYS A 1 41 ? 4.259   -7.804  6.207   1.00 18.12  ? 41  LYS A CE  1 
ATOM   327  N NZ  . LYS A 1 41 ? 3.107   -8.650  5.761   1.00 21.30  ? 41  LYS A NZ  1 
ATOM   328  N N   . ARG A 1 42 ? 2.179   -2.357  2.894   1.00 8.17   ? 42  ARG A N   1 
ATOM   329  C CA  . ARG A 1 42 ? 1.694   -1.061  2.421   1.00 7.57   ? 42  ARG A CA  1 
ATOM   330  C C   . ARG A 1 42 ? 2.722   0.067   2.469   1.00 7.06   ? 42  ARG A C   1 
ATOM   331  O O   . ARG A 1 42 ? 2.656   0.988   1.667   1.00 6.93   ? 42  ARG A O   1 
ATOM   332  C CB  . ARG A 1 42 ? 0.417   -0.665  3.160   1.00 7.67   ? 42  ARG A CB  1 
ATOM   333  C CG  . ARG A 1 42 ? -0.732  -1.609  2.833   1.00 8.15   ? 42  ARG A CG  1 
ATOM   334  C CD  . ARG A 1 42 ? -1.941  -1.363  3.697   1.00 8.33   ? 42  ARG A CD  1 
ATOM   335  N NE  . ARG A 1 42 ? -3.014  -2.290  3.334   1.00 8.19   ? 42  ARG A NE  1 
ATOM   336  C CZ  . ARG A 1 42 ? -3.493  -3.253  4.113   1.00 10.85  ? 42  ARG A CZ  1 
ATOM   337  N NH1 . ARG A 1 42 ? -3.022  -3.438  5.341   1.00 14.47  ? 42  ARG A NH1 1 
ATOM   338  N NH2 . ARG A 1 42 ? -4.466  -4.032  3.658   1.00 10.78  ? 42  ARG A NH2 1 
ATOM   339  N N   . ASN A 1 43 ? 3.684   -0.024  3.386   1.00 7.13   ? 43  ASN A N   1 
ATOM   340  C CA  . ASN A 1 43 ? 4.726   0.997   3.506   1.00 6.82   ? 43  ASN A CA  1 
ATOM   341  C C   . ASN A 1 43 ? 5.847   0.712   2.513   1.00 6.90   ? 43  ASN A C   1 
ATOM   342  O O   . ASN A 1 43 ? 6.953   0.297   2.863   1.00 6.90   ? 43  ASN A O   1 
ATOM   343  C CB  . ASN A 1 43 ? 5.235   1.063   4.945   1.00 7.17   ? 43  ASN A CB  1 
ATOM   344  C CG  . ASN A 1 43 ? 5.972   2.353   5.253   1.00 7.04   ? 43  ASN A CG  1 
ATOM   345  O OD1 . ASN A 1 43 ? 6.040   3.264   4.421   1.00 7.28   ? 43  ASN A OD1 1 
ATOM   346  N ND2 . ASN A 1 43 ? 6.533   2.440   6.458   1.00 7.74   ? 43  ASN A ND2 1 
ATOM   347  N N   . ASN A 1 44 ? 5.525   0.935   1.241   1.00 6.22   ? 44  ASN A N   1 
ATOM   348  C CA  . ASN A 1 44 ? 6.338   0.455   0.121   1.00 6.54   ? 44  ASN A CA  1 
ATOM   349  C C   . ASN A 1 44 ? 5.970   1.277   -1.105  1.00 6.70   ? 44  ASN A C   1 
ATOM   350  O O   . ASN A 1 44 ? 4.888   1.087   -1.687  1.00 6.75   ? 44  ASN A O   1 
ATOM   351  C CB  . ASN A 1 44 ? 6.086   -1.051  -0.106  1.00 6.10   ? 44  ASN A CB  1 
ATOM   352  C CG  . ASN A 1 44 ? 6.863   -1.622  -1.286  1.00 7.08   ? 44  ASN A CG  1 
ATOM   353  O OD1 . ASN A 1 44 ? 7.147   -0.921  -2.265  1.00 7.79   ? 44  ASN A OD1 1 
ATOM   354  N ND2 . ASN A 1 44 ? 7.191   -2.912  -1.206  1.00 7.59   ? 44  ASN A ND2 1 
ATOM   355  N N   . PHE A 1 45 ? 6.860   2.189   -1.479  1.00 6.62   ? 45  PHE A N   1 
ATOM   356  C CA  . PHE A 1 45 ? 6.570   3.194   -2.505  1.00 7.32   ? 45  PHE A CA  1 
ATOM   357  C C   . PHE A 1 45 ? 7.691   3.287   -3.524  1.00 7.82   ? 45  PHE A C   1 
ATOM   358  O O   . PHE A 1 45 ? 8.833   2.939   -3.238  1.00 7.69   ? 45  PHE A O   1 
ATOM   359  C CB  . PHE A 1 45 ? 6.341   4.561   -1.853  1.00 7.57   ? 45  PHE A CB  1 
ATOM   360  C CG  . PHE A 1 45 ? 5.180   4.581   -0.899  1.00 7.69   ? 45  PHE A CG  1 
ATOM   361  C CD1 . PHE A 1 45 ? 5.368   4.339   0.469   1.00 7.91   ? 45  PHE A CD1 1 
ATOM   362  C CD2 . PHE A 1 45 ? 3.891   4.816   -1.367  1.00 8.50   ? 45  PHE A CD2 1 
ATOM   363  C CE1 . PHE A 1 45 ? 4.278   4.345   1.345   1.00 8.48   ? 45  PHE A CE1 1 
ATOM   364  C CE2 . PHE A 1 45 ? 2.802   4.822   -0.494  1.00 7.98   ? 45  PHE A CE2 1 
ATOM   365  C CZ  . PHE A 1 45 ? 3.000   4.588   0.860   1.00 8.30   ? 45  PHE A CZ  1 
ATOM   366  N N   . ALA A 1 46 ? 7.349   3.771   -4.712  1.00 9.02   ? 46  ALA A N   1 
ATOM   367  C CA  . ALA A 1 46 ? 8.312   3.909   -5.805  1.00 9.25   ? 46  ALA A CA  1 
ATOM   368  C C   . ALA A 1 46 ? 9.308   5.036   -5.577  1.00 9.73   ? 46  ALA A C   1 
ATOM   369  O O   . ALA A 1 46 ? 10.411  5.018   -6.123  1.00 10.44  ? 46  ALA A O   1 
ATOM   370  C CB  . ALA A 1 46 ? 7.571   4.139   -7.124  1.00 9.87   ? 46  ALA A CB  1 
ATOM   371  N N   . SER A 1 47 ? 8.917   6.024   -4.780  1.00 10.27  ? 47  SER A N   1 
ATOM   372  C CA  . SER A 1 47 ? 9.741   7.207   -4.565  1.00 10.60  ? 47  SER A CA  1 
ATOM   373  C C   . SER A 1 47 ? 9.580   7.718   -3.144  1.00 10.11  ? 47  SER A C   1 
ATOM   374  O O   . SER A 1 47 ? 8.574   7.440   -2.475  1.00 10.28  ? 47  SER A O   1 
ATOM   375  C CB  . SER A 1 47 ? 9.347   8.325   -5.529  1.00 11.24  ? 47  SER A CB  1 
ATOM   376  O OG  . SER A 1 47 ? 8.025   8.756   -5.263  1.00 12.44  ? 47  SER A OG  1 
ATOM   377  N N   . ALA A 1 48 ? 10.562  8.487   -2.691  1.00 10.03  ? 48  ALA A N   1 
ATOM   378  C CA  . ALA A 1 48 ? 10.440  9.187   -1.428  1.00 9.28   ? 48  ALA A CA  1 
ATOM   379  C C   . ALA A 1 48 ? 9.210   10.092  -1.448  1.00 9.02   ? 48  ALA A C   1 
ATOM   380  O O   . ALA A 1 48 ? 8.458   10.149  -0.479  1.00 8.82   ? 48  ALA A O   1 
ATOM   381  C CB  . ALA A 1 48 ? 11.697  9.979   -1.133  1.00 10.05  ? 48  ALA A CB  1 
ATOM   382  N N   . ALA A 1 49 ? 8.986   10.777  -2.569  1.00 8.37   ? 49  ALA A N   1 
ATOM   383  C CA  . ALA A 1 49 ? 7.835   11.679  -2.673  1.00 8.06   ? 49  ALA A CA  1 
ATOM   384  C C   . ALA A 1 49 ? 6.504   10.967  -2.412  1.00 8.15   ? 49  ALA A C   1 
ATOM   385  O O   . ALA A 1 49 ? 5.644   11.495  -1.710  1.00 8.62   ? 49  ALA A O   1 
ATOM   386  C CB  . ALA A 1 49 ? 7.817   12.390  -4.036  1.00 8.67   ? 49  ALA A CB  1 
ATOM   387  N N   . ASP A 1 50 ? 6.327   9.776   -2.983  1.00 8.18   ? 50  ASP A N   1 
ATOM   388  C CA  . ASP A 1 50 ? 5.084   9.028   -2.787  1.00 8.77   ? 50  ASP A CA  1 
ATOM   389  C C   . ASP A 1 50 ? 4.927   8.581   -1.330  1.00 7.97   ? 50  ASP A C   1 
ATOM   390  O O   . ASP A 1 50 ? 3.825   8.620   -0.780  1.00 8.18   ? 50  ASP A O   1 
ATOM   391  C CB  . ASP A 1 50 ? 5.012   7.814   -3.715  1.00 9.27   ? 50  ASP A CB  1 
ATOM   392  C CG  . ASP A 1 50 ? 4.685   8.185   -5.149  1.00 11.62  ? 50  ASP A CG  1 
ATOM   393  O OD1 . ASP A 1 50 ? 4.398   9.369   -5.438  1.00 13.83  ? 50  ASP A OD1 1 
ATOM   394  O OD2 . ASP A 1 50 ? 4.713   7.256   -5.978  1.00 13.55  ? 50  ASP A OD2 1 
ATOM   395  N N   . ALA A 1 51 ? 6.029   8.138   -0.725  1.00 7.61   ? 51  ALA A N   1 
ATOM   396  C CA  . ALA A 1 51 ? 6.014   7.734   0.681   1.00 7.38   ? 51  ALA A CA  1 
ATOM   397  C C   . ALA A 1 51 ? 5.622   8.907   1.579   1.00 7.41   ? 51  ALA A C   1 
ATOM   398  O O   . ALA A 1 51 ? 4.803   8.766   2.487   1.00 7.81   ? 51  ALA A O   1 
ATOM   399  C CB  . ALA A 1 51 ? 7.368   7.190   1.086   1.00 7.49   ? 51  ALA A CB  1 
ATOM   400  N N   . LEU A 1 52 ? 6.199   10.072  1.306   1.00 7.17   ? 52  LEU A N   1 
ATOM   401  C CA  . LEU A 1 52 ? 5.929   11.261  2.115   1.00 7.23   ? 52  LEU A CA  1 
ATOM   402  C C   . LEU A 1 52 ? 4.530   11.825  1.906   1.00 7.44   ? 52  LEU A C   1 
ATOM   403  O O   . LEU A 1 52 ? 3.909   12.310  2.843   1.00 8.02   ? 52  LEU A O   1 
ATOM   404  C CB  . LEU A 1 52 ? 7.006   12.313  1.844   1.00 7.33   ? 52  LEU A CB  1 
ATOM   405  C CG  . LEU A 1 52 ? 8.398   11.867  2.312   1.00 7.34   ? 52  LEU A CG  1 
ATOM   406  C CD1 . LEU A 1 52 ? 9.474   12.747  1.718   1.00 9.41   ? 52  LEU A CD1 1 
ATOM   407  C CD2 . LEU A 1 52 ? 8.480   11.841  3.843   1.00 9.80   ? 52  LEU A CD2 1 
ATOM   408  N N   . ALA A 1 53 ? 4.012   11.742  0.684   1.00 7.75   ? 53  ALA A N   1 
ATOM   409  C CA  . ALA A 1 53 ? 2.642   12.184  0.421   1.00 8.13   ? 53  ALA A CA  1 
ATOM   410  C C   . ALA A 1 53 ? 1.633   11.333  1.188   1.00 8.27   ? 53  ALA A C   1 
ATOM   411  O O   . ALA A 1 53 ? 0.629   11.846  1.686   1.00 9.04   ? 53  ALA A O   1 
ATOM   412  C CB  . ALA A 1 53 ? 2.342   12.129  -1.059  1.00 8.60   ? 53  ALA A CB  1 
ATOM   413  N N   . ALA A 1 54 ? 1.905   10.035  1.282   1.00 7.99   ? 54  ALA A N   1 
ATOM   414  C CA  . ALA A 1 54 ? 1.038   9.117   2.014   1.00 8.06   ? 54  ALA A CA  1 
ATOM   415  C C   . ALA A 1 54 ? 1.138   9.276   3.530   1.00 8.08   ? 54  ALA A C   1 
ATOM   416  O O   . ALA A 1 54 ? 0.129   9.157   4.238   1.00 8.42   ? 54  ALA A O   1 
ATOM   417  C CB  . ALA A 1 54 ? 1.348   7.670   1.613   1.00 8.58   ? 54  ALA A CB  1 
ATOM   418  N N   . CYS A 1 55 ? 2.351   9.541   4.018   1.00 7.59   ? 55  CYS A N   1 
ATOM   419  C CA  . CYS A 1 55 ? 2.664   9.358   5.438   1.00 8.36   ? 55  CYS A CA  1 
ATOM   420  C C   . CYS A 1 55 ? 3.017   10.626  6.210   1.00 8.85   ? 55  CYS A C   1 
ATOM   421  O O   . CYS A 1 55 ? 3.155   10.579  7.439   1.00 9.63   ? 55  CYS A O   1 
ATOM   422  C CB  . CYS A 1 55 ? 3.792   8.335   5.579   1.00 8.87   ? 55  CYS A CB  1 
ATOM   423  S SG  . CYS A 1 55 ? 3.254   6.682   5.166   1.00 9.46   ? 55  CYS A SG  1 
ATOM   424  N N   . ALA A 1 56 ? 3.158   11.747  5.511   1.00 8.68   ? 56  ALA A N   1 
ATOM   425  C CA  . ALA A 1 56 ? 3.540   12.997  6.169   1.00 9.11   ? 56  ALA A CA  1 
ATOM   426  C C   . ALA A 1 56 ? 2.750   14.186  5.636   1.00 9.82   ? 56  ALA A C   1 
ATOM   427  O O   . ALA A 1 56 ? 3.193   15.336  5.731   1.00 9.49   ? 56  ALA A O   1 
ATOM   428  C CB  . ALA A 1 56 ? 5.053   13.226  6.049   1.00 9.22   ? 56  ALA A CB  1 
ATOM   429  N N   . ALA A 1 57 ? 1.558   13.889  5.118   1.00 11.03  ? 57  ALA A N   1 
ATOM   430  C CA  . ALA A 1 57 ? 0.653   14.884  4.551   1.00 12.93  ? 57  ALA A CA  1 
ATOM   431  C C   . ALA A 1 57 ? 0.058   15.796  5.611   1.00 14.11  ? 57  ALA A C   1 
ATOM   432  O O   . ALA A 1 57 ? 0.010   15.453  6.794   1.00 14.28  ? 57  ALA A O   1 
ATOM   433  C CB  . ALA A 1 57 ? -0.470  14.183  3.809   1.00 12.78  ? 57  ALA A CB  1 
ATOM   434  N N   . ALA A 1 58 ? -0.426  16.954  5.167   1.00 16.00  ? 58  ALA A N   1 
ATOM   435  C CA  . ALA A 1 58 ? -1.183  17.848  6.033   1.00 17.89  ? 58  ALA A CA  1 
ATOM   436  C C   . ALA A 1 58 ? -2.540  17.235  6.416   1.00 19.20  ? 58  ALA A C   1 
ATOM   437  O O   . ALA A 1 58 ? -2.979  16.244  5.819   1.00 19.81  ? 58  ALA A O   1 
ATOM   438  C CB  . ALA A 1 58 ? -1.359  19.198  5.363   1.00 18.24  ? 58  ALA A CB  1 
ATOM   439  N N   . GLY A 1 59 ? -3.185  17.810  7.428   1.00 20.29  ? 59  GLY A N   1 
ATOM   440  C CA  . GLY A 1 59 ? -4.496  17.346  7.880   1.00 21.53  ? 59  GLY A CA  1 
ATOM   441  C C   . GLY A 1 59 ? -4.418  16.129  8.783   1.00 22.34  ? 59  GLY A C   1 
ATOM   442  O O   . GLY A 1 59 ? -3.586  16.066  9.690   1.00 23.26  ? 59  GLY A O   1 
ATOM   443  N N   . ARG B 1 1  ? 1.230   10.433  -8.001  1.00 17.90  ? 1   ARG C N   1 
ATOM   444  C CA  . ARG B 1 1  ? 0.833   9.445   -6.949  1.00 16.54  ? 1   ARG C CA  1 
ATOM   445  C C   . ARG B 1 1  ? 1.279   8.035   -7.348  1.00 14.81  ? 1   ARG C C   1 
ATOM   446  O O   . ARG B 1 1  ? 1.652   7.823   -8.498  1.00 15.28  ? 1   ARG C O   1 
ATOM   447  C CB  . ARG B 1 1  ? -0.675  9.503   -6.699  1.00 17.76  ? 1   ARG C CB  1 
ATOM   448  C CG  . ARG B 1 1  ? -1.529  9.086   -7.868  1.00 20.29  ? 1   ARG C CG  1 
ATOM   449  C CD  . ARG B 1 1  ? -2.972  9.426   -7.611  1.00 24.11  ? 1   ARG C CD  1 
ATOM   450  N NE  . ARG B 1 1  ? -3.797  9.235   -8.799  1.00 27.34  ? 1   ARG C NE  1 
ATOM   451  C CZ  . ARG B 1 1  ? -5.007  9.760   -8.960  1.00 28.84  ? 1   ARG C CZ  1 
ATOM   452  N NH1 . ARG B 1 1  ? -5.538  10.520  -8.009  1.00 30.48  ? 1   ARG C NH1 1 
ATOM   453  N NH2 . ARG B 1 1  ? -5.687  9.529   -10.075 1.00 30.48  ? 1   ARG C NH2 1 
ATOM   454  N N   . PRO B 1 2  ? 1.257   7.069   -6.402  1.00 12.34  ? 2   PRO C N   1 
ATOM   455  C CA  . PRO B 1 2  ? 1.672   5.707   -6.732  1.00 11.30  ? 2   PRO C CA  1 
ATOM   456  C C   . PRO B 1 2  ? 0.899   5.138   -7.918  1.00 10.63  ? 2   PRO C C   1 
ATOM   457  O O   . PRO B 1 2  ? -0.315  5.326   -8.028  1.00 10.27  ? 2   PRO C O   1 
ATOM   458  C CB  . PRO B 1 2  ? 1.327   4.926   -5.462  1.00 11.16  ? 2   PRO C CB  1 
ATOM   459  C CG  . PRO B 1 2  ? 1.402   5.945   -4.367  1.00 11.21  ? 2   PRO C CG  1 
ATOM   460  C CD  . PRO B 1 2  ? 0.868   7.194   -4.980  1.00 12.10  ? 2   PRO C CD  1 
ATOM   461  N N   . ALA B 1 3  ? 1.602   4.434   -8.797  1.00 10.02  ? 3   ALA C N   1 
ATOM   462  C CA  . ALA B 1 3  ? 0.929   3.768   -9.907  1.00 10.17  ? 3   ALA C CA  1 
ATOM   463  C C   . ALA B 1 3  ? -0.105  2.756   -9.416  1.00 10.10  ? 3   ALA C C   1 
ATOM   464  O O   . ALA B 1 3  ? -1.121  2.539   -10.076 1.00 10.45  ? 3   ALA C O   1 
ATOM   465  C CB  . ALA B 1 3  ? 1.937   3.098   -10.824 1.00 10.59  ? 3   ALA C CB  1 
ATOM   466  N N   . PHE B 1 4  ? 0.130   2.164   -8.242  1.00 10.45  ? 4   PHE C N   1 
ATOM   467  C CA  . PHE B 1 4  ? -0.780  1.129   -7.762  1.00 10.58  ? 4   PHE C CA  1 
ATOM   468  C C   . PHE B 1 4  ? -2.177  1.664   -7.479  1.00 10.21  ? 4   PHE C C   1 
ATOM   469  O O   . PHE B 1 4  ? -3.129  0.891   -7.385  1.00 10.72  ? 4   PHE C O   1 
ATOM   470  C CB  . PHE B 1 4  ? -0.221  0.322   -6.575  1.00 11.53  ? 4   PHE C CB  1 
ATOM   471  C CG  . PHE B 1 4  ? -0.013  1.115   -5.300  1.00 11.77  ? 4   PHE C CG  1 
ATOM   472  C CD1 . PHE B 1 4  ? -1.089  1.618   -4.573  1.00 11.99  ? 4   PHE C CD1 1 
ATOM   473  C CD2 . PHE B 1 4  ? 1.269   1.311   -4.809  1.00 13.44  ? 4   PHE C CD2 1 
ATOM   474  C CE1 . PHE B 1 4  ? -0.887  2.321   -3.386  1.00 14.25  ? 4   PHE C CE1 1 
ATOM   475  C CE2 . PHE B 1 4  ? 1.485   2.007   -3.624  1.00 12.82  ? 4   PHE C CE2 1 
ATOM   476  C CZ  . PHE B 1 4  ? 0.404   2.520   -2.915  1.00 13.58  ? 4   PHE C CZ  1 
ATOM   477  N N   . CYS B 1 5  ? -2.294  2.988   -7.369  1.00 9.87   ? 5   CYS C N   1 
ATOM   478  C CA  . CYS B 1 5  ? -3.589  3.643   -7.194  1.00 10.06  ? 5   CYS C CA  1 
ATOM   479  C C   . CYS B 1 5  ? -4.500  3.436   -8.399  1.00 10.22  ? 5   CYS C C   1 
ATOM   480  O O   . CYS B 1 5  ? -5.698  3.696   -8.318  1.00 10.29  ? 5   CYS C O   1 
ATOM   481  C CB  . CYS B 1 5  ? -3.396  5.136   -6.946  1.00 9.91   ? 5   CYS C CB  1 
ATOM   482  S SG  . CYS B 1 5  ? -2.446  5.463   -5.438  1.00 10.86  ? 5   CYS C SG  1 
ATOM   483  N N   . LEU B 1 6  ? -3.909  2.977   -9.503  1.00 10.33  ? 6   LEU C N   1 
ATOM   484  C CA  . LEU B 1 6  ? -4.624  2.728   -10.762 1.00 11.05  ? 6   LEU C CA  1 
ATOM   485  C C   . LEU B 1 6  ? -4.904  1.239   -11.003 1.00 11.62  ? 6   LEU C C   1 
ATOM   486  O O   . LEU B 1 6  ? -5.495  0.878   -12.026 1.00 12.27  ? 6   LEU C O   1 
ATOM   487  C CB  . LEU B 1 6  ? -3.835  3.309   -11.949 1.00 11.21  ? 6   LEU C CB  1 
ATOM   488  C CG  . LEU B 1 6  ? -3.389  4.772   -11.827 1.00 12.23  ? 6   LEU C CG  1 
ATOM   489  C CD1 . LEU B 1 6  ? -2.485  5.156   -12.991 1.00 12.59  ? 6   LEU C CD1 1 
ATOM   490  C CD2 . LEU B 1 6  ? -4.567  5.721   -11.732 1.00 14.14  ? 6   LEU C CD2 1 
ATOM   491  N N   . GLU B 1 7  ? -4.481  0.378   -10.073 1.00 11.74  ? 7   GLU C N   1 
ATOM   492  C CA  . GLU B 1 7  ? -4.741  -1.072  -10.142 1.00 12.29  ? 7   GLU C CA  1 
ATOM   493  C C   . GLU B 1 7  ? -6.220  -1.344  -9.930  1.00 11.66  ? 7   GLU C C   1 
ATOM   494  O O   . GLU B 1 7  ? -6.817  -0.774  -9.007  1.00 11.20  ? 7   GLU C O   1 
ATOM   495  C CB  . GLU B 1 7  ? -4.027  -1.824  -9.009  1.00 12.61  ? 7   GLU C CB  1 
ATOM   496  C CG  . GLU B 1 7  ? -2.536  -2.014  -9.122  1.00 14.58  ? 7   GLU C CG  1 
ATOM   497  C CD  . GLU B 1 7  ? -1.950  -2.682  -7.883  1.00 14.15  ? 7   GLU C CD  1 
ATOM   498  O OE1 . GLU B 1 7  ? -0.706  -2.741  -7.778  1.00 17.07  ? 7   GLU C OE1 1 
ATOM   499  O OE2 . GLU B 1 7  ? -2.718  -3.150  -7.010  1.00 13.13  ? 7   GLU C OE2 1 
ATOM   500  N N   . PRO B 1 8  ? -6.811  -2.266  -10.720 1.00 11.19  ? 8   PRO C N   1 
ATOM   501  C CA  . PRO B 1 8  ? -8.127  -2.765  -10.331 1.00 11.04  ? 8   PRO C CA  1 
ATOM   502  C C   . PRO B 1 8  ? -7.993  -3.553  -9.028  1.00 10.50  ? 8   PRO C C   1 
ATOM   503  O O   . PRO B 1 8  ? -6.903  -4.053  -8.732  1.00 10.58  ? 8   PRO C O   1 
ATOM   504  C CB  . PRO B 1 8  ? -8.511  -3.720  -11.476 1.00 11.57  ? 8   PRO C CB  1 
ATOM   505  C CG  . PRO B 1 8  ? -7.540  -3.490  -12.550 1.00 13.06  ? 8   PRO C CG  1 
ATOM   506  C CD  . PRO B 1 8  ? -6.310  -2.905  -11.953 1.00 11.25  ? 8   PRO C CD  1 
ATOM   507  N N   . PRO B 1 9  ? -9.091  -3.673  -8.258  1.00 10.30  ? 9   PRO C N   1 
ATOM   508  C CA  . PRO B 1 9  ? -9.035  -4.462  -7.021  1.00 10.26  ? 9   PRO C CA  1 
ATOM   509  C C   . PRO B 1 9  ? -8.799  -5.936  -7.314  1.00 10.30  ? 9   PRO C C   1 
ATOM   510  O O   . PRO B 1 9  ? -9.201  -6.443  -8.366  1.00 10.97  ? 9   PRO C O   1 
ATOM   511  C CB  . PRO B 1 9  ? -10.432 -4.277  -6.418  1.00 11.19  ? 9   PRO C CB  1 
ATOM   512  C CG  . PRO B 1 9  ? -11.312 -3.930  -7.584  1.00 11.27  ? 9   PRO C CG  1 
ATOM   513  C CD  . PRO B 1 9  ? -10.436 -3.108  -8.489  1.00 10.87  ? 9   PRO C CD  1 
ATOM   514  N N   . TYR B 1 10 ? -8.147  -6.611  -6.377  1.00 9.28   ? 10  TYR C N   1 
ATOM   515  C CA  . TYR B 1 10 ? -7.867  -8.027  -6.508  1.00 9.80   ? 10  TYR C CA  1 
ATOM   516  C C   . TYR B 1 10 ? -8.434  -8.798  -5.328  1.00 9.11   ? 10  TYR C C   1 
ATOM   517  O O   . TYR B 1 10 ? -7.884  -8.775  -4.223  1.00 8.79   ? 10  TYR C O   1 
ATOM   518  C CB  . TYR B 1 10 ? -6.360  -8.243  -6.635  1.00 10.67  ? 10  TYR C CB  1 
ATOM   519  C CG  . TYR B 1 10 ? -5.935  -9.673  -6.878  1.00 11.13  ? 10  TYR C CG  1 
ATOM   520  C CD1 . TYR B 1 10 ? -6.086  -10.258 -8.135  1.00 12.45  ? 10  TYR C CD1 1 
ATOM   521  C CD2 . TYR B 1 10 ? -5.394  -10.443 -5.853  1.00 12.30  ? 10  TYR C CD2 1 
ATOM   522  C CE1 . TYR B 1 10 ? -5.695  -11.579 -8.364  1.00 13.18  ? 10  TYR C CE1 1 
ATOM   523  C CE2 . TYR B 1 10 ? -4.992  -11.761 -6.081  1.00 13.10  ? 10  TYR C CE2 1 
ATOM   524  C CZ  . TYR B 1 10 ? -5.154  -12.316 -7.333  1.00 13.49  ? 10  TYR C CZ  1 
ATOM   525  O OH  . TYR B 1 10 ? -4.771  -13.625 -7.560  1.00 16.04  ? 10  TYR C OH  1 
ATOM   526  N N   . ALA B 1 11 ? -9.545  -9.487  -5.565  1.00 9.15   ? 11  ALA C N   1 
ATOM   527  C CA  . ALA B 1 11 ? -10.153 -10.329 -4.543  1.00 9.09   ? 11  ALA C CA  1 
ATOM   528  C C   . ALA B 1 11 ? -9.243  -11.496 -4.177  1.00 9.20   ? 11  ALA C C   1 
ATOM   529  O O   . ALA B 1 11 ? -9.160  -11.895 -3.016  1.00 9.19   ? 11  ALA C O   1 
ATOM   530  C CB  . ALA B 1 11 ? -11.483 -10.859 -5.029  1.00 9.23   ? 11  ALA C CB  1 
ATOM   531  N N   . GLY B 1 12 ? -8.582  -12.055 -5.185  1.00 9.30   ? 12  GLY C N   1 
ATOM   532  C CA  . GLY B 1 12 ? -7.767  -13.236 -4.990  1.00 9.75   ? 12  GLY C CA  1 
ATOM   533  C C   . GLY B 1 12 ? -8.562  -14.522 -4.878  1.00 9.71   ? 12  GLY C C   1 
ATOM   534  O O   . GLY B 1 12 ? -9.792  -14.507 -4.885  1.00 9.66   ? 12  GLY C O   1 
ATOM   535  N N   . PRO B 1 13 ? -7.851  -15.648 -4.785  1.00 9.59   ? 13  PRO C N   1 
ATOM   536  C CA  . PRO B 1 13 ? -8.470  -16.964 -4.782  1.00 9.71   ? 13  PRO C CA  1 
ATOM   537  C C   . PRO B 1 13 ? -8.924  -17.457 -3.403  1.00 9.72   ? 13  PRO C C   1 
ATOM   538  O O   . PRO B 1 13 ? -9.447  -18.572 -3.305  1.00 10.38  ? 13  PRO C O   1 
ATOM   539  C CB  . PRO B 1 13 ? -7.344  -17.850 -5.309  1.00 10.31  ? 13  PRO C CB  1 
ATOM   540  C CG  . PRO B 1 13 ? -6.112  -17.215 -4.751  1.00 10.08  ? 13  PRO C CG  1 
ATOM   541  C CD  . PRO B 1 13 ? -6.376  -15.732 -4.750  1.00 9.76   ? 13  PRO C CD  1 
ATOM   542  N N   . GLY B 1 14 ? -8.742  -16.662 -2.355  1.00 9.71   ? 14  GLY C N   1 
ATOM   543  C CA  . GLY B 1 14 ? -9.102  -17.089 -0.997  1.00 9.74   ? 14  GLY C CA  1 
ATOM   544  C C   . GLY B 1 14 ? -10.590 -17.079 -0.695  1.00 10.00  ? 14  GLY C C   1 
ATOM   545  O O   . GLY B 1 14 ? -11.367 -16.362 -1.342  1.00 10.05  ? 14  GLY C O   1 
ATOM   546  N N   . LYS B 1 15 ? -10.980 -17.856 0.315   1.00 10.03  ? 15  LYS C N   1 
ATOM   547  C CA  A LYS B 1 15 ? -12.380 -17.979 0.722   0.50 10.49  ? 15  LYS C CA  1 
ATOM   548  C CA  B LYS B 1 15 ? -12.395 -17.924 0.680   0.50 10.29  ? 15  LYS C CA  1 
ATOM   549  C C   . LYS B 1 15 ? -12.789 -17.048 1.870   1.00 10.36  ? 15  LYS C C   1 
ATOM   550  O O   . LYS B 1 15 ? -13.957 -16.995 2.240   1.00 10.79  ? 15  LYS C O   1 
ATOM   551  C CB  A LYS B 1 15 ? -12.717 -19.438 1.066   0.50 10.67  ? 15  LYS C CB  1 
ATOM   552  C CB  B LYS B 1 15 ? -12.871 -19.371 0.856   0.50 10.68  ? 15  LYS C CB  1 
ATOM   553  C CG  A LYS B 1 15 ? -12.006 -19.998 2.288   0.50 10.85  ? 15  LYS C CG  1 
ATOM   554  C CG  B LYS B 1 15 ? -12.201 -20.136 1.966   0.50 10.92  ? 15  LYS C CG  1 
ATOM   555  C CD  A LYS B 1 15 ? -12.422 -21.451 2.516   0.50 11.54  ? 15  LYS C CD  1 
ATOM   556  C CD  B LYS B 1 15 ? -12.806 -21.534 2.082   0.50 12.84  ? 15  LYS C CD  1 
ATOM   557  C CE  A LYS B 1 15 ? -11.579 -22.137 3.569   0.50 13.82  ? 15  LYS C CE  1 
ATOM   558  C CE  B LYS B 1 15 ? -12.135 -22.342 3.177   0.50 14.13  ? 15  LYS C CE  1 
ATOM   559  N NZ  A LYS B 1 15 ? -11.963 -23.580 3.652   0.50 14.43  ? 15  LYS C NZ  1 
ATOM   560  N NZ  B LYS B 1 15 ? -12.478 -21.848 4.542   0.50 14.85  ? 15  LYS C NZ  1 
ATOM   561  N N   . ALA B 1 16 ? -11.834 -16.322 2.453   1.00 9.73   ? 16  ALA C N   1 
ATOM   562  C CA  . ALA B 1 16 ? -12.194 -15.385 3.526   1.00 9.75   ? 16  ALA C CA  1 
ATOM   563  C C   . ALA B 1 16 ? -13.118 -14.300 2.973   1.00 9.39   ? 16  ALA C C   1 
ATOM   564  O O   . ALA B 1 16 ? -13.211 -14.097 1.764   1.00 9.25   ? 16  ALA C O   1 
ATOM   565  C CB  . ALA B 1 16 ? -10.960 -14.773 4.190   1.00 10.06  ? 16  ALA C CB  1 
ATOM   566  N N   . ARG B 1 17 ? -13.819 -13.619 3.865   1.00 9.59   ? 17  ARG C N   1 
ATOM   567  C CA  . ARG B 1 17 ? -14.804 -12.616 3.481   1.00 10.02  ? 17  ARG C CA  1 
ATOM   568  C C   . ARG B 1 17 ? -14.477 -11.319 4.194   1.00 10.93  ? 17  ARG C C   1 
ATOM   569  O O   . ARG B 1 17 ? -15.144 -10.933 5.139   1.00 12.03  ? 17  ARG C O   1 
ATOM   570  C CB  . ARG B 1 17 ? -16.216 -13.109 3.814   1.00 10.54  ? 17  ARG C CB  1 
ATOM   571  C CG  . ARG B 1 17 ? -16.620 -14.292 2.953   1.00 10.03  ? 17  ARG C CG  1 
ATOM   572  C CD  . ARG B 1 17 ? -17.822 -15.094 3.490   1.00 10.38  ? 17  ARG C CD  1 
ATOM   573  N NE  . ARG B 1 17 ? -18.115 -16.064 2.445   1.00 10.01  ? 17  ARG C NE  1 
ATOM   574  C CZ  . ARG B 1 17 ? -18.880 -15.821 1.390   1.00 10.43  ? 17  ARG C CZ  1 
ATOM   575  N NH1 . ARG B 1 17 ? -19.549 -14.677 1.292   1.00 10.79  ? 17  ARG C NH1 1 
ATOM   576  N NH2 . ARG B 1 17 ? -18.994 -16.742 0.445   1.00 11.11  ? 17  ARG C NH2 1 
ATOM   577  N N   . ILE B 1 18 ? -13.406 -10.681 3.739   1.00 10.75  ? 18  ILE C N   1 
ATOM   578  C CA  . ILE B 1 18 ? -12.863 -9.496  4.396   1.00 10.87  ? 18  ILE C CA  1 
ATOM   579  C C   . ILE B 1 18 ? -13.159 -8.254  3.569   1.00 11.00  ? 18  ILE C C   1 
ATOM   580  O O   . ILE B 1 18 ? -12.796 -8.189  2.403   1.00 11.77  ? 18  ILE C O   1 
ATOM   581  C CB  . ILE B 1 18 ? -11.328 -9.612  4.567   1.00 10.83  ? 18  ILE C CB  1 
ATOM   582  C CG1 . ILE B 1 18 ? -10.957 -10.917 5.269   1.00 12.13  ? 18  ILE C CG1 1 
ATOM   583  C CG2 . ILE B 1 18 ? -10.790 -8.403  5.333   1.00 11.60  ? 18  ILE C CG2 1 
ATOM   584  C CD1 . ILE B 1 18 ? -9.531  -11.384 5.024   1.00 12.92  ? 18  ILE C CD1 1 
ATOM   585  N N   . ILE B 1 19 ? -13.801 -7.255  4.161   1.00 10.40  ? 19  ILE C N   1 
ATOM   586  C CA  . ILE B 1 19 ? -13.989 -5.996  3.458   1.00 10.95  ? 19  ILE C CA  1 
ATOM   587  C C   . ILE B 1 19 ? -12.691 -5.197  3.472   1.00 9.95   ? 19  ILE C C   1 
ATOM   588  O O   . ILE B 1 19 ? -12.141 -4.889  4.527   1.00 9.95   ? 19  ILE C O   1 
ATOM   589  C CB  . ILE B 1 19 ? -15.161 -5.178  4.014   1.00 11.31  ? 19  ILE C CB  1 
ATOM   590  C CG1 . ILE B 1 19 ? -16.452 -5.980  3.829   1.00 12.24  ? 19  ILE C CG1 1 
ATOM   591  C CG2 . ILE B 1 19 ? -15.259 -3.835  3.283   1.00 12.39  ? 19  ILE C CG2 1 
ATOM   592  C CD1 . ILE B 1 19 ? -17.624 -5.386  4.510   1.00 15.30  ? 19  ILE C CD1 1 
ATOM   593  N N   . ARG B 1 20 ? -12.194 -4.920  2.276   1.00 9.09   ? 20  ARG C N   1 
ATOM   594  C CA  . ARG B 1 20 ? -11.053 -4.033  2.103   1.00 8.57   ? 20  ARG C CA  1 
ATOM   595  C C   . ARG B 1 20 ? -11.438 -2.901  1.165   1.00 8.70   ? 20  ARG C C   1 
ATOM   596  O O   . ARG B 1 20 ? -12.550 -2.877  0.632   1.00 8.21   ? 20  ARG C O   1 
ATOM   597  C CB  . ARG B 1 20 ? -9.847  -4.802  1.557   1.00 8.51   ? 20  ARG C CB  1 
ATOM   598  C CG  . ARG B 1 20 ? -9.309  -5.850  2.514   1.00 7.96   ? 20  ARG C CG  1 
ATOM   599  C CD  . ARG B 1 20 ? -8.569  -5.233  3.707   1.00 8.36   ? 20  ARG C CD  1 
ATOM   600  N NE  . ARG B 1 20 ? -8.109  -6.253  4.656   1.00 8.96   ? 20  ARG C NE  1 
ATOM   601  C CZ  . ARG B 1 20 ? -7.011  -6.989  4.502   1.00 8.75   ? 20  ARG C CZ  1 
ATOM   602  N NH1 . ARG B 1 20 ? -6.230  -6.817  3.439   1.00 9.27   ? 20  ARG C NH1 1 
ATOM   603  N NH2 . ARG B 1 20 ? -6.690  -7.896  5.414   1.00 10.55  ? 20  ARG C NH2 1 
ATOM   604  N N   . TYR B 1 21 ? -10.521 -1.963  0.970   1.00 8.30   ? 21  TYR C N   1 
ATOM   605  C CA  . TYR B 1 21 ? -10.803 -0.770  0.185   1.00 8.79   ? 21  TYR C CA  1 
ATOM   606  C C   . TYR B 1 21 ? -9.731  -0.598  -0.856  1.00 8.27   ? 21  TYR C C   1 
ATOM   607  O O   . TYR B 1 21 ? -8.540  -0.824  -0.580  1.00 7.84   ? 21  TYR C O   1 
ATOM   608  C CB  . TYR B 1 21 ? -10.887 0.470   1.089   1.00 8.95   ? 21  TYR C CB  1 
ATOM   609  C CG  . TYR B 1 21 ? -12.028 0.333   2.059   1.00 9.59   ? 21  TYR C CG  1 
ATOM   610  C CD1 . TYR B 1 21 ? -11.872 -0.404  3.231   1.00 9.67   ? 21  TYR C CD1 1 
ATOM   611  C CD2 . TYR B 1 21 ? -13.274 0.882   1.785   1.00 10.65  ? 21  TYR C CD2 1 
ATOM   612  C CE1 . TYR B 1 21 ? -12.935 -0.592  4.121   1.00 10.81  ? 21  TYR C CE1 1 
ATOM   613  C CE2 . TYR B 1 21 ? -14.336 0.711   2.662   1.00 10.57  ? 21  TYR C CE2 1 
ATOM   614  C CZ  . TYR B 1 21 ? -14.155 -0.026  3.822   1.00 11.43  ? 21  TYR C CZ  1 
ATOM   615  O OH  . TYR B 1 21 ? -15.205 -0.195  4.690   1.00 13.10  ? 21  TYR C OH  1 
ATOM   616  N N   . PHE B 1 22 ? -10.155 -0.210  -2.056  1.00 8.52   ? 22  PHE C N   1 
ATOM   617  C CA  . PHE B 1 22 ? -9.219  0.172   -3.103  1.00 8.81   ? 22  PHE C CA  1 
ATOM   618  C C   . PHE B 1 22 ? -9.500  1.607   -3.483  1.00 8.94   ? 22  PHE C C   1 
ATOM   619  O O   . PHE B 1 22 ? -10.634 2.080   -3.370  1.00 9.21   ? 22  PHE C O   1 
ATOM   620  C CB  . PHE B 1 22 ? -9.277  -0.784  -4.308  1.00 9.04   ? 22  PHE C CB  1 
ATOM   621  C CG  . PHE B 1 22 ? -10.514 -0.651  -5.162  1.00 10.01  ? 22  PHE C CG  1 
ATOM   622  C CD1 . PHE B 1 22 ? -10.470 0.053   -6.358  1.00 10.92  ? 22  PHE C CD1 1 
ATOM   623  C CD2 . PHE B 1 22 ? -11.705 -1.264  -4.796  1.00 10.94  ? 22  PHE C CD2 1 
ATOM   624  C CE1 . PHE B 1 22 ? -11.600 0.163   -7.173  1.00 11.90  ? 22  PHE C CE1 1 
ATOM   625  C CE2 . PHE B 1 22 ? -12.844 -1.157  -5.600  1.00 12.38  ? 22  PHE C CE2 1 
ATOM   626  C CZ  . PHE B 1 22 ? -12.784 -0.442  -6.785  1.00 11.97  ? 22  PHE C CZ  1 
ATOM   627  N N   . TYR B 1 23 ? -8.463  2.317   -3.895  1.00 8.92   ? 23  TYR C N   1 
ATOM   628  C CA  . TYR B 1 23 ? -8.669  3.645   -4.452  1.00 9.33   ? 23  TYR C CA  1 
ATOM   629  C C   . TYR B 1 23 ? -9.134  3.490   -5.895  1.00 10.17  ? 23  TYR C C   1 
ATOM   630  O O   . TYR B 1 23 ? -8.441  2.878   -6.712  1.00 9.94   ? 23  TYR C O   1 
ATOM   631  C CB  . TYR B 1 23 ? -7.395  4.476   -4.382  1.00 9.73   ? 23  TYR C CB  1 
ATOM   632  C CG  . TYR B 1 23 ? -7.621  5.889   -4.856  1.00 10.77  ? 23  TYR C CG  1 
ATOM   633  C CD1 . TYR B 1 23 ? -7.155  6.314   -6.101  1.00 10.77  ? 23  TYR C CD1 1 
ATOM   634  C CD2 . TYR B 1 23 ? -8.332  6.796   -4.068  1.00 11.27  ? 23  TYR C CD2 1 
ATOM   635  C CE1 . TYR B 1 23 ? -7.376  7.615   -6.533  1.00 11.63  ? 23  TYR C CE1 1 
ATOM   636  C CE2 . TYR B 1 23 ? -8.565  8.095   -4.495  1.00 12.53  ? 23  TYR C CE2 1 
ATOM   637  C CZ  . TYR B 1 23 ? -8.083  8.491   -5.729  1.00 12.32  ? 23  TYR C CZ  1 
ATOM   638  O OH  . TYR B 1 23 ? -8.302  9.776   -6.168  1.00 14.22  ? 23  TYR C OH  1 
ATOM   639  N N   . ASN B 1 24 ? -10.324 4.014   -6.183  1.00 10.84  ? 24  ASN C N   1 
ATOM   640  C CA  . ASN B 1 24 ? -10.842 4.055   -7.538  1.00 12.32  ? 24  ASN C CA  1 
ATOM   641  C C   . ASN B 1 24 ? -10.536 5.425   -8.124  1.00 13.00  ? 24  ASN C C   1 
ATOM   642  O O   . ASN B 1 24 ? -11.232 6.401   -7.825  1.00 13.23  ? 24  ASN C O   1 
ATOM   643  C CB  . ASN B 1 24 ? -12.349 3.792   -7.544  1.00 12.76  ? 24  ASN C CB  1 
ATOM   644  C CG  . ASN B 1 24 ? -12.911 3.636   -8.953  1.00 13.58  ? 24  ASN C CG  1 
ATOM   645  O OD1 . ASN B 1 24 ? -12.371 4.179   -9.916  1.00 16.26  ? 24  ASN C OD1 1 
ATOM   646  N ND2 . ASN B 1 24 ? -14.004 2.888   -9.074  1.00 16.57  ? 24  ASN C ND2 1 
ATOM   647  N N   . ALA B 1 25 ? -9.501  5.490   -8.962  1.00 14.08  ? 25  ALA C N   1 
ATOM   648  C CA  . ALA B 1 25 ? -9.029  6.769   -9.503  1.00 15.78  ? 25  ALA C CA  1 
ATOM   649  C C   . ALA B 1 25 ? -10.046 7.469   -10.396 1.00 16.99  ? 25  ALA C C   1 
ATOM   650  O O   . ALA B 1 25 ? -10.125 8.700   -10.390 1.00 17.39  ? 25  ALA C O   1 
ATOM   651  C CB  . ALA B 1 25 ? -7.715  6.586   -10.234 1.00 15.86  ? 25  ALA C CB  1 
ATOM   652  N N   . ALA B 1 26 ? -10.822 6.683   -11.140 1.00 18.17  ? 26  ALA C N   1 
ATOM   653  C CA  . ALA B 1 26 ? -11.853 7.218   -12.032 1.00 19.26  ? 26  ALA C CA  1 
ATOM   654  C C   . ALA B 1 26 ? -12.967 7.891   -11.233 1.00 19.84  ? 26  ALA C C   1 
ATOM   655  O O   . ALA B 1 26 ? -13.538 8.887   -11.680 1.00 20.77  ? 26  ALA C O   1 
ATOM   656  C CB  . ALA B 1 26 ? -12.413 6.114   -12.917 1.00 19.73  ? 26  ALA C CB  1 
ATOM   657  N N   . ALA B 1 27 ? -13.261 7.350   -10.051 1.00 20.06  ? 27  ALA C N   1 
ATOM   658  C CA  . ALA B 1 27 ? -14.266 7.915   -9.145  1.00 19.75  ? 27  ALA C CA  1 
ATOM   659  C C   . ALA B 1 27 ? -13.685 8.949   -8.176  1.00 19.63  ? 27  ALA C C   1 
ATOM   660  O O   . ALA B 1 27 ? -14.430 9.712   -7.552  1.00 20.21  ? 27  ALA C O   1 
ATOM   661  C CB  . ALA B 1 27 ? -14.959 6.806   -8.371  1.00 20.29  ? 27  ALA C CB  1 
ATOM   662  N N   . GLY B 1 28 ? -12.362 8.973   -8.050  1.00 18.70  ? 28  GLY C N   1 
ATOM   663  C CA  . GLY B 1 28 ? -11.691 9.838   -7.080  1.00 18.22  ? 28  GLY C CA  1 
ATOM   664  C C   . GLY B 1 28 ? -12.047 9.529   -5.631  1.00 17.75  ? 28  GLY C C   1 
ATOM   665  O O   . GLY B 1 28 ? -12.072 10.422  -4.779  1.00 18.63  ? 28  GLY C O   1 
ATOM   666  N N   . ALA B 1 29 ? -12.303 8.253   -5.344  1.00 16.73  ? 29  ALA C N   1 
ATOM   667  C CA  . ALA B 1 29 ? -12.765 7.842   -4.024  1.00 15.57  ? 29  ALA C CA  1 
ATOM   668  C C   . ALA B 1 29 ? -12.361 6.406   -3.728  1.00 14.28  ? 29  ALA C C   1 
ATOM   669  O O   . ALA B 1 29 ? -12.161 5.611   -4.640  1.00 13.31  ? 29  ALA C O   1 
ATOM   670  C CB  . ALA B 1 29 ? -14.277 7.989   -3.929  1.00 16.22  ? 29  ALA C CB  1 
ATOM   671  N N   . ALA B 1 30 ? -12.234 6.091   -2.442  1.00 13.41  ? 30  ALA C N   1 
ATOM   672  C CA  . ALA B 1 30 ? -12.027 4.719   -1.994  1.00 13.22  ? 30  ALA C CA  1 
ATOM   673  C C   . ALA B 1 30 ? -13.337 3.957   -2.136  1.00 13.31  ? 30  ALA C C   1 
ATOM   674  O O   . ALA B 1 30 ? -14.424 4.528   -1.941  1.00 14.64  ? 30  ALA C O   1 
ATOM   675  C CB  . ALA B 1 30 ? -11.546 4.697   -0.548  1.00 13.47  ? 30  ALA C CB  1 
ATOM   676  N N   . GLN B 1 31 ? -13.229 2.675   -2.484  1.00 12.53  ? 31  GLN C N   1 
ATOM   677  C CA  A GLN B 1 31 ? -14.406 1.831   -2.637  0.50 12.53  ? 31  GLN C CA  1 
ATOM   678  C CA  B GLN B 1 31 ? -14.388 1.803   -2.718  0.50 12.42  ? 31  GLN C CA  1 
ATOM   679  C C   . GLN B 1 31 ? -14.171 0.464   -2.017  1.00 12.13  ? 31  GLN C C   1 
ATOM   680  O O   . GLN B 1 31 ? -13.061 -0.074  -2.037  1.00 12.46  ? 31  GLN C O   1 
ATOM   681  C CB  A GLN B 1 31 ? -14.819 1.728   -4.106  0.50 12.61  ? 31  GLN C CB  1 
ATOM   682  C CB  B GLN B 1 31 ? -14.580 1.590   -4.228  0.50 12.47  ? 31  GLN C CB  1 
ATOM   683  C CG  A GLN B 1 31 ? -15.257 3.076   -4.685  0.50 12.99  ? 31  GLN C CG  1 
ATOM   684  C CG  B GLN B 1 31 ? -15.810 0.771   -4.643  0.50 12.92  ? 31  GLN C CG  1 
ATOM   685  C CD  A GLN B 1 31 ? -15.734 3.007   -6.119  0.50 13.18  ? 31  GLN C CD  1 
ATOM   686  C CD  B GLN B 1 31 ? -15.952 0.637   -6.154  0.50 12.73  ? 31  GLN C CD  1 
ATOM   687  O OE1 A GLN B 1 31 ? -16.298 3.973   -6.637  0.50 14.98  ? 31  GLN C OE1 1 
ATOM   688  O OE1 B GLN B 1 31 ? -15.634 1.560   -6.905  0.50 14.44  ? 31  GLN C OE1 1 
ATOM   689  N NE2 A GLN B 1 31 ? -15.514 1.873   -6.767  0.50 13.83  ? 31  GLN C NE2 1 
ATOM   690  N NE2 B GLN B 1 31 ? -16.435 -0.517  -6.605  0.50 13.90  ? 31  GLN C NE2 1 
ATOM   691  N N   . ALA B 1 32 ? -15.221 -0.076  -1.416  1.00 11.88  ? 32  ALA C N   1 
ATOM   692  C CA  . ALA B 1 32 ? -15.150 -1.364  -0.742  1.00 11.38  ? 32  ALA C CA  1 
ATOM   693  C C   . ALA B 1 32 ? -15.145 -2.521  -1.739  1.00 11.06  ? 32  ALA C C   1 
ATOM   694  O O   . ALA B 1 32 ? -15.808 -2.461  -2.774  1.00 12.03  ? 32  ALA C O   1 
ATOM   695  C CB  . ALA B 1 32 ? -16.316 -1.510  0.230   1.00 11.59  ? 32  ALA C CB  1 
ATOM   696  N N   . PHE B 1 33 ? -14.390 -3.570  -1.414  1.00 10.32  ? 33  PHE C N   1 
ATOM   697  C CA  . PHE B 1 33 ? -14.455 -4.829  -2.157  1.00 9.92   ? 33  PHE C CA  1 
ATOM   698  C C   . PHE B 1 33 ? -14.246 -5.986  -1.200  1.00 9.46   ? 33  PHE C C   1 
ATOM   699  O O   . PHE B 1 33 ? -13.748 -5.800  -0.095  1.00 9.54   ? 33  PHE C O   1 
ATOM   700  C CB  . PHE B 1 33 ? -13.464 -4.861  -3.332  1.00 9.84   ? 33  PHE C CB  1 
ATOM   701  C CG  . PHE B 1 33 ? -12.009 -5.019  -2.938  1.00 8.90   ? 33  PHE C CG  1 
ATOM   702  C CD1 . PHE B 1 33 ? -11.363 -6.242  -3.116  1.00 8.21   ? 33  PHE C CD1 1 
ATOM   703  C CD2 . PHE B 1 33 ? -11.274 -3.948  -2.425  1.00 9.27   ? 33  PHE C CD2 1 
ATOM   704  C CE1 . PHE B 1 33 ? -10.020 -6.403  -2.784  1.00 8.83   ? 33  PHE C CE1 1 
ATOM   705  C CE2 . PHE B 1 33 ? -9.924  -4.105  -2.084  1.00 8.68   ? 33  PHE C CE2 1 
ATOM   706  C CZ  . PHE B 1 33 ? -9.299  -5.336  -2.265  1.00 8.94   ? 33  PHE C CZ  1 
ATOM   707  N N   . VAL B 1 34 ? -14.654 -7.180  -1.617  1.00 9.13   ? 34  VAL C N   1 
ATOM   708  C CA  . VAL B 1 34 ? -14.463 -8.370  -0.799  1.00 9.18   ? 34  VAL C CA  1 
ATOM   709  C C   . VAL B 1 34 ? -13.133 -9.029  -1.129  1.00 8.77   ? 34  VAL C C   1 
ATOM   710  O O   . VAL B 1 34 ? -12.928 -9.509  -2.243  1.00 9.54   ? 34  VAL C O   1 
ATOM   711  C CB  . VAL B 1 34 ? -15.620 -9.388  -0.968  1.00 9.36   ? 34  VAL C CB  1 
ATOM   712  C CG1 . VAL B 1 34 ? -15.472 -10.548 0.005   1.00 9.37   ? 34  VAL C CG1 1 
ATOM   713  C CG2 . VAL B 1 34 ? -16.977 -8.690  -0.770  1.00 9.52   ? 34  VAL C CG2 1 
ATOM   714  N N   . TYR B 1 35 ? -12.250 -9.056  -0.138  1.00 7.92   ? 35  TYR C N   1 
ATOM   715  C CA  . TYR B 1 35 ? -10.939 -9.679  -0.252  1.00 8.05   ? 35  TYR C CA  1 
ATOM   716  C C   . TYR B 1 35 ? -10.952 -11.073 0.385   1.00 8.23   ? 35  TYR C C   1 
ATOM   717  O O   . TYR B 1 35 ? -11.481 -11.256 1.481   1.00 8.34   ? 35  TYR C O   1 
ATOM   718  C CB  . TYR B 1 35 ? -9.885  -8.762  0.394   1.00 8.10   ? 35  TYR C CB  1 
ATOM   719  C CG  . TYR B 1 35 ? -8.520  -9.396  0.573   1.00 7.31   ? 35  TYR C CG  1 
ATOM   720  C CD1 . TYR B 1 35 ? -7.818  -9.921  -0.518  1.00 8.29   ? 35  TYR C CD1 1 
ATOM   721  C CD2 . TYR B 1 35 ? -7.935  -9.472  1.837   1.00 7.77   ? 35  TYR C CD2 1 
ATOM   722  C CE1 . TYR B 1 35 ? -6.568  -10.503 -0.349  1.00 8.31   ? 35  TYR C CE1 1 
ATOM   723  C CE2 . TYR B 1 35 ? -6.696  -10.054 2.015   1.00 8.13   ? 35  TYR C CE2 1 
ATOM   724  C CZ  . TYR B 1 35 ? -6.019  -10.570 0.926   1.00 7.76   ? 35  TYR C CZ  1 
ATOM   725  O OH  . TYR B 1 35 ? -4.785  -11.163 1.102   1.00 9.67   ? 35  TYR C OH  1 
ATOM   726  N N   . GLY B 1 36 ? -10.347 -12.039 -0.306  1.00 8.18   ? 36  GLY C N   1 
ATOM   727  C CA  . GLY B 1 36 ? -10.397 -13.446 0.096   1.00 8.62   ? 36  GLY C CA  1 
ATOM   728  C C   . GLY B 1 36 ? -9.319  -13.902 1.064   1.00 9.16   ? 36  GLY C C   1 
ATOM   729  O O   . GLY B 1 36 ? -9.278  -15.079 1.420   1.00 9.37   ? 36  GLY C O   1 
ATOM   730  N N   . GLY B 1 37 ? -8.442  -12.991 1.487   1.00 9.86   ? 37  GLY C N   1 
ATOM   731  C CA  . GLY B 1 37 ? -7.458  -13.316 2.522   1.00 10.88  ? 37  GLY C CA  1 
ATOM   732  C C   . GLY B 1 37 ? -6.160  -13.923 2.022   1.00 11.58  ? 37  GLY C C   1 
ATOM   733  O O   . GLY B 1 37 ? -5.255  -14.194 2.822   1.00 12.37  ? 37  GLY C O   1 
ATOM   734  N N   . VAL B 1 38 ? -6.066  -14.115 0.708   1.00 11.07  ? 38  VAL C N   1 
ATOM   735  C CA  . VAL B 1 38 ? -4.903  -14.724 0.064   1.00 12.26  ? 38  VAL C CA  1 
ATOM   736  C C   . VAL B 1 38 ? -4.374  -13.791 -1.029  1.00 11.79  ? 38  VAL C C   1 
ATOM   737  O O   . VAL B 1 38 ? -5.133  -13.362 -1.904  1.00 10.73  ? 38  VAL C O   1 
ATOM   738  C CB  . VAL B 1 38 ? -5.249  -16.117 -0.588  1.00 12.31  ? 38  VAL C CB  1 
ATOM   739  C CG1 . VAL B 1 38 ? -4.037  -16.706 -1.294  1.00 13.68  ? 38  VAL C CG1 1 
ATOM   740  C CG2 . VAL B 1 38 ? -5.790  -17.103 0.440   1.00 13.48  ? 38  VAL C CG2 1 
ATOM   741  N N   . ARG B 1 39 ? -3.072  -13.495 -0.976  1.00 12.10  ? 39  ARG C N   1 
ATOM   742  C CA  . ARG B 1 39 ? -2.353  -12.804 -2.058  1.00 12.96  ? 39  ARG C CA  1 
ATOM   743  C C   . ARG B 1 39 ? -2.841  -11.375 -2.352  1.00 11.64  ? 39  ARG C C   1 
ATOM   744  O O   . ARG B 1 39 ? -3.056  -10.992 -3.503  1.00 11.79  ? 39  ARG C O   1 
ATOM   745  C CB  . ARG B 1 39 ? -2.275  -13.684 -3.311  1.00 14.10  ? 39  ARG C CB  1 
ATOM   746  C CG  . ARG B 1 39 ? -1.296  -14.837 -3.107  1.00 17.31  ? 39  ARG C CG  1 
ATOM   747  C CD  . ARG B 1 39 ? -1.550  -16.023 -4.004  1.00 21.11  ? 39  ARG C CD  1 
ATOM   748  N NE  . ARG B 1 39 ? -0.896  -17.217 -3.457  1.00 23.99  ? 39  ARG C NE  1 
ATOM   749  C CZ  . ARG B 1 39 ? -0.922  -18.424 -4.015  1.00 25.18  ? 39  ARG C CZ  1 
ATOM   750  N NH1 . ARG B 1 39 ? -1.580  -18.633 -5.149  1.00 26.00  ? 39  ARG C NH1 1 
ATOM   751  N NH2 . ARG B 1 39 ? -0.293  -19.432 -3.423  1.00 25.97  ? 39  ARG C NH2 1 
ATOM   752  N N   . ALA B 1 40 ? -2.973  -10.593 -1.286  1.00 10.83  ? 40  ALA C N   1 
ATOM   753  C CA  . ALA B 1 40 ? -3.329  -9.176  -1.375  1.00 10.46  ? 40  ALA C CA  1 
ATOM   754  C C   . ALA B 1 40 ? -2.385  -8.437  -2.312  1.00 10.09  ? 40  ALA C C   1 
ATOM   755  O O   . ALA B 1 40 ? -1.166  -8.632  -2.262  1.00 10.90  ? 40  ALA C O   1 
ATOM   756  C CB  . ALA B 1 40 ? -3.274  -8.535  -0.006  1.00 10.54  ? 40  ALA C CB  1 
ATOM   757  N N   . LYS B 1 41 ? -2.957  -7.598  -3.168  1.00 9.42   ? 41  LYS C N   1 
ATOM   758  C CA  A LYS B 1 41 ? -2.169  -6.734  -4.041  0.50 9.18   ? 41  LYS C CA  1 
ATOM   759  C CA  B LYS B 1 41 ? -2.166  -6.735  -4.039  0.50 8.85   ? 41  LYS C CA  1 
ATOM   760  C C   . LYS B 1 41 ? -2.067  -5.341  -3.421  1.00 8.80   ? 41  LYS C C   1 
ATOM   761  O O   . LYS B 1 41 ? -2.536  -5.127  -2.308  1.00 9.19   ? 41  LYS C O   1 
ATOM   762  C CB  A LYS B 1 41 ? -2.754  -6.709  -5.458  0.50 9.30   ? 41  LYS C CB  1 
ATOM   763  C CB  B LYS B 1 41 ? -2.745  -6.716  -5.456  0.50 8.72   ? 41  LYS C CB  1 
ATOM   764  C CG  A LYS B 1 41 ? -2.759  -8.075  -6.153  0.50 10.62  ? 41  LYS C CG  1 
ATOM   765  C CG  B LYS B 1 41 ? -2.839  -8.099  -6.111  0.50 8.62   ? 41  LYS C CG  1 
ATOM   766  C CD  A LYS B 1 41 ? -1.385  -8.469  -6.696  0.50 12.77  ? 41  LYS C CD  1 
ATOM   767  C CD  B LYS B 1 41 ? -1.477  -8.692  -6.437  0.50 7.50   ? 41  LYS C CD  1 
ATOM   768  C CE  A LYS B 1 41 ? -1.250  -9.984  -6.870  0.50 14.66  ? 41  LYS C CE  1 
ATOM   769  C CE  B LYS B 1 41 ? -1.587  -10.161 -6.836  0.50 8.22   ? 41  LYS C CE  1 
ATOM   770  N NZ  A LYS B 1 41 ? -2.405  -10.619 -7.549  0.50 16.48  ? 41  LYS C NZ  1 
ATOM   771  N NZ  B LYS B 1 41 ? -1.414  -11.063 -5.663  0.50 7.68   ? 41  LYS C NZ  1 
ATOM   772  N N   . ARG B 1 42 ? -1.432  -4.403  -4.116  1.00 8.13   ? 42  ARG C N   1 
ATOM   773  C CA  . ARG B 1 42 ? -1.139  -3.110  -3.497  1.00 7.61   ? 42  ARG C CA  1 
ATOM   774  C C   . ARG B 1 42 ? -2.344  -2.231  -3.193  1.00 6.95   ? 42  ARG C C   1 
ATOM   775  O O   . ARG B 1 42 ? -2.385  -1.566  -2.152  1.00 7.14   ? 42  ARG C O   1 
ATOM   776  C CB  . ARG B 1 42 ? -0.147  -2.314  -4.333  1.00 7.62   ? 42  ARG C CB  1 
ATOM   777  C CG  . ARG B 1 42 ? 1.189   -3.002  -4.600  1.00 8.87   ? 42  ARG C CG  1 
ATOM   778  C CD  . ARG B 1 42 ? 1.890   -3.462  -3.318  1.00 9.44   ? 42  ARG C CD  1 
ATOM   779  N NE  . ARG B 1 42 ? 1.876   -2.410  -2.306  1.00 9.30   ? 42  ARG C NE  1 
ATOM   780  C CZ  . ARG B 1 42 ? 2.754   -1.416  -2.225  1.00 9.96   ? 42  ARG C CZ  1 
ATOM   781  N NH1 . ARG B 1 42 ? 3.776   -1.346  -3.061  1.00 10.26  ? 42  ARG C NH1 1 
ATOM   782  N NH2 . ARG B 1 42 ? 2.607   -0.489  -1.293  1.00 9.25   ? 42  ARG C NH2 1 
ATOM   783  N N   . ASN B 1 43 ? -3.311  -2.221  -4.105  1.00 7.04   ? 43  ASN C N   1 
ATOM   784  C CA  . ASN B 1 43 ? -4.465  -1.355  -3.959  1.00 6.66   ? 43  ASN C CA  1 
ATOM   785  C C   . ASN B 1 43 ? -5.509  -2.049  -3.079  1.00 6.92   ? 43  ASN C C   1 
ATOM   786  O O   . ASN B 1 43 ? -6.565  -2.492  -3.538  1.00 7.24   ? 43  ASN C O   1 
ATOM   787  C CB  . ASN B 1 43 ? -5.011  -0.962  -5.333  1.00 6.80   ? 43  ASN C CB  1 
ATOM   788  C CG  . ASN B 1 43 ? -5.900  0.265   -5.280  1.00 7.64   ? 43  ASN C CG  1 
ATOM   789  O OD1 . ASN B 1 43 ? -6.055  0.902   -4.236  1.00 8.28   ? 43  ASN C OD1 1 
ATOM   790  N ND2 . ASN B 1 43 ? -6.490  0.610   -6.423  1.00 7.85   ? 43  ASN C ND2 1 
ATOM   791  N N   . ASN B 1 44 ? -5.169  -2.148  -1.800  1.00 6.70   ? 44  ASN C N   1 
ATOM   792  C CA  . ASN B 1 44 ? -5.913  -2.947  -0.844  1.00 7.26   ? 44  ASN C CA  1 
ATOM   793  C C   . ASN B 1 44 ? -5.577  -2.391  0.530   1.00 7.19   ? 44  ASN C C   1 
ATOM   794  O O   . ASN B 1 44 ? -4.432  -2.478  0.977   1.00 7.37   ? 44  ASN C O   1 
ATOM   795  C CB  . ASN B 1 44 ? -5.494  -4.425  -0.979  1.00 6.72   ? 44  ASN C CB  1 
ATOM   796  C CG  . ASN B 1 44 ? -6.103  -5.329  0.081   1.00 7.24   ? 44  ASN C CG  1 
ATOM   797  O OD1 . ASN B 1 44 ? -6.276  -4.940  1.233   1.00 8.44   ? 44  ASN C OD1 1 
ATOM   798  N ND2 . ASN B 1 44 ? -6.404  -6.558  -0.309  1.00 7.45   ? 44  ASN C ND2 1 
ATOM   799  N N   . PHE B 1 45 ? -6.571  -1.762  1.154   1.00 7.70   ? 45  PHE C N   1 
ATOM   800  C CA  . PHE B 1 45 ? -6.382  -1.036  2.410   1.00 8.28   ? 45  PHE C CA  1 
ATOM   801  C C   . PHE B 1 45 ? -7.437  -1.434  3.421   1.00 8.63   ? 45  PHE C C   1 
ATOM   802  O O   . PHE B 1 45 ? -8.534  -1.872  3.053   1.00 8.14   ? 45  PHE C O   1 
ATOM   803  C CB  . PHE B 1 45 ? -6.419  0.474   2.148   1.00 8.35   ? 45  PHE C CB  1 
ATOM   804  C CG  . PHE B 1 45 ? -5.293  0.933   1.289   1.00 7.90   ? 45  PHE C CG  1 
ATOM   805  C CD1 . PHE B 1 45 ? -5.434  1.011   -0.095  1.00 7.75   ? 45  PHE C CD1 1 
ATOM   806  C CD2 . PHE B 1 45 ? -4.053  1.213   1.855   1.00 8.55   ? 45  PHE C CD2 1 
ATOM   807  C CE1 . PHE B 1 45 ? -4.360  1.396   -0.895  1.00 8.18   ? 45  PHE C CE1 1 
ATOM   808  C CE2 . PHE B 1 45 ? -2.975  1.599   1.065   1.00 8.55   ? 45  PHE C CE2 1 
ATOM   809  C CZ  . PHE B 1 45 ? -3.129  1.690   -0.317  1.00 8.21   ? 45  PHE C CZ  1 
ATOM   810  N N   . ALA B 1 46 ? -7.100  -1.287  4.699   1.00 9.33   ? 46  ALA C N   1 
ATOM   811  C CA  . ALA B 1 46 ? -8.000  -1.680  5.782   1.00 9.94   ? 46  ALA C CA  1 
ATOM   812  C C   . ALA B 1 46 ? -9.159  -0.715  5.986   1.00 10.39  ? 46  ALA C C   1 
ATOM   813  O O   . ALA B 1 46 ? -10.161 -1.079  6.601   1.00 11.60  ? 46  ALA C O   1 
ATOM   814  C CB  . ALA B 1 46 ? -7.218  -1.832  7.082   1.00 10.65  ? 46  ALA C CB  1 
ATOM   815  N N   . SER B 1 47 ? -9.015  0.514   5.491   1.00 9.95   ? 47  SER C N   1 
ATOM   816  C CA  . SER B 1 47 ? -10.041 1.539   5.635   1.00 10.09  ? 47  SER C CA  1 
ATOM   817  C C   . SER B 1 47 ? -10.052 2.427   4.403   1.00 9.98   ? 47  SER C C   1 
ATOM   818  O O   . SER B 1 47 ? -9.051  2.519   3.677   1.00 8.76   ? 47  SER C O   1 
ATOM   819  C CB  . SER B 1 47 ? -9.803  2.381   6.895   1.00 10.34  ? 47  SER C CB  1 
ATOM   820  O OG  . SER B 1 47 ? -8.710  3.267   6.722   1.00 11.30  ? 47  SER C OG  1 
ATOM   821  N N   . ALA B 1 48 ? -11.180 3.091   4.174   1.00 9.71   ? 48  ALA C N   1 
ATOM   822  C CA  . ALA B 1 48 ? -11.292 4.058   3.095   1.00 10.18  ? 48  ALA C CA  1 
ATOM   823  C C   . ALA B 1 48 ? -10.310 5.211   3.304   1.00 10.04  ? 48  ALA C C   1 
ATOM   824  O O   . ALA B 1 48 ? -9.685  5.672   2.354   1.00 10.51  ? 48  ALA C O   1 
ATOM   825  C CB  . ALA B 1 48 ? -12.721 4.576   3.000   1.00 10.43  ? 48  ALA C CB  1 
ATOM   826  N N   . ALA B 1 49 ? -10.162 5.665   4.549   1.00 10.00  ? 49  ALA C N   1 
ATOM   827  C CA  . ALA B 1 49 ? -9.233  6.754   4.850   1.00 9.70   ? 49  ALA C CA  1 
ATOM   828  C C   . ALA B 1 49 ? -7.793  6.384   4.492   1.00 9.43   ? 49  ALA C C   1 
ATOM   829  O O   . ALA B 1 49 ? -7.045  7.227   4.000   1.00 9.20   ? 49  ALA C O   1 
ATOM   830  C CB  . ALA B 1 49 ? -9.334  7.171   6.325   1.00 10.59  ? 49  ALA C CB  1 
ATOM   831  N N   . ASP B 1 50 ? -7.410  5.132   4.741   1.00 9.09   ? 50  ASP C N   1 
ATOM   832  C CA  . ASP B 1 50 ? -6.055  4.676   4.391   1.00 9.03   ? 50  ASP C CA  1 
ATOM   833  C C   . ASP B 1 50 ? -5.819  4.706   2.879   1.00 9.03   ? 50  ASP C C   1 
ATOM   834  O O   . ASP B 1 50 ? -4.766  5.132   2.424   1.00 8.56   ? 50  ASP C O   1 
ATOM   835  C CB  . ASP B 1 50 ? -5.805  3.257   4.901   1.00 9.12   ? 50  ASP C CB  1 
ATOM   836  C CG  . ASP B 1 50 ? -5.533  3.192   6.391   1.00 10.56  ? 50  ASP C CG  1 
ATOM   837  O OD1 . ASP B 1 50 ? -5.450  4.249   7.067   1.00 11.58  ? 50  ASP C OD1 1 
ATOM   838  O OD2 . ASP B 1 50 ? -5.414  2.048   6.873   1.00 11.87  ? 50  ASP C OD2 1 
ATOM   839  N N   . ALA B 1 51 ? -6.810  4.244   2.118   1.00 8.86   ? 51  ALA C N   1 
ATOM   840  C CA  . ALA B 1 51 ? -6.738  4.245   0.656   1.00 8.77   ? 51  ALA C CA  1 
ATOM   841  C C   . ALA B 1 51 ? -6.608  5.665   0.108   1.00 9.37   ? 51  ALA C C   1 
ATOM   842  O O   . ALA B 1 51 ? -5.784  5.936   -0.771  1.00 10.11  ? 51  ALA C O   1 
ATOM   843  C CB  . ALA B 1 51 ? -7.971  3.547   0.054   1.00 9.20   ? 51  ALA C CB  1 
ATOM   844  N N   . LEU B 1 52 ? -7.417  6.582   0.639   1.00 9.81   ? 52  LEU C N   1 
ATOM   845  C CA  A LEU B 1 52 ? -7.359  7.980   0.211   0.50 9.86   ? 52  LEU C CA  1 
ATOM   846  C CA  B LEU B 1 52 ? -7.360  7.969   0.203   0.50 10.24  ? 52  LEU C CA  1 
ATOM   847  C C   . LEU B 1 52 ? -6.009  8.603   0.545   1.00 9.91   ? 52  LEU C C   1 
ATOM   848  O O   . LEU B 1 52 ? -5.441  9.352   -0.248  1.00 10.66  ? 52  LEU C O   1 
ATOM   849  C CB  A LEU B 1 52 ? -8.482  8.806   0.849   0.50 10.08  ? 52  LEU C CB  1 
ATOM   850  C CB  B LEU B 1 52 ? -8.513  8.762   0.822   0.50 10.43  ? 52  LEU C CB  1 
ATOM   851  C CG  A LEU B 1 52 ? -9.925  8.661   0.363   0.50 10.05  ? 52  LEU C CG  1 
ATOM   852  C CG  B LEU B 1 52 ? -8.701  10.215  0.394   0.50 11.35  ? 52  LEU C CG  1 
ATOM   853  C CD1 A LEU B 1 52 ? -10.813 9.622   1.144   0.50 10.93  ? 52  LEU C CD1 1 
ATOM   854  C CD1 B LEU B 1 52 ? -8.933  10.335  -1.114  0.50 12.63  ? 52  LEU C CD1 1 
ATOM   855  C CD2 A LEU B 1 52 ? -10.050 8.938   -1.131  0.50 10.21  ? 52  LEU C CD2 1 
ATOM   856  C CD2 B LEU B 1 52 ? -9.856  10.818  1.162   0.50 11.15  ? 52  LEU C CD2 1 
ATOM   857  N N   . ALA B 1 53 ? -5.487  8.287   1.726   1.00 9.78   ? 53  ALA C N   1 
ATOM   858  C CA  . ALA B 1 53 ? -4.212  8.855   2.151   1.00 9.40   ? 53  ALA C CA  1 
ATOM   859  C C   . ALA B 1 53 ? -3.068  8.372   1.258   1.00 9.33   ? 53  ALA C C   1 
ATOM   860  O O   . ALA B 1 53 ? -2.198  9.147   0.888   1.00 9.12   ? 53  ALA C O   1 
ATOM   861  C CB  . ALA B 1 53 ? -3.943  8.503   3.599   1.00 9.91   ? 53  ALA C CB  1 
ATOM   862  N N   . ALA B 1 54 ? -3.091  7.090   0.897   1.00 9.40   ? 54  ALA C N   1 
ATOM   863  C CA  . ALA B 1 54 ? -2.029  6.509   0.068   1.00 10.16  ? 54  ALA C CA  1 
ATOM   864  C C   . ALA B 1 54 ? -2.046  7.079   -1.337  1.00 11.34  ? 54  ALA C C   1 
ATOM   865  O O   . ALA B 1 54 ? -1.008  7.203   -1.985  1.00 11.35  ? 54  ALA C O   1 
ATOM   866  C CB  . ALA B 1 54 ? -2.152  4.997   0.011   1.00 10.20  ? 54  ALA C CB  1 
ATOM   867  N N   . CYS B 1 55 ? -3.235  7.423   -1.800  1.00 12.70  ? 55  CYS C N   1 
ATOM   868  C CA  . CYS B 1 55 ? -3.419  7.775   -3.191  1.00 14.84  ? 55  CYS C CA  1 
ATOM   869  C C   . CYS B 1 55 ? -3.687  9.275   -3.347  1.00 17.37  ? 55  CYS C C   1 
ATOM   870  O O   . CYS B 1 55 ? -4.174  9.730   -4.384  1.00 19.05  ? 55  CYS C O   1 
ATOM   871  C CB  . CYS B 1 55 ? -4.489  6.858   -3.771  1.00 14.36  ? 55  CYS C CB  1 
ATOM   872  S SG  . CYS B 1 55 ? -3.809  5.176   -3.945  1.00 11.76  ? 55  CYS C SG  1 
ATOM   873  N N   . ALA B 1 56 ? -3.283  10.016  -2.307  1.00 19.92  ? 56  ALA C N   1 
ATOM   874  C CA  . ALA B 1 56 ? -3.394  11.479  -2.185  1.00 21.43  ? 56  ALA C CA  1 
ATOM   875  C C   . ALA B 1 56 ? -4.742  12.020  -2.633  1.00 22.27  ? 56  ALA C C   1 
ATOM   876  O O   . ALA B 1 56 ? -5.725  11.927  -1.893  1.00 23.62  ? 56  ALA C O   1 
ATOM   877  C CB  . ALA B 1 56 ? -2.244  12.187  -2.903  1.00 22.04  ? 56  ALA C CB  1 
HETATM 878  S S   . SO4 C 2 .  ? 2.327   -11.044 -4.789  1.00 26.19  ? 66  SO4 A S   1 
HETATM 879  O O1  . SO4 C 2 .  ? 0.990   -10.497 -4.956  1.00 29.30  ? 66  SO4 A O1  1 
HETATM 880  O O2  . SO4 C 2 .  ? 3.292   -9.950  -4.793  1.00 27.75  ? 66  SO4 A O2  1 
HETATM 881  O O3  . SO4 C 2 .  ? 2.375   -11.725 -3.502  1.00 28.06  ? 66  SO4 A O3  1 
HETATM 882  O O4  . SO4 C 2 .  ? 2.648   -11.972 -5.871  1.00 27.93  ? 66  SO4 A O4  1 
HETATM 883  S S   . SO4 D 2 .  ? 4.170   2.337   -7.567  1.00 17.58  ? 66  SO4 C S   1 
HETATM 884  O O1  . SO4 D 2 .  ? 2.904   1.631   -7.749  1.00 16.89  ? 66  SO4 C O1  1 
HETATM 885  O O2  . SO4 D 2 .  ? 4.175   3.660   -8.174  1.00 17.84  ? 66  SO4 C O2  1 
HETATM 886  O O3  . SO4 D 2 .  ? 4.453   2.474   -6.143  1.00 17.65  ? 66  SO4 C O3  1 
HETATM 887  O O4  . SO4 D 2 .  ? 5.237   1.558   -8.202  1.00 18.07  ? 66  SO4 C O4  1 
HETATM 888  O O   . HOH E 3 .  ? 9.312   2.038   9.183   1.00 24.53  ? 67  HOH A O   1 
HETATM 889  O O   . HOH E 3 .  ? -3.514  21.546  2.490   1.00 23.71  ? 68  HOH A O   1 
HETATM 890  O O   . HOH E 3 .  ? 2.296   -7.341  -4.257  1.00 29.40  ? 69  HOH A O   1 
HETATM 891  O O   . HOH E 3 .  ? 9.594   -10.026 -1.666  1.00 9.88   ? 70  HOH A O   1 
HETATM 892  O O   . HOH E 3 .  ? 18.357  -11.802 -7.447  1.00 15.12  ? 71  HOH A O   1 
HETATM 893  O O   . HOH E 3 .  ? 6.908   -4.312  1.332   1.00 6.75   ? 72  HOH A O   1 
HETATM 894  O O   . HOH E 3 .  ? 15.297  -0.485  -8.538  1.00 23.92  ? 73  HOH A O   1 
HETATM 895  O O   . HOH E 3 .  ? 9.807   0.747   -8.360  1.00 21.27  ? 74  HOH A O   1 
HETATM 896  O O   . HOH E 3 .  ? 7.063   12.614  13.814  1.00 24.81  ? 75  HOH A O   1 
HETATM 897  O O   . HOH E 3 .  ? 11.051  14.478  -4.808  1.00 36.56  ? 76  HOH A O   1 
HETATM 898  O O   . HOH E 3 .  ? -0.829  9.356   13.334  1.00 31.33  ? 77  HOH A O   1 
HETATM 899  O O   . HOH E 3 .  ? 10.154  11.765  -7.146  1.00 35.25  ? 78  HOH A O   1 
HETATM 900  O O   . HOH E 3 .  ? 6.653   -7.666  8.917   1.00 26.48  ? 79  HOH A O   1 
HETATM 901  O O   . HOH E 3 .  ? 5.833   -2.492  5.601   1.00 11.08  ? 80  HOH A O   1 
HETATM 902  O O   . HOH E 3 .  ? 15.110  -7.396  -9.931  1.00 21.81  ? 81  HOH A O   1 
HETATM 903  O O   . HOH E 3 .  ? 7.248   -2.423  3.340   1.00 8.61   ? 82  HOH A O   1 
HETATM 904  O O   . HOH E 3 .  ? 0.368   2.059   0.556   1.00 13.38  ? 83  HOH A O   1 
HETATM 905  O O   . HOH E 3 .  ? 0.112   -6.015  4.467   1.00 30.52  ? 84  HOH A O   1 
HETATM 906  O O   . HOH E 3 .  ? -0.420  -1.488  8.951   1.00 25.70  ? 85  HOH A O   1 
HETATM 907  O O   . HOH E 3 .  ? 1.118   0.311   12.633  1.00 18.97  ? 86  HOH A O   1 
HETATM 908  O O   . HOH E 3 .  ? 12.879  9.139   -4.329  1.00 17.87  ? 87  HOH A O   1 
HETATM 909  O O   . HOH E 3 .  ? -0.566  17.402  2.373   1.00 25.33  ? 88  HOH A O   1 
HETATM 910  O O   . HOH E 3 .  ? 15.893  12.089  10.585  1.00 24.62  ? 89  HOH A O   1 
HETATM 911  O O   . HOH E 3 .  ? 11.034  11.351  -4.606  1.00 14.91  ? 90  HOH A O   1 
HETATM 912  O O   . HOH E 3 .  ? -4.529  9.364   7.437   1.00 27.04  ? 91  HOH A O   1 
HETATM 913  O O   . HOH E 3 .  ? 3.071   -9.418  3.079   1.00 24.16  ? 92  HOH A O   1 
HETATM 914  O O   . HOH E 3 .  ? 11.428  -8.953  4.891   1.00 16.49  ? 93  HOH A O   1 
HETATM 915  O O   . HOH E 3 .  ? -4.784  -1.340  9.564   1.00 31.74  ? 94  HOH A O   1 
HETATM 916  O O   . HOH E 3 .  ? -0.234  11.208  6.019   1.00 14.55  ? 95  HOH A O   1 
HETATM 917  O O   . HOH E 3 .  ? 7.328   10.250  -7.465  1.00 28.68  ? 96  HOH A O   1 
HETATM 918  O O   . HOH E 3 .  ? 10.451  -12.754 3.925   1.00 25.82  ? 97  HOH A O   1 
HETATM 919  O O   . HOH E 3 .  ? 15.057  -7.017  5.694   1.00 27.07  ? 98  HOH A O   1 
HETATM 920  O O   . HOH E 3 .  ? 8.153   13.492  8.338   0.50 14.42  ? 99  HOH A O   1 
HETATM 921  O O   . HOH E 3 .  ? 9.589   3.818   12.721  1.00 22.85  ? 100 HOH A O   1 
HETATM 922  O O   . HOH E 3 .  ? -0.887  16.217  9.433   1.00 23.92  ? 101 HOH A O   1 
HETATM 923  O O   . HOH E 3 .  ? -5.810  6.954   7.471   1.00 19.87  ? 102 HOH A O   1 
HETATM 924  O O   . HOH E 3 .  ? 4.733   -6.227  -8.207  1.00 35.71  ? 103 HOH A O   1 
HETATM 925  O O   . HOH E 3 .  ? -2.229  19.985  8.999   1.00 21.16  ? 104 HOH A O   1 
HETATM 926  O O   . HOH E 3 .  ? 4.736   -3.236  -5.148  1.00 14.78  ? 105 HOH A O   1 
HETATM 927  O O   . HOH E 3 .  ? 0.636   -3.618  5.030   1.00 16.15  ? 106 HOH A O   1 
HETATM 928  O O   . HOH E 3 .  ? 10.678  -10.979 6.516   1.00 29.04  ? 107 HOH A O   1 
HETATM 929  O O   . HOH E 3 .  ? 11.372  2.594   -7.105  1.00 30.19  ? 108 HOH A O   1 
HETATM 930  O O   . HOH E 3 .  ? 6.683   -4.947  8.402   1.00 18.70  ? 109 HOH A O   1 
HETATM 931  O O   . HOH E 3 .  ? -1.616  -6.189  2.141   1.00 19.65  ? 110 HOH A O   1 
HETATM 932  O O   . HOH E 3 .  ? 0.035   18.872  9.647   1.00 20.09  ? 111 HOH A O   1 
HETATM 933  O O   . HOH E 3 .  ? 3.922   -12.092 4.131   1.00 29.54  ? 112 HOH A O   1 
HETATM 934  O O   . HOH E 3 .  ? 12.510  -6.111  5.433   1.00 14.79  ? 113 HOH A O   1 
HETATM 935  O O   . HOH E 3 .  ? -3.780  12.429  3.802   1.00 22.98  ? 114 HOH A O   1 
HETATM 936  O O   . HOH E 3 .  ? -1.989  11.647  1.942   1.00 19.40  ? 115 HOH A O   1 
HETATM 937  O O   . HOH E 3 .  ? -5.792  17.916  2.867   1.00 39.40  ? 116 HOH A O   1 
HETATM 938  O O   . HOH E 3 .  ? 8.549   15.941  -4.518  1.00 18.27  ? 117 HOH A O   1 
HETATM 939  O O   . HOH E 3 .  ? -6.762  -5.292  8.377   1.00 27.31  ? 118 HOH A O   1 
HETATM 940  O O   . HOH E 3 .  ? 4.527   -5.999  -5.308  1.00 18.68  ? 119 HOH A O   1 
HETATM 941  O O   . HOH E 3 .  ? 14.607  -4.022  4.394   1.00 25.99  ? 120 HOH A O   1 
HETATM 942  O O   . HOH E 3 .  ? 10.417  13.804  -1.780  1.00 23.12  ? 121 HOH A O   1 
HETATM 943  O O   . HOH E 3 .  ? 18.514  3.077   3.154   1.00 28.99  ? 122 HOH A O   1 
HETATM 944  O O   . HOH E 3 .  ? 16.777  -7.308  1.842   1.00 30.16  ? 123 HOH A O   1 
HETATM 945  O O   . HOH E 3 .  ? 7.971   15.253  -1.805  1.00 12.13  ? 124 HOH A O   1 
HETATM 946  O O   . HOH E 3 .  ? -4.959  -5.328  6.324   1.00 22.41  ? 125 HOH A O   1 
HETATM 947  O O   . HOH E 3 .  ? 0.648   13.002  8.084   1.00 18.53  ? 126 HOH A O   1 
HETATM 948  O O   . HOH E 3 .  ? 18.607  -5.400  2.221   1.00 22.10  ? 127 HOH A O   1 
HETATM 949  O O   . HOH E 3 .  ? 17.010  -3.157  2.302   1.00 19.41  ? 128 HOH A O   1 
HETATM 950  O O   . HOH E 3 .  ? -7.490  19.471  7.165   1.00 15.88  ? 129 HOH A O   1 
HETATM 951  O O   . HOH E 3 .  ? 17.656  5.796   2.278   1.00 12.09  ? 130 HOH A O   1 
HETATM 952  O O   . HOH E 3 .  ? -3.993  21.581  5.111   1.00 15.54  ? 131 HOH A O   1 
HETATM 953  O O   . HOH E 3 .  ? 17.492  -8.439  -10.544 1.00 44.37  ? 132 HOH A O   1 
HETATM 954  O O   . HOH E 3 .  ? -5.470  19.192  5.244   1.00 23.23  ? 133 HOH A O   1 
HETATM 955  O O   . HOH E 3 .  ? 15.186  -7.813  -0.805  1.00 11.75  ? 134 HOH A O   1 
HETATM 956  O O   . HOH E 3 .  ? -2.930  -1.084  7.439   1.00 20.65  ? 135 HOH A O   1 
HETATM 957  O O   . HOH E 3 .  ? 7.151   10.584  12.010  1.00 16.49  ? 136 HOH A O   1 
HETATM 958  O O   . HOH E 3 .  ? 7.769   3.753   10.372  1.00 11.99  ? 138 HOH A O   1 
HETATM 959  O O   . HOH E 3 .  ? 3.460   11.821  -4.903  1.00 27.49  ? 139 HOH A O   1 
HETATM 960  O O   . HOH E 3 .  ? -0.374  12.795  10.534  1.00 23.22  ? 140 HOH A O   1 
HETATM 961  O O   . HOH E 3 .  ? 1.947   8.608   13.845  1.00 31.43  ? 142 HOH A O   1 
HETATM 962  O O   . HOH E 3 .  ? -3.072  11.289  6.095   1.00 24.86  ? 143 HOH A O   1 
HETATM 963  O O   . HOH E 3 .  ? 8.755   -1.692  -9.516  1.00 28.11  ? 147 HOH A O   1 
HETATM 964  O O   . HOH E 3 .  ? 0.630   -7.742  1.643   1.00 24.37  ? 148 HOH A O   1 
HETATM 965  O O   . HOH E 3 .  ? -0.362  6.278   12.705  1.00 31.48  ? 151 HOH A O   1 
HETATM 966  O O   . HOH E 3 .  ? -3.773  15.360  3.430   1.00 33.36  ? 158 HOH A O   1 
HETATM 967  O O   . HOH E 3 .  ? -4.837  6.681   11.129  1.00 36.83  ? 159 HOH A O   1 
HETATM 968  O O   . HOH E 3 .  ? 4.336   -0.503  -6.471  1.00 34.14  ? 160 HOH A O   1 
HETATM 969  O O   . HOH E 3 .  ? -4.293  9.886   10.091  1.00 31.19  ? 161 HOH A O   1 
HETATM 970  O O   . HOH E 3 .  ? 5.224   7.529   -8.529  1.00 33.18  ? 162 HOH A O   1 
HETATM 971  O O   . HOH E 3 .  ? 18.737  -3.857  -8.940  1.00 27.96  ? 163 HOH A O   1 
HETATM 972  O O   . HOH E 3 .  ? 1.711   -4.939  8.575   1.00 33.76  ? 166 HOH A O   1 
HETATM 973  O O   . HOH E 3 .  ? 15.626  -5.047  2.207   1.00 31.79  ? 167 HOH A O   1 
HETATM 974  O O   . HOH E 3 .  ? 4.023   10.142  -7.915  1.00 32.08  ? 168 HOH A O   1 
HETATM 975  O O   . HOH E 3 .  ? 4.206   -4.760  9.635   1.00 21.10  ? 169 HOH A O   1 
HETATM 976  O O   . HOH E 3 .  ? 1.079   -15.945 -0.229  1.00 67.20  ? 173 HOH A O   1 
HETATM 977  O O   . HOH E 3 .  ? 13.717  7.997   -6.491  1.00 33.01  ? 175 HOH A O   1 
HETATM 978  O O   . HOH F 3 .  ? -1.204  -14.445 1.106   1.00 23.08  ? 67  HOH C O   1 
HETATM 979  O O   . HOH F 3 .  ? -7.607  9.915   4.448   1.00 18.12  ? 68  HOH C O   1 
HETATM 980  O O   . HOH F 3 .  ? -7.131  -7.544  -10.747 1.00 25.15  ? 69  HOH C O   1 
HETATM 981  O O   . HOH F 3 .  ? 0.939   -6.689  -2.181  1.00 14.62  ? 70  HOH C O   1 
HETATM 982  O O   . HOH F 3 .  ? -13.298 8.008   -0.558  1.00 37.63  ? 71  HOH C O   1 
HETATM 983  O O   . HOH F 3 .  ? -0.013  -5.180  -6.792  1.00 19.91  ? 72  HOH C O   1 
HETATM 984  O O   . HOH F 3 .  ? -8.018  0.243   -13.076 1.00 27.52  ? 73  HOH C O   1 
HETATM 985  O O   . HOH F 3 .  ? -7.968  3.196   -9.733  1.00 12.27  ? 74  HOH C O   1 
HETATM 986  O O   . HOH F 3 .  ? -16.259 -3.316  -5.227  1.00 28.04  ? 75  HOH C O   1 
HETATM 987  O O   . HOH F 3 .  ? -6.455  -5.012  -4.609  1.00 8.35   ? 76  HOH C O   1 
HETATM 988  O O   . HOH F 3 .  ? -7.958  -8.841  7.838   1.00 23.39  ? 77  HOH C O   1 
HETATM 989  O O   . HOH F 3 .  ? -14.207 -8.686  -4.641  1.00 20.27  ? 78  HOH C O   1 
HETATM 990  O O   . HOH F 3 .  ? -13.635 -12.302 -2.454  1.00 11.85  ? 79  HOH C O   1 
HETATM 991  O O   . HOH F 3 .  ? -13.784 12.518  -5.889  1.00 39.65  ? 80  HOH C O   1 
HETATM 992  O O   . HOH F 3 .  ? -7.976  -14.776 -8.142  1.00 33.38  ? 81  HOH C O   1 
HETATM 993  O O   . HOH F 3 .  ? -9.786  -24.918 4.665   1.00 22.78  ? 82  HOH C O   1 
HETATM 994  O O   . HOH F 3 .  ? -9.356  -5.841  7.246   1.00 20.83  ? 83  HOH C O   1 
HETATM 995  O O   . HOH F 3 .  ? -4.635  -0.063  5.412   1.00 9.40   ? 84  HOH C O   1 
HETATM 996  O O   . HOH F 3 .  ? -3.634  -5.670  -11.483 1.00 27.25  ? 85  HOH C O   1 
HETATM 997  O O   . HOH F 3 .  ? -10.949 -6.226  -10.617 1.00 29.55  ? 86  HOH C O   1 
HETATM 998  O O   . HOH F 3 .  ? -8.490  4.339   9.259   1.00 20.80  ? 87  HOH C O   1 
HETATM 999  O O   . HOH F 3 .  ? -0.238  -0.570  -0.522  1.00 11.72  ? 88  HOH C O   1 
HETATM 1000 O O   . HOH F 3 .  ? -10.604 -9.803  -8.199  1.00 32.12  ? 89  HOH C O   1 
HETATM 1001 O O   . HOH F 3 .  ? -15.309 -11.436 -4.844  1.00 34.38  ? 90  HOH C O   1 
HETATM 1002 O O   . HOH F 3 .  ? -10.725 -24.472 0.947   1.00 12.06  ? 91  HOH C O   1 
HETATM 1003 O O   . HOH F 3 .  ? -7.786  -13.944 -1.767  1.00 9.91   ? 92  HOH C O   1 
HETATM 1004 O O   . HOH F 3 .  ? 1.510   -2.404  -8.989  1.00 31.15  ? 93  HOH C O   1 
HETATM 1005 O O   . HOH F 3 .  ? -5.051  -4.448  -6.773  1.00 11.79  ? 94  HOH C O   1 
HETATM 1006 O O   . HOH F 3 .  ? -11.768 -13.985 -6.976  1.00 25.42  ? 95  HOH C O   1 
HETATM 1007 O O   . HOH F 3 .  ? -13.768 -14.503 6.631   1.00 21.36  ? 96  HOH C O   1 
HETATM 1008 O O   . HOH F 3 .  ? 2.786   -0.290  -9.632  1.00 27.39  ? 97  HOH C O   1 
HETATM 1009 O O   . HOH F 3 .  ? -5.888  -7.260  -3.076  1.00 7.80   ? 98  HOH C O   1 
HETATM 1010 O O   . HOH F 3 .  ? 1.336   8.679   -2.105  1.00 12.38  ? 99  HOH C O   1 
HETATM 1011 O O   . HOH F 3 .  ? -9.057  0.762   -9.331  1.00 16.19  ? 100 HOH C O   1 
HETATM 1012 O O   . HOH F 3 .  ? -11.811 -14.261 -3.052  1.00 10.65  ? 101 HOH C O   1 
HETATM 1013 O O   . HOH F 3 .  ? -10.151 -20.026 -5.796  1.00 30.31  ? 102 HOH C O   1 
HETATM 1014 O O   . HOH F 3 .  ? -14.262 -7.388  7.130   1.00 21.19  ? 103 HOH C O   1 
HETATM 1015 O O   . HOH F 3 .  ? -16.345 -18.350 2.889   1.00 15.92  ? 104 HOH C O   1 
HETATM 1016 O O   . HOH F 3 .  ? -1.382  7.083   -9.993  1.00 23.37  ? 105 HOH C O   1 
HETATM 1017 O O   . HOH F 3 .  ? -9.583  -7.314  -12.839 1.00 29.61  ? 106 HOH C O   1 
HETATM 1018 O O   . HOH F 3 .  ? 0.498   10.680  -3.750  1.00 24.03  ? 107 HOH C O   1 
HETATM 1019 O O   . HOH F 3 .  ? -2.998  1.667   8.061   1.00 13.43  ? 108 HOH C O   1 
HETATM 1020 O O   . HOH F 3 .  ? -3.018  -6.973  5.658   1.00 39.89  ? 109 HOH C O   1 
HETATM 1021 O O   . HOH F 3 .  ? -1.675  -13.709 -6.694  1.00 25.65  ? 110 HOH C O   1 
HETATM 1022 O O   . HOH F 3 .  ? -8.920  3.749   -12.196 1.00 21.16  ? 111 HOH C O   1 
HETATM 1023 O O   . HOH F 3 .  ? -12.202 5.188   6.784   1.00 15.49  ? 112 HOH C O   1 
HETATM 1024 O O   . HOH F 3 .  ? -2.489  -3.519  -12.271 1.00 24.98  ? 113 HOH C O   1 
HETATM 1025 O O   . HOH F 3 .  ? -6.732  1.289   9.122   1.00 24.40  ? 114 HOH C O   1 
HETATM 1026 O O   . HOH F 3 .  ? -6.385  11.707  2.868   1.00 23.88  ? 115 HOH C O   1 
HETATM 1027 O O   . HOH F 3 .  ? 0.577   -10.658 -1.647  1.00 17.11  ? 116 HOH C O   1 
HETATM 1028 O O   . HOH F 3 .  ? -2.156  -4.121  0.285   1.00 14.47  ? 117 HOH C O   1 
HETATM 1029 O O   . HOH F 3 .  ? -4.716  4.048   9.755   1.00 12.92  ? 118 HOH C O   1 
HETATM 1030 O O   . HOH F 3 .  ? -12.949 -18.263 5.942   1.00 41.25  ? 119 HOH C O   1 
HETATM 1031 O O   . HOH F 3 .  ? -12.361 8.577   3.964   1.00 36.48  ? 120 HOH C O   1 
HETATM 1032 O O   . HOH F 3 .  ? 0.631   -3.629  0.043   1.00 12.92  ? 121 HOH C O   1 
HETATM 1033 O O   . HOH F 3 .  ? -13.180 -7.025  -6.472  1.00 23.63  ? 122 HOH C O   1 
HETATM 1034 O O   . HOH F 3 .  ? -3.697  -18.486 -3.603  1.00 258.33 ? 123 HOH C O   1 
HETATM 1035 O O   . HOH F 3 .  ? -17.003 2.225   0.167   1.00 34.68  ? 124 HOH C O   1 
HETATM 1036 O O   . HOH F 3 .  ? 4.755   4.739   -4.977  1.00 11.41  ? 125 HOH C O   1 
HETATM 1037 O O   . HOH F 3 .  ? -2.784  -5.939  -8.907  1.00 33.06  ? 126 HOH C O   1 
HETATM 1038 O O   . HOH F 3 .  ? -18.550 -1.513  -3.139  1.00 34.95  ? 127 HOH C O   1 
HETATM 1039 O O   . HOH F 3 .  ? -8.290  10.157  -8.982  1.00 26.80  ? 128 HOH C O   1 
HETATM 1040 O O   . HOH F 3 .  ? -12.721 11.174  -2.021  1.00 29.41  ? 129 HOH C O   1 
HETATM 1041 O O   . HOH F 3 .  ? -17.777 1.372   -2.019  1.00 27.01  ? 130 HOH C O   1 
HETATM 1042 O O   . HOH F 3 .  ? -1.503  -11.523 1.435   1.00 22.70  ? 131 HOH C O   1 
HETATM 1043 O O   . HOH F 3 .  ? -16.255 -7.109  -4.026  1.00 19.36  ? 133 HOH C O   1 
HETATM 1044 O O   . HOH F 3 .  ? -14.020 0.936   7.637   1.00 32.46  ? 137 HOH C O   1 
HETATM 1045 O O   . HOH F 3 .  ? -9.358  -12.064 -7.948  1.00 18.52  ? 141 HOH C O   1 
HETATM 1046 O O   . HOH F 3 .  ? -3.454  -9.684  4.114   1.00 23.47  ? 144 HOH C O   1 
HETATM 1047 O O   . HOH F 3 .  ? -8.178  -17.110 3.128   1.00 33.93  ? 145 HOH C O   1 
HETATM 1048 O O   . HOH F 3 .  ? -13.422 9.202   -14.670 1.00 34.75  ? 146 HOH C O   1 
HETATM 1049 O O   . HOH F 3 .  ? -14.912 -1.935  6.760   1.00 27.89  ? 149 HOH C O   1 
HETATM 1050 O O   . HOH F 3 .  ? 0.853   -9.146  -9.671  1.00 34.96  ? 150 HOH C O   1 
HETATM 1051 O O   . HOH F 3 .  ? -5.291  -6.252  -9.592  1.00 26.67  ? 152 HOH C O   1 
HETATM 1052 O O   . HOH F 3 .  ? -11.552 2.612   -12.040 1.00 24.29  ? 153 HOH C O   1 
HETATM 1053 O O   . HOH F 3 .  ? -5.848  -12.270 5.370   1.00 35.59  ? 154 HOH C O   1 
HETATM 1054 O O   . HOH F 3 .  ? -11.833 -0.207  8.866   1.00 33.43  ? 155 HOH C O   1 
HETATM 1055 O O   . HOH F 3 .  ? -3.338  -16.920 -7.256  1.00 33.37  ? 156 HOH C O   1 
HETATM 1056 O O   . HOH F 3 .  ? -13.315 -4.168  6.836   1.00 36.58  ? 157 HOH C O   1 
HETATM 1057 O O   . HOH F 3 .  ? -7.619  -15.075 5.998   1.00 29.31  ? 164 HOH C O   1 
HETATM 1058 O O   . HOH F 3 .  ? -10.854 -3.676  6.567   1.00 29.42  ? 165 HOH C O   1 
HETATM 1059 O O   . HOH F 3 .  ? -10.924 -0.020  -11.168 1.00 32.10  ? 170 HOH C O   1 
HETATM 1060 O O   . HOH F 3 .  ? -1.605  -13.334 -9.213  1.00 30.25  ? 171 HOH C O   1 
HETATM 1061 O O   . HOH F 3 .  ? -7.618  6.932   9.638   1.00 27.34  ? 172 HOH C O   1 
HETATM 1062 O O   . HOH F 3 .  ? -3.594  -7.883  3.331   1.00 19.36  ? 174 HOH C O   1 
# 
